data_9DHT
#
_entry.id   9DHT
#
_cell.length_a   1.00
_cell.length_b   1.00
_cell.length_c   1.00
_cell.angle_alpha   90.00
_cell.angle_beta   90.00
_cell.angle_gamma   90.00
#
_symmetry.space_group_name_H-M   'P 1'
#
loop_
_entity.id
_entity.type
_entity.pdbx_description
1 polymer 'Isoform Flip of Glutamate receptor 2'
2 polymer 'Voltage-dependent calcium channel gamma-2 subunit'
3 non-polymer 'GLUTAMIC ACID'
#
loop_
_entity_poly.entity_id
_entity_poly.type
_entity_poly.pdbx_seq_one_letter_code
_entity_poly.pdbx_strand_id
1 'polypeptide(L)'
;EQKTVVVTTILESPYVMMKKNHEMLEGNERYEGYCVDLAAEIAKHCGFKYKLTIVGDGKYGARDADTKIWNGMVGELVYG
KADIAIAPLTITLVREEVIDFSKPFMSLGISIMIKKPQKSKPGVFSFLDPLAYEIWMCIVFAYIGVSVVLFLVSRFSPYE
WHTEEFEDGRETQSSESTNEFGIFNSLWFSLGAFMQQGCDISPRSLSGRIVGGVWWFFTLIIISSYTANLAAFLTVERMV
SPIESAEDLSKQTEIAYGTLDSGSTKEFFRRSKIAVFDKMWTYMRSAEPSVFVRTTAEGVARVRKSKGKYAYLLESTMNE
YIEQRKPCDTMKVGGNLDSKGYGIATPKGSSLGTPVNLAVLKLSEQGVLDKLKNKWWYDKGECGAKDSGSKEKTSALSLS
NVAGVFYILVGGLGLAMLVALIEFCYKSRA
;
A,B,C,D
2 'polypeptide(L)'
;RGVQMLLTTVGAFAAFSLMTIAVGTDYWLYSRGVCKTKSVSENETSKKNEEVMTHSGLWRTCCLEGNFKGLCKQIDHFPE
DADYEADTAEYFLRAVRASSIFPILSVILLFMGGLCIAASEFYKTRHNIILSAGIFFVSAGLSNIIGIIVYISANAGDPS
KSDSKKNSYSYGWSFYFGALSFIIAEMVGVLAVHMFIDRHKQLTG
;
E,F,G,H
#
# COMPACT_ATOMS: atom_id res chain seq x y z
N GLU A 1 -62.16 -12.69 -45.91
CA GLU A 1 -61.64 -11.39 -45.49
C GLU A 1 -60.43 -11.53 -44.57
N GLN A 2 -59.49 -10.60 -44.74
CA GLN A 2 -58.24 -10.49 -43.98
C GLN A 2 -57.23 -11.57 -44.34
N LYS A 3 -57.68 -12.59 -45.07
CA LYS A 3 -56.88 -13.72 -45.54
C LYS A 3 -55.78 -14.14 -44.54
N THR A 4 -56.13 -14.24 -43.25
CA THR A 4 -55.19 -14.72 -42.24
C THR A 4 -53.88 -13.94 -42.28
N VAL A 5 -53.92 -12.67 -41.87
CA VAL A 5 -52.72 -11.84 -41.81
C VAL A 5 -51.57 -12.59 -41.13
N VAL A 6 -50.36 -12.39 -41.64
CA VAL A 6 -49.16 -13.03 -41.11
C VAL A 6 -48.33 -12.02 -40.34
N VAL A 7 -48.00 -12.37 -39.09
CA VAL A 7 -47.17 -11.53 -38.23
C VAL A 7 -45.78 -12.16 -38.14
N THR A 8 -44.75 -11.36 -38.36
CA THR A 8 -43.37 -11.83 -38.21
C THR A 8 -42.86 -11.56 -36.80
N THR A 9 -42.11 -12.51 -36.27
CA THR A 9 -41.52 -12.41 -34.93
C THR A 9 -40.23 -13.22 -34.93
N ILE A 10 -39.33 -12.88 -34.00
CA ILE A 10 -38.17 -13.71 -33.68
C ILE A 10 -38.31 -14.26 -32.27
N LEU A 11 -37.94 -15.53 -32.09
CA LEU A 11 -37.99 -16.16 -30.78
C LEU A 11 -36.94 -15.55 -29.85
N GLU A 12 -37.39 -15.06 -28.69
CA GLU A 12 -36.47 -14.59 -27.68
C GLU A 12 -37.21 -14.50 -26.35
N SER A 13 -36.56 -14.95 -25.29
CA SER A 13 -37.15 -14.85 -23.97
C SER A 13 -37.03 -13.44 -23.42
N PRO A 14 -38.03 -12.95 -22.68
CA PRO A 14 -39.35 -13.54 -22.46
C PRO A 14 -40.32 -13.12 -23.55
N TYR A 15 -39.81 -12.47 -24.61
CA TYR A 15 -40.68 -11.86 -25.61
C TYR A 15 -41.57 -12.91 -26.28
N VAL A 16 -40.96 -13.89 -26.92
CA VAL A 16 -41.68 -15.07 -27.44
C VAL A 16 -40.81 -16.29 -27.22
N MET A 17 -41.43 -17.40 -26.83
CA MET A 17 -40.74 -18.64 -26.57
C MET A 17 -41.56 -19.79 -27.14
N MET A 18 -40.88 -20.90 -27.42
CA MET A 18 -41.59 -22.12 -27.80
C MET A 18 -42.35 -22.69 -26.61
N LYS A 19 -43.52 -23.24 -26.88
CA LYS A 19 -44.14 -24.16 -25.93
C LYS A 19 -43.33 -25.44 -25.84
N LYS A 20 -43.19 -25.99 -24.63
CA LYS A 20 -42.29 -27.11 -24.43
C LYS A 20 -42.71 -28.33 -25.24
N ASN A 21 -43.99 -28.41 -25.63
CA ASN A 21 -44.51 -29.50 -26.45
C ASN A 21 -44.77 -29.07 -27.89
N HIS A 22 -44.10 -28.01 -28.36
CA HIS A 22 -44.26 -27.56 -29.74
C HIS A 22 -43.93 -28.63 -30.76
N GLU A 23 -43.35 -29.76 -30.35
CA GLU A 23 -43.11 -30.87 -31.27
C GLU A 23 -44.41 -31.38 -31.88
N MET A 24 -45.53 -31.22 -31.18
CA MET A 24 -46.80 -31.81 -31.60
C MET A 24 -47.99 -30.87 -31.53
N LEU A 25 -47.91 -29.76 -30.80
CA LEU A 25 -48.94 -28.74 -30.88
C LEU A 25 -48.92 -28.06 -32.24
N GLU A 26 -50.02 -27.36 -32.54
CA GLU A 26 -50.16 -26.65 -33.80
C GLU A 26 -50.95 -25.36 -33.56
N GLY A 27 -50.73 -24.40 -34.44
CA GLY A 27 -51.30 -23.07 -34.29
C GLY A 27 -50.48 -22.15 -33.42
N ASN A 28 -51.05 -20.99 -33.12
CA ASN A 28 -50.40 -20.03 -32.25
C ASN A 28 -50.19 -20.55 -30.84
N GLU A 29 -50.87 -21.63 -30.45
CA GLU A 29 -50.67 -22.22 -29.13
C GLU A 29 -49.28 -22.84 -28.96
N ARG A 30 -48.54 -23.02 -30.05
CA ARG A 30 -47.17 -23.54 -30.01
C ARG A 30 -46.19 -22.62 -29.30
N TYR A 31 -46.64 -21.45 -28.84
CA TYR A 31 -45.72 -20.42 -28.38
C TYR A 31 -46.19 -19.83 -27.06
N GLU A 32 -45.27 -19.12 -26.40
CA GLU A 32 -45.56 -18.35 -25.20
C GLU A 32 -44.62 -17.16 -25.16
N GLY A 33 -45.03 -16.13 -24.43
CA GLY A 33 -44.21 -14.94 -24.30
C GLY A 33 -44.97 -13.64 -24.40
N TYR A 34 -44.29 -12.55 -24.00
CA TYR A 34 -44.91 -11.23 -23.92
C TYR A 34 -45.59 -10.82 -25.22
N CYS A 35 -44.89 -10.96 -26.35
CA CYS A 35 -45.42 -10.47 -27.62
C CYS A 35 -46.54 -11.35 -28.15
N VAL A 36 -46.39 -12.67 -28.09
CA VAL A 36 -47.43 -13.56 -28.61
C VAL A 36 -48.69 -13.46 -27.75
N ASP A 37 -48.54 -13.21 -26.45
CA ASP A 37 -49.68 -12.83 -25.63
C ASP A 37 -50.32 -11.53 -26.12
N LEU A 38 -49.50 -10.50 -26.31
CA LEU A 38 -50.03 -9.18 -26.69
C LEU A 38 -50.81 -9.23 -28.00
N ALA A 39 -50.50 -10.19 -28.88
CA ALA A 39 -51.25 -10.32 -30.13
C ALA A 39 -52.75 -10.50 -29.87
N ALA A 40 -53.11 -11.11 -28.74
CA ALA A 40 -54.52 -11.30 -28.42
C ALA A 40 -55.25 -9.98 -28.19
N GLU A 41 -54.57 -9.00 -27.59
CA GLU A 41 -55.17 -7.68 -27.44
C GLU A 41 -55.30 -6.96 -28.77
N ILE A 42 -54.35 -7.18 -29.69
CA ILE A 42 -54.50 -6.63 -31.03
C ILE A 42 -55.72 -7.23 -31.71
N ALA A 43 -55.88 -8.55 -31.62
CA ALA A 43 -57.05 -9.18 -32.20
C ALA A 43 -58.33 -8.72 -31.51
N LYS A 44 -58.27 -8.47 -30.19
CA LYS A 44 -59.42 -7.91 -29.49
C LYS A 44 -59.82 -6.55 -30.07
N HIS A 45 -58.86 -5.67 -30.32
CA HIS A 45 -59.20 -4.33 -30.76
C HIS A 45 -59.55 -4.26 -32.24
N CYS A 46 -58.89 -5.06 -33.07
CA CYS A 46 -59.17 -5.03 -34.50
C CYS A 46 -60.21 -6.05 -34.91
N GLY A 47 -60.26 -7.20 -34.24
CA GLY A 47 -61.20 -8.24 -34.61
C GLY A 47 -60.80 -8.94 -35.90
N PHE A 48 -59.62 -9.54 -35.93
CA PHE A 48 -59.10 -10.11 -37.17
C PHE A 48 -58.46 -11.46 -36.89
N LYS A 49 -58.22 -12.20 -37.97
CA LYS A 49 -57.60 -13.51 -37.94
C LYS A 49 -56.16 -13.41 -38.42
N TYR A 50 -55.26 -14.12 -37.74
CA TYR A 50 -53.85 -13.94 -38.00
C TYR A 50 -53.07 -15.21 -37.68
N LYS A 51 -51.87 -15.29 -38.25
CA LYS A 51 -50.98 -16.44 -38.09
C LYS A 51 -49.57 -15.94 -37.78
N LEU A 52 -48.93 -16.59 -36.83
CA LEU A 52 -47.54 -16.28 -36.49
C LEU A 52 -46.59 -16.86 -37.53
N THR A 53 -45.56 -16.08 -37.86
CA THR A 53 -44.54 -16.50 -38.82
C THR A 53 -43.18 -16.14 -38.25
N ILE A 54 -42.23 -17.06 -38.38
CA ILE A 54 -40.88 -16.82 -37.88
C ILE A 54 -40.08 -16.02 -38.91
N VAL A 55 -39.44 -14.95 -38.45
CA VAL A 55 -38.54 -14.20 -39.31
C VAL A 55 -37.36 -15.09 -39.69
N GLY A 56 -37.14 -15.25 -40.99
CA GLY A 56 -36.28 -16.34 -41.46
C GLY A 56 -34.83 -16.16 -41.06
N ASP A 57 -34.28 -14.97 -41.23
CA ASP A 57 -32.86 -14.75 -40.96
C ASP A 57 -32.57 -14.34 -39.52
N GLY A 58 -33.57 -14.28 -38.66
CA GLY A 58 -33.32 -14.24 -37.22
C GLY A 58 -32.58 -13.03 -36.69
N LYS A 59 -32.80 -11.85 -37.27
CA LYS A 59 -32.15 -10.66 -36.72
C LYS A 59 -32.92 -9.42 -37.09
N TYR A 60 -32.63 -8.33 -36.37
CA TYR A 60 -33.18 -7.03 -36.71
C TYR A 60 -32.74 -6.58 -38.11
N GLY A 61 -31.48 -6.79 -38.43
CA GLY A 61 -30.95 -6.43 -39.73
C GLY A 61 -30.35 -5.03 -39.79
N ALA A 62 -29.77 -4.72 -40.95
CA ALA A 62 -29.06 -3.47 -41.16
C ALA A 62 -29.26 -3.00 -42.60
N ARG A 63 -28.94 -1.73 -42.83
CA ARG A 63 -29.10 -1.14 -44.16
C ARG A 63 -28.28 -1.86 -45.22
N ASP A 64 -27.17 -2.48 -44.81
CA ASP A 64 -26.18 -3.00 -45.76
C ASP A 64 -25.63 -1.89 -46.63
N ALA A 65 -24.90 -0.97 -46.00
CA ALA A 65 -24.29 0.17 -46.69
C ALA A 65 -23.53 -0.28 -47.94
N ASP A 66 -23.40 0.65 -48.89
CA ASP A 66 -22.70 0.46 -50.17
C ASP A 66 -23.51 -0.42 -51.13
N THR A 67 -24.61 -0.98 -50.64
CA THR A 67 -25.57 -1.68 -51.47
C THR A 67 -26.96 -1.14 -51.14
N LYS A 68 -27.13 -0.71 -49.89
CA LYS A 68 -28.36 -0.07 -49.42
C LYS A 68 -29.59 -0.94 -49.65
N ILE A 69 -29.43 -2.24 -49.42
CA ILE A 69 -30.53 -3.20 -49.47
C ILE A 69 -30.76 -3.70 -48.05
N TRP A 70 -31.94 -3.38 -47.50
CA TRP A 70 -32.28 -3.88 -46.17
C TRP A 70 -32.36 -5.39 -46.15
N ASN A 71 -32.12 -5.95 -44.97
CA ASN A 71 -32.41 -7.34 -44.67
C ASN A 71 -33.11 -7.45 -43.32
N GLY A 72 -33.23 -8.66 -42.79
CA GLY A 72 -33.89 -8.84 -41.52
C GLY A 72 -35.36 -8.46 -41.53
N MET A 73 -35.89 -8.25 -40.32
CA MET A 73 -37.27 -7.81 -40.16
C MET A 73 -37.57 -6.57 -40.98
N VAL A 74 -36.66 -5.60 -41.00
CA VAL A 74 -36.88 -4.39 -41.80
C VAL A 74 -36.99 -4.76 -43.28
N GLY A 75 -36.11 -5.65 -43.75
CA GLY A 75 -36.24 -6.17 -45.09
C GLY A 75 -37.61 -6.75 -45.39
N GLU A 76 -38.08 -7.64 -44.53
CA GLU A 76 -39.39 -8.27 -44.73
C GLU A 76 -40.51 -7.24 -44.70
N LEU A 77 -40.36 -6.17 -43.93
CA LEU A 77 -41.38 -5.13 -43.86
C LEU A 77 -41.39 -4.24 -45.10
N VAL A 78 -40.22 -3.92 -45.63
CA VAL A 78 -40.16 -3.04 -46.80
C VAL A 78 -40.48 -3.77 -48.11
N TYR A 79 -40.18 -5.06 -48.21
CA TYR A 79 -40.57 -5.84 -49.39
C TYR A 79 -41.95 -6.44 -49.27
N GLY A 80 -42.70 -6.10 -48.22
CA GLY A 80 -44.11 -6.47 -48.16
C GLY A 80 -44.38 -7.93 -47.92
N LYS A 81 -43.38 -8.69 -47.48
CA LYS A 81 -43.58 -10.08 -47.12
C LYS A 81 -44.03 -10.23 -45.68
N ALA A 82 -43.80 -9.21 -44.86
CA ALA A 82 -44.33 -9.12 -43.51
C ALA A 82 -45.43 -8.08 -43.48
N ASP A 83 -46.59 -8.46 -42.95
CA ASP A 83 -47.69 -7.50 -42.86
C ASP A 83 -47.52 -6.60 -41.64
N ILE A 84 -47.09 -7.17 -40.52
CA ILE A 84 -46.81 -6.41 -39.31
C ILE A 84 -45.81 -7.22 -38.51
N ALA A 85 -45.07 -6.54 -37.63
CA ALA A 85 -44.02 -7.18 -36.86
C ALA A 85 -44.15 -6.80 -35.40
N ILE A 86 -43.86 -7.76 -34.53
CA ILE A 86 -43.88 -7.54 -33.08
C ILE A 86 -42.57 -8.10 -32.55
N ALA A 87 -41.67 -7.20 -32.14
CA ALA A 87 -40.41 -7.55 -31.50
C ALA A 87 -39.90 -6.31 -30.79
N PRO A 88 -38.96 -6.45 -29.85
CA PRO A 88 -38.42 -5.25 -29.19
C PRO A 88 -37.50 -4.45 -30.10
N LEU A 89 -37.98 -4.15 -31.30
CA LEU A 89 -37.29 -3.26 -32.22
C LEU A 89 -37.41 -1.82 -31.74
N THR A 90 -36.29 -1.16 -31.50
CA THR A 90 -36.33 0.22 -31.06
C THR A 90 -36.59 1.16 -32.24
N ILE A 91 -37.25 2.27 -31.93
CA ILE A 91 -37.60 3.27 -32.94
C ILE A 91 -36.39 4.15 -33.20
N THR A 92 -36.01 4.29 -34.47
CA THR A 92 -34.95 5.22 -34.87
C THR A 92 -35.28 5.80 -36.24
N LEU A 93 -34.78 7.02 -36.47
CA LEU A 93 -35.16 7.78 -37.67
C LEU A 93 -34.80 7.03 -38.95
N VAL A 94 -33.65 6.36 -38.96
CA VAL A 94 -33.24 5.55 -40.10
C VAL A 94 -34.21 4.40 -40.37
N ARG A 95 -34.97 4.01 -39.35
CA ARG A 95 -36.07 3.05 -39.49
C ARG A 95 -37.40 3.73 -39.76
N GLU A 96 -37.70 4.82 -39.05
CA GLU A 96 -38.99 5.49 -39.19
C GLU A 96 -39.29 5.85 -40.64
N GLU A 97 -38.27 6.19 -41.42
CA GLU A 97 -38.48 6.49 -42.82
C GLU A 97 -38.91 5.25 -43.61
N VAL A 98 -38.50 4.06 -43.18
CA VAL A 98 -38.88 2.84 -43.90
C VAL A 98 -40.19 2.26 -43.39
N ILE A 99 -40.49 2.40 -42.11
CA ILE A 99 -41.63 1.73 -41.49
C ILE A 99 -42.32 2.67 -40.51
N ASP A 100 -43.62 2.44 -40.31
CA ASP A 100 -44.41 3.16 -39.34
C ASP A 100 -44.27 2.52 -37.96
N PHE A 101 -44.57 3.31 -36.93
CA PHE A 101 -44.56 2.83 -35.56
C PHE A 101 -45.77 3.36 -34.83
N SER A 102 -46.19 2.64 -33.79
CA SER A 102 -47.14 3.17 -32.84
C SER A 102 -46.43 4.03 -31.81
N LYS A 103 -47.21 4.60 -30.89
CA LYS A 103 -46.64 5.26 -29.72
C LYS A 103 -45.71 4.28 -28.99
N PRO A 104 -44.72 4.77 -28.25
CA PRO A 104 -43.83 3.84 -27.54
C PRO A 104 -44.60 3.04 -26.51
N PHE A 105 -44.36 1.72 -26.49
CA PHE A 105 -44.97 0.89 -25.47
C PHE A 105 -44.02 0.54 -24.33
N MET A 106 -42.70 0.57 -24.55
CA MET A 106 -41.77 0.36 -23.45
C MET A 106 -40.50 1.15 -23.75
N SER A 107 -39.76 1.44 -22.68
CA SER A 107 -38.55 2.25 -22.73
C SER A 107 -37.38 1.46 -22.18
N LEU A 108 -36.17 1.76 -22.67
CA LEU A 108 -35.02 0.90 -22.44
C LEU A 108 -33.80 1.76 -22.16
N GLY A 109 -32.78 1.10 -21.62
CA GLY A 109 -31.43 1.60 -21.70
C GLY A 109 -30.48 0.49 -22.10
N ILE A 110 -29.39 0.88 -22.78
CA ILE A 110 -28.34 -0.09 -23.07
C ILE A 110 -27.58 -0.38 -21.80
N SER A 111 -27.05 -1.60 -21.68
CA SER A 111 -26.37 -2.02 -20.47
C SER A 111 -25.13 -2.83 -20.79
N ILE A 112 -24.18 -2.81 -19.87
CA ILE A 112 -23.05 -3.72 -19.85
C ILE A 112 -23.37 -4.92 -18.98
N MET A 113 -22.75 -6.07 -19.29
CA MET A 113 -22.99 -7.30 -18.57
C MET A 113 -21.66 -8.02 -18.35
N ILE A 114 -21.50 -8.62 -17.16
CA ILE A 114 -20.27 -9.30 -16.78
C ILE A 114 -20.61 -10.54 -15.95
N LYS A 115 -19.65 -11.45 -15.90
CA LYS A 115 -19.69 -12.58 -14.98
C LYS A 115 -19.56 -12.11 -13.52
N LYS A 116 -20.16 -12.87 -12.62
CA LYS A 116 -19.88 -12.69 -11.21
C LYS A 116 -18.39 -12.91 -10.94
N PRO A 117 -17.76 -12.08 -10.11
CA PRO A 117 -16.45 -12.43 -9.56
C PRO A 117 -16.59 -13.59 -8.57
N GLN A 118 -15.75 -14.61 -8.73
CA GLN A 118 -15.87 -15.80 -7.90
C GLN A 118 -15.51 -15.49 -6.44
N LYS A 119 -16.32 -16.02 -5.53
CA LYS A 119 -16.15 -15.74 -4.11
C LYS A 119 -14.93 -16.45 -3.54
N SER A 120 -14.13 -15.72 -2.76
CA SER A 120 -12.82 -16.20 -2.29
C SER A 120 -13.01 -17.04 -1.03
N LYS A 121 -13.49 -18.26 -1.25
CA LYS A 121 -13.67 -19.20 -0.15
C LYS A 121 -12.34 -19.44 0.57
N PRO A 122 -12.28 -19.29 1.89
CA PRO A 122 -11.05 -19.62 2.63
C PRO A 122 -10.74 -21.10 2.58
N GLY A 123 -9.44 -21.42 2.67
CA GLY A 123 -9.01 -22.78 2.96
C GLY A 123 -8.93 -23.09 4.44
N VAL A 124 -9.05 -24.38 4.76
CA VAL A 124 -8.93 -24.87 6.12
C VAL A 124 -7.57 -24.56 6.74
N PHE A 125 -6.54 -24.37 5.92
CA PHE A 125 -5.21 -24.07 6.44
C PHE A 125 -4.60 -22.83 5.79
N SER A 126 -5.44 -21.92 5.30
CA SER A 126 -4.96 -20.81 4.49
C SER A 126 -3.88 -20.00 5.20
N PHE A 127 -3.82 -20.09 6.53
CA PHE A 127 -2.87 -19.29 7.31
C PHE A 127 -1.42 -19.62 6.97
N LEU A 128 -1.15 -20.83 6.48
CA LEU A 128 0.22 -21.16 6.09
C LEU A 128 0.66 -20.47 4.81
N ASP A 129 -0.26 -19.97 3.99
CA ASP A 129 0.08 -19.56 2.64
C ASP A 129 1.21 -18.53 2.54
N PRO A 130 1.46 -17.66 3.52
CA PRO A 130 2.58 -16.72 3.39
C PRO A 130 3.95 -17.36 3.24
N LEU A 131 4.16 -18.58 3.73
CA LEU A 131 5.52 -19.03 4.03
C LEU A 131 6.01 -20.19 3.18
N ALA A 132 5.18 -20.77 2.31
CA ALA A 132 5.58 -21.83 1.39
C ALA A 132 6.05 -23.13 2.05
N TYR A 133 5.77 -24.23 1.37
CA TYR A 133 5.92 -25.58 1.93
C TYR A 133 7.35 -25.86 2.39
N GLU A 134 8.34 -25.52 1.55
CA GLU A 134 9.70 -26.02 1.77
C GLU A 134 10.27 -25.53 3.09
N ILE A 135 9.96 -24.28 3.45
CA ILE A 135 10.47 -23.73 4.71
C ILE A 135 9.86 -24.48 5.88
N TRP A 136 8.55 -24.69 5.84
CA TRP A 136 7.86 -25.46 6.86
C TRP A 136 8.50 -26.84 7.02
N MET A 137 8.87 -27.47 5.91
CA MET A 137 9.56 -28.76 6.00
C MET A 137 10.90 -28.61 6.71
N CYS A 138 11.75 -27.70 6.22
CA CYS A 138 13.14 -27.66 6.65
C CYS A 138 13.29 -27.21 8.11
N ILE A 139 12.30 -26.48 8.63
CA ILE A 139 12.32 -26.15 10.06
C ILE A 139 12.43 -27.40 10.90
N VAL A 140 11.75 -28.47 10.50
CA VAL A 140 11.74 -29.68 11.33
C VAL A 140 13.15 -30.23 11.45
N PHE A 141 13.85 -30.34 10.31
CA PHE A 141 15.21 -30.88 10.35
C PHE A 141 16.10 -30.01 11.20
N ALA A 142 15.97 -28.69 11.06
CA ALA A 142 16.82 -27.81 11.86
C ALA A 142 16.55 -27.99 13.35
N TYR A 143 15.28 -28.12 13.73
CA TYR A 143 14.93 -28.36 15.13
C TYR A 143 15.56 -29.63 15.64
N ILE A 144 15.40 -30.73 14.91
CA ILE A 144 15.90 -32.02 15.38
C ILE A 144 17.41 -31.95 15.56
N GLY A 145 18.11 -31.54 14.52
CA GLY A 145 19.56 -31.46 14.60
C GLY A 145 20.05 -30.59 15.74
N VAL A 146 19.46 -29.40 15.90
CA VAL A 146 19.85 -28.53 17.01
C VAL A 146 19.68 -29.23 18.34
N SER A 147 18.53 -29.86 18.55
CA SER A 147 18.29 -30.52 19.83
C SER A 147 19.32 -31.62 20.10
N VAL A 148 19.60 -32.44 19.08
CA VAL A 148 20.53 -33.54 19.26
C VAL A 148 21.93 -33.03 19.58
N VAL A 149 22.38 -32.02 18.84
CA VAL A 149 23.71 -31.48 19.09
C VAL A 149 23.80 -30.89 20.48
N LEU A 150 22.77 -30.14 20.90
CA LEU A 150 22.77 -29.59 22.25
C LEU A 150 22.89 -30.68 23.31
N PHE A 151 22.12 -31.76 23.14
CA PHE A 151 22.25 -32.88 24.08
C PHE A 151 23.66 -33.42 24.10
N LEU A 152 24.18 -33.78 22.93
CA LEU A 152 25.48 -34.44 22.86
C LEU A 152 26.55 -33.60 23.52
N VAL A 153 26.62 -32.32 23.15
CA VAL A 153 27.68 -31.49 23.71
C VAL A 153 27.44 -31.28 25.21
N SER A 154 26.18 -31.27 25.66
CA SER A 154 25.90 -31.04 27.07
C SER A 154 26.34 -32.21 27.94
N ARG A 155 26.19 -33.44 27.43
CA ARG A 155 26.39 -34.62 28.27
C ARG A 155 27.72 -35.34 28.05
N PHE A 156 28.55 -34.89 27.12
CA PHE A 156 29.94 -35.32 27.16
C PHE A 156 30.58 -34.84 28.45
N SER A 157 31.48 -35.65 29.00
CA SER A 157 31.90 -35.48 30.39
C SER A 157 32.56 -34.12 30.58
N PRO A 158 32.29 -33.43 31.69
CA PRO A 158 32.94 -32.13 31.92
C PRO A 158 34.41 -32.22 32.26
N TYR A 159 34.94 -33.42 32.47
CA TYR A 159 36.38 -33.60 32.68
C TYR A 159 36.81 -34.97 32.14
N SER A 175 30.69 -37.55 36.70
CA SER A 175 30.82 -36.12 36.46
C SER A 175 29.70 -35.63 35.52
N GLU A 176 29.12 -36.56 34.75
CA GLU A 176 27.98 -36.21 33.92
C GLU A 176 26.71 -35.93 34.71
N SER A 177 26.67 -36.29 36.01
CA SER A 177 25.53 -36.01 36.87
C SER A 177 25.38 -34.53 37.19
N THR A 178 26.33 -33.71 36.76
CA THR A 178 26.41 -32.29 37.11
C THR A 178 25.42 -31.40 36.38
N ASN A 179 24.61 -31.92 35.47
CA ASN A 179 23.64 -31.06 34.81
C ASN A 179 22.39 -31.82 34.41
N GLU A 180 21.29 -31.07 34.31
CA GLU A 180 19.95 -31.57 33.99
C GLU A 180 19.72 -31.84 32.51
N PHE A 181 20.65 -31.48 31.63
CA PHE A 181 20.38 -31.52 30.18
C PHE A 181 20.42 -32.96 29.66
N GLY A 182 19.49 -33.76 30.16
CA GLY A 182 19.18 -35.03 29.53
C GLY A 182 18.46 -34.84 28.21
N ILE A 183 18.33 -35.96 27.49
CA ILE A 183 17.77 -35.95 26.13
C ILE A 183 16.39 -35.28 26.11
N PHE A 184 15.50 -35.70 27.01
CA PHE A 184 14.15 -35.14 26.99
C PHE A 184 14.16 -33.65 27.35
N ASN A 185 14.94 -33.27 28.36
CA ASN A 185 15.08 -31.86 28.69
C ASN A 185 15.68 -31.07 27.53
N SER A 186 16.61 -31.68 26.80
CA SER A 186 17.19 -30.99 25.64
C SER A 186 16.16 -30.79 24.54
N LEU A 187 15.28 -31.76 24.32
CA LEU A 187 14.18 -31.55 23.39
C LEU A 187 13.18 -30.50 23.88
N TRP A 188 12.97 -30.43 25.19
CA TRP A 188 12.01 -29.47 25.72
C TRP A 188 12.53 -28.03 25.70
N PHE A 189 13.82 -27.82 25.93
CA PHE A 189 14.36 -26.47 25.89
C PHE A 189 14.15 -25.82 24.53
N SER A 190 14.47 -26.54 23.45
CA SER A 190 14.54 -25.92 22.13
C SER A 190 13.15 -25.48 21.66
N LEU A 191 12.12 -26.25 21.98
CA LEU A 191 10.77 -25.88 21.55
C LEU A 191 10.34 -24.59 22.23
N GLY A 192 10.68 -24.43 23.50
CA GLY A 192 10.36 -23.15 24.17
C GLY A 192 11.01 -22.00 23.43
N ALA A 193 12.23 -22.19 22.96
CA ALA A 193 12.97 -21.07 22.33
C ALA A 193 12.33 -20.67 21.01
N PHE A 194 11.91 -21.64 20.19
CA PHE A 194 11.39 -21.28 18.85
C PHE A 194 10.16 -20.37 18.98
N MET A 195 9.22 -20.71 19.86
CA MET A 195 7.95 -19.94 19.94
C MET A 195 8.13 -18.67 20.77
N GLN A 196 9.36 -18.35 21.22
CA GLN A 196 9.66 -17.11 21.99
C GLN A 196 8.75 -17.02 23.22
N GLN A 197 8.81 -18.01 24.11
CA GLN A 197 8.02 -17.97 25.37
C GLN A 197 8.94 -18.22 26.54
N GLY A 198 10.25 -17.97 26.38
CA GLY A 198 11.22 -18.19 27.43
C GLY A 198 11.34 -19.66 27.80
N CYS A 199 11.99 -19.88 28.94
CA CYS A 199 12.34 -21.22 29.36
C CYS A 199 12.57 -21.24 30.87
N ASP A 200 12.59 -22.44 31.42
CA ASP A 200 12.88 -22.65 32.84
C ASP A 200 14.37 -22.79 33.15
N ILE A 201 15.19 -23.20 32.17
CA ILE A 201 16.60 -23.51 32.40
C ILE A 201 17.45 -22.97 31.26
N SER A 202 18.74 -22.78 31.55
CA SER A 202 19.66 -22.20 30.60
C SER A 202 20.97 -22.97 30.54
N PRO A 203 21.53 -23.16 29.35
CA PRO A 203 22.77 -23.95 29.23
C PRO A 203 23.95 -23.30 29.95
N ARG A 204 24.77 -24.15 30.58
CA ARG A 204 25.83 -23.70 31.47
C ARG A 204 27.14 -23.42 30.76
N SER A 205 27.60 -24.33 29.89
CA SER A 205 28.90 -24.19 29.25
C SER A 205 28.87 -23.17 28.13
N LEU A 206 30.09 -22.79 27.69
CA LEU A 206 30.26 -21.90 26.55
C LEU A 206 29.67 -22.48 25.27
N SER A 207 29.99 -23.73 24.96
CA SER A 207 29.48 -24.35 23.74
C SER A 207 27.95 -24.34 23.69
N GLY A 208 27.29 -24.66 24.80
CA GLY A 208 25.85 -24.65 24.80
C GLY A 208 25.30 -23.25 24.61
N ARG A 209 25.94 -22.26 25.22
CA ARG A 209 25.54 -20.88 25.00
C ARG A 209 25.69 -20.48 23.54
N ILE A 210 26.76 -20.92 22.87
CA ILE A 210 26.89 -20.67 21.43
C ILE A 210 25.68 -21.21 20.70
N VAL A 211 25.33 -22.47 20.98
CA VAL A 211 24.22 -23.11 20.27
C VAL A 211 22.94 -22.31 20.50
N GLY A 212 22.70 -21.93 21.75
CA GLY A 212 21.52 -21.15 22.08
C GLY A 212 21.45 -19.86 21.29
N GLY A 213 22.54 -19.08 21.32
CA GLY A 213 22.54 -17.83 20.58
C GLY A 213 22.22 -18.02 19.12
N VAL A 214 22.82 -19.05 18.49
CA VAL A 214 22.56 -19.30 17.09
C VAL A 214 21.07 -19.55 16.85
N TRP A 215 20.48 -20.45 17.64
CA TRP A 215 19.07 -20.78 17.45
C TRP A 215 18.19 -19.57 17.67
N TRP A 216 18.55 -18.72 18.63
CA TRP A 216 17.79 -17.51 18.88
C TRP A 216 17.81 -16.58 17.67
N PHE A 217 18.99 -16.35 17.10
CA PHE A 217 19.05 -15.52 15.90
C PHE A 217 18.19 -16.09 14.79
N PHE A 218 18.24 -17.40 14.59
CA PHE A 218 17.45 -18.01 13.52
C PHE A 218 15.95 -17.72 13.70
N THR A 219 15.44 -17.97 14.90
CA THR A 219 14.01 -17.74 15.11
C THR A 219 13.67 -16.26 14.98
N LEU A 220 14.56 -15.38 15.46
CA LEU A 220 14.31 -13.95 15.35
C LEU A 220 14.14 -13.53 13.91
N ILE A 221 14.90 -14.12 12.98
CA ILE A 221 14.71 -13.77 11.58
C ILE A 221 13.38 -14.32 11.08
N ILE A 222 13.12 -15.61 11.35
CA ILE A 222 11.97 -16.26 10.72
C ILE A 222 10.67 -15.57 11.12
N ILE A 223 10.45 -15.40 12.43
CA ILE A 223 9.16 -14.87 12.90
C ILE A 223 8.88 -13.49 12.31
N SER A 224 9.91 -12.64 12.26
CA SER A 224 9.74 -11.32 11.67
C SER A 224 9.34 -11.42 10.21
N SER A 225 10.04 -12.27 9.45
CA SER A 225 9.71 -12.37 8.03
C SER A 225 8.26 -12.80 7.86
N TYR A 226 7.82 -13.80 8.63
CA TYR A 226 6.44 -14.27 8.53
C TYR A 226 5.45 -13.13 8.76
N THR A 227 5.65 -12.37 9.85
CA THR A 227 4.69 -11.29 10.16
C THR A 227 4.66 -10.28 9.02
N ALA A 228 5.83 -9.88 8.54
CA ALA A 228 5.90 -8.87 7.50
C ALA A 228 5.14 -9.34 6.27
N ASN A 229 5.38 -10.60 5.87
CA ASN A 229 4.76 -11.09 4.65
C ASN A 229 3.25 -11.13 4.80
N LEU A 230 2.75 -11.58 5.95
CA LEU A 230 1.31 -11.65 6.12
C LEU A 230 0.68 -10.28 6.02
N ALA A 231 1.31 -9.28 6.64
CA ALA A 231 0.80 -7.92 6.55
C ALA A 231 0.74 -7.44 5.10
N ALA A 232 1.82 -7.67 4.35
CA ALA A 232 1.81 -7.28 2.94
C ALA A 232 0.68 -7.98 2.18
N PHE A 233 0.53 -9.28 2.41
CA PHE A 233 -0.48 -10.05 1.69
C PHE A 233 -1.87 -9.49 1.92
N LEU A 234 -2.21 -9.18 3.17
CA LEU A 234 -3.49 -8.54 3.42
C LEU A 234 -3.57 -7.17 2.77
N THR A 235 -2.48 -6.40 2.85
CA THR A 235 -2.52 -5.01 2.40
C THR A 235 -2.87 -4.93 0.92
N VAL A 236 -2.22 -5.75 0.10
CA VAL A 236 -2.46 -5.68 -1.35
C VAL A 236 -3.94 -5.88 -1.67
N GLU A 237 -4.60 -6.75 -0.92
CA GLU A 237 -6.00 -7.09 -1.19
C GLU A 237 -6.94 -5.89 -1.11
N ARG A 238 -6.65 -4.95 -0.21
CA ARG A 238 -7.54 -3.81 -0.04
C ARG A 238 -7.71 -2.95 -1.28
N MET A 239 -6.58 -2.58 -1.91
CA MET A 239 -6.61 -1.60 -3.04
C MET A 239 -6.95 -2.22 -4.40
N VAL A 240 -7.63 -3.36 -4.45
CA VAL A 240 -8.08 -3.97 -5.70
C VAL A 240 -8.74 -2.95 -6.62
N SER A 241 -9.71 -2.18 -6.10
CA SER A 241 -10.45 -1.20 -6.90
C SER A 241 -11.08 -1.84 -8.12
N PRO A 242 -12.14 -2.62 -7.96
CA PRO A 242 -12.75 -3.29 -9.11
C PRO A 242 -13.48 -2.31 -10.02
N ILE A 243 -13.71 -2.77 -11.26
CA ILE A 243 -14.34 -1.97 -12.30
C ILE A 243 -15.66 -1.41 -11.80
N GLU A 244 -15.82 -0.09 -11.90
CA GLU A 244 -16.99 0.60 -11.40
C GLU A 244 -17.44 1.65 -12.41
N SER A 245 -18.75 1.70 -12.63
CA SER A 245 -19.43 2.56 -13.60
C SER A 245 -19.12 2.13 -15.03
N ALA A 246 -18.17 1.21 -15.19
CA ALA A 246 -17.84 0.59 -16.47
C ALA A 246 -17.44 1.56 -17.57
N GLU A 247 -17.41 2.86 -17.27
CA GLU A 247 -17.04 3.84 -18.28
C GLU A 247 -15.55 3.77 -18.60
N ASP A 248 -14.74 3.34 -17.64
CA ASP A 248 -13.32 3.11 -17.85
C ASP A 248 -13.01 1.90 -18.73
N LEU A 249 -14.02 1.21 -19.25
CA LEU A 249 -13.77 0.37 -20.43
C LEU A 249 -13.29 1.17 -21.62
N SER A 250 -13.44 2.49 -21.60
CA SER A 250 -12.77 3.35 -22.56
C SER A 250 -11.29 3.55 -22.24
N LYS A 251 -10.84 3.07 -21.09
CA LYS A 251 -9.50 3.31 -20.57
C LYS A 251 -8.79 2.03 -20.19
N GLN A 252 -9.48 1.10 -19.55
CA GLN A 252 -9.00 -0.28 -19.43
C GLN A 252 -8.91 -0.92 -20.81
N THR A 253 -7.94 -1.83 -20.96
CA THR A 253 -7.75 -2.58 -22.19
C THR A 253 -7.49 -4.05 -21.97
N GLU A 254 -7.24 -4.50 -20.74
CA GLU A 254 -7.04 -5.92 -20.48
C GLU A 254 -8.32 -6.71 -20.64
N ILE A 255 -9.48 -6.07 -20.48
CA ILE A 255 -10.77 -6.76 -20.50
C ILE A 255 -11.51 -6.37 -21.78
N ALA A 256 -11.96 -7.37 -22.52
CA ALA A 256 -12.59 -7.17 -23.81
C ALA A 256 -14.11 -7.17 -23.68
N TYR A 257 -14.77 -6.54 -24.65
CA TYR A 257 -16.23 -6.42 -24.62
C TYR A 257 -16.81 -6.53 -26.02
N GLY A 258 -17.97 -7.18 -26.11
CA GLY A 258 -18.61 -7.49 -27.37
C GLY A 258 -19.91 -6.73 -27.60
N THR A 259 -20.42 -6.84 -28.83
CA THR A 259 -21.67 -6.22 -29.21
C THR A 259 -22.33 -7.08 -30.29
N LEU A 260 -23.67 -7.08 -30.30
CA LEU A 260 -24.41 -7.92 -31.23
C LEU A 260 -24.29 -7.39 -32.66
N ASP A 261 -24.19 -8.31 -33.62
CA ASP A 261 -24.21 -7.95 -35.02
C ASP A 261 -25.57 -7.40 -35.43
N SER A 262 -25.54 -6.43 -36.34
CA SER A 262 -26.71 -5.76 -36.91
C SER A 262 -27.57 -5.05 -35.88
N GLY A 263 -27.19 -5.12 -34.61
CA GLY A 263 -27.97 -4.43 -33.58
C GLY A 263 -27.97 -2.93 -33.79
N SER A 264 -29.02 -2.28 -33.28
CA SER A 264 -29.00 -0.81 -33.22
C SER A 264 -27.74 -0.30 -32.55
N THR A 265 -27.21 -1.06 -31.59
CA THR A 265 -25.96 -0.67 -30.93
C THR A 265 -24.83 -0.51 -31.94
N LYS A 266 -24.80 -1.37 -32.96
CA LYS A 266 -23.74 -1.31 -33.95
C LYS A 266 -23.78 0.00 -34.73
N GLU A 267 -24.98 0.56 -34.91
CA GLU A 267 -25.11 1.87 -35.55
C GLU A 267 -24.78 3.00 -34.57
N PHE A 268 -25.21 2.84 -33.31
CA PHE A 268 -25.08 3.93 -32.34
C PHE A 268 -23.65 4.42 -32.22
N PHE A 269 -22.68 3.50 -32.14
CA PHE A 269 -21.30 3.88 -31.89
C PHE A 269 -20.62 4.49 -33.10
N ARG A 270 -21.05 4.15 -34.31
CA ARG A 270 -20.59 4.93 -35.47
C ARG A 270 -21.26 6.29 -35.51
N ARG A 271 -22.53 6.37 -35.10
CA ARG A 271 -23.37 7.52 -35.40
C ARG A 271 -23.32 8.58 -34.30
N SER A 272 -23.11 8.17 -33.06
CA SER A 272 -22.72 9.09 -32.01
C SER A 272 -21.24 9.41 -32.10
N LYS A 273 -20.87 10.59 -31.60
CA LYS A 273 -19.50 11.06 -31.80
C LYS A 273 -18.90 11.67 -30.54
N ILE A 274 -19.39 11.30 -29.36
CA ILE A 274 -18.80 11.78 -28.11
C ILE A 274 -17.48 11.04 -27.87
N ALA A 275 -16.46 11.79 -27.43
CA ALA A 275 -15.07 11.35 -27.52
C ALA A 275 -14.87 9.94 -26.94
N VAL A 276 -15.44 9.69 -25.77
CA VAL A 276 -15.30 8.37 -25.16
C VAL A 276 -15.96 7.30 -26.02
N PHE A 277 -17.12 7.61 -26.60
CA PHE A 277 -17.75 6.63 -27.48
C PHE A 277 -17.03 6.54 -28.81
N ASP A 278 -16.34 7.62 -29.22
CA ASP A 278 -15.43 7.54 -30.36
C ASP A 278 -14.34 6.51 -30.13
N LYS A 279 -13.65 6.57 -28.98
CA LYS A 279 -12.59 5.59 -28.74
C LYS A 279 -13.15 4.20 -28.48
N MET A 280 -14.36 4.10 -27.91
CA MET A 280 -15.04 2.80 -27.87
C MET A 280 -15.21 2.22 -29.27
N TRP A 281 -15.77 3.02 -30.18
CA TRP A 281 -16.00 2.55 -31.55
C TRP A 281 -14.69 2.22 -32.26
N THR A 282 -13.64 2.99 -31.99
CA THR A 282 -12.31 2.68 -32.51
C THR A 282 -11.81 1.32 -32.03
N TYR A 283 -11.97 1.05 -30.73
CA TYR A 283 -11.66 -0.27 -30.20
C TYR A 283 -12.48 -1.35 -30.89
N MET A 284 -13.80 -1.16 -30.95
CA MET A 284 -14.69 -2.15 -31.56
C MET A 284 -14.33 -2.39 -33.03
N ARG A 285 -13.85 -1.36 -33.72
CA ARG A 285 -13.37 -1.50 -35.09
C ARG A 285 -12.10 -2.34 -35.13
N SER A 286 -11.13 -2.03 -34.27
CA SER A 286 -9.79 -2.58 -34.42
C SER A 286 -9.64 -3.96 -33.79
N ALA A 287 -10.34 -4.23 -32.70
CA ALA A 287 -10.16 -5.47 -31.97
C ALA A 287 -10.62 -6.67 -32.79
N GLU A 288 -9.82 -7.74 -32.76
CA GLU A 288 -10.12 -8.98 -33.47
C GLU A 288 -9.48 -10.10 -32.67
N PRO A 289 -10.08 -11.30 -32.62
CA PRO A 289 -11.43 -11.74 -33.07
C PRO A 289 -12.58 -10.82 -32.65
N SER A 290 -13.49 -10.54 -33.59
CA SER A 290 -14.27 -9.32 -33.56
C SER A 290 -15.18 -9.29 -32.33
N VAL A 291 -15.58 -8.07 -31.96
CA VAL A 291 -16.54 -7.88 -30.90
C VAL A 291 -17.92 -8.39 -31.26
N PHE A 292 -18.20 -8.61 -32.54
CA PHE A 292 -19.57 -8.89 -32.94
C PHE A 292 -19.91 -10.37 -32.75
N VAL A 293 -21.22 -10.62 -32.64
CA VAL A 293 -21.74 -11.97 -32.41
C VAL A 293 -23.12 -12.05 -33.06
N ARG A 294 -23.50 -13.26 -33.48
CA ARG A 294 -24.77 -13.41 -34.19
C ARG A 294 -25.97 -13.52 -33.25
N THR A 295 -25.81 -14.03 -32.04
CA THR A 295 -26.96 -14.32 -31.19
C THR A 295 -26.69 -13.91 -29.76
N THR A 296 -27.77 -13.56 -29.05
CA THR A 296 -27.68 -13.29 -27.62
C THR A 296 -27.27 -14.54 -26.85
N ALA A 297 -27.82 -15.70 -27.23
CA ALA A 297 -27.55 -16.94 -26.50
C ALA A 297 -26.06 -17.27 -26.50
N GLU A 298 -25.43 -17.25 -27.68
CA GLU A 298 -24.02 -17.60 -27.75
C GLU A 298 -23.12 -16.47 -27.28
N GLY A 299 -23.59 -15.23 -27.31
CA GLY A 299 -22.86 -14.16 -26.65
C GLY A 299 -22.80 -14.35 -25.15
N VAL A 300 -23.94 -14.70 -24.55
CA VAL A 300 -23.98 -15.07 -23.13
C VAL A 300 -23.06 -16.25 -22.87
N ALA A 301 -23.08 -17.26 -23.75
CA ALA A 301 -22.17 -18.39 -23.60
C ALA A 301 -20.71 -17.94 -23.62
N ARG A 302 -20.38 -17.01 -24.52
CA ARG A 302 -19.03 -16.46 -24.58
C ARG A 302 -18.65 -15.78 -23.28
N VAL A 303 -19.55 -14.97 -22.74
CA VAL A 303 -19.25 -14.28 -21.48
C VAL A 303 -19.06 -15.30 -20.35
N ARG A 304 -19.93 -16.30 -20.29
CA ARG A 304 -19.88 -17.29 -19.22
C ARG A 304 -18.59 -18.09 -19.27
N LYS A 305 -18.16 -18.49 -20.46
CA LYS A 305 -16.89 -19.22 -20.56
C LYS A 305 -15.69 -18.30 -20.42
N SER A 306 -15.73 -17.11 -21.03
CA SER A 306 -14.59 -16.20 -21.03
C SER A 306 -14.61 -15.32 -19.77
N LYS A 307 -14.79 -15.98 -18.63
CA LYS A 307 -14.95 -15.32 -17.34
C LYS A 307 -13.86 -14.30 -17.07
N GLY A 308 -14.27 -13.15 -16.52
CA GLY A 308 -13.39 -12.05 -16.19
C GLY A 308 -12.84 -11.22 -17.34
N LYS A 309 -12.32 -11.87 -18.37
CA LYS A 309 -11.62 -11.14 -19.43
C LYS A 309 -12.55 -10.58 -20.50
N TYR A 310 -13.82 -10.99 -20.53
CA TYR A 310 -14.71 -10.64 -21.63
C TYR A 310 -15.99 -10.02 -21.08
N ALA A 311 -16.61 -9.17 -21.90
CA ALA A 311 -17.81 -8.47 -21.51
C ALA A 311 -18.71 -8.33 -22.75
N TYR A 312 -19.94 -7.87 -22.52
CA TYR A 312 -20.91 -7.79 -23.60
C TYR A 312 -21.80 -6.57 -23.39
N LEU A 313 -22.29 -6.04 -24.50
CA LEU A 313 -23.25 -4.94 -24.52
C LEU A 313 -24.64 -5.47 -24.88
N LEU A 314 -25.64 -5.09 -24.10
CA LEU A 314 -27.00 -5.53 -24.39
C LEU A 314 -28.00 -4.54 -23.81
N GLU A 315 -29.25 -4.69 -24.22
CA GLU A 315 -30.36 -3.96 -23.64
C GLU A 315 -30.55 -4.34 -22.18
N SER A 316 -30.69 -3.33 -21.32
CA SER A 316 -30.85 -3.56 -19.89
C SER A 316 -32.06 -4.43 -19.57
N THR A 317 -33.14 -4.32 -20.34
CA THR A 317 -34.29 -5.18 -20.12
C THR A 317 -33.93 -6.65 -20.24
N MET A 318 -33.07 -6.99 -21.20
CA MET A 318 -32.72 -8.38 -21.40
C MET A 318 -31.82 -8.88 -20.28
N ASN A 319 -30.84 -8.07 -19.89
CA ASN A 319 -30.00 -8.43 -18.74
C ASN A 319 -30.87 -8.64 -17.50
N GLU A 320 -31.82 -7.73 -17.27
CA GLU A 320 -32.68 -7.84 -16.09
C GLU A 320 -33.53 -9.10 -16.13
N TYR A 321 -33.89 -9.54 -17.33
CA TYR A 321 -34.51 -10.86 -17.45
C TYR A 321 -33.52 -11.96 -17.08
N ILE A 322 -32.31 -11.91 -17.62
CA ILE A 322 -31.38 -13.03 -17.50
C ILE A 322 -30.89 -13.16 -16.06
N GLU A 323 -30.44 -12.07 -15.47
CA GLU A 323 -29.56 -12.15 -14.30
C GLU A 323 -30.26 -12.72 -13.06
N GLN A 324 -31.59 -12.70 -13.02
CA GLN A 324 -32.32 -13.30 -11.91
C GLN A 324 -32.62 -14.78 -12.09
N ARG A 325 -32.27 -15.35 -13.24
CA ARG A 325 -32.50 -16.77 -13.46
C ARG A 325 -31.47 -17.61 -12.70
N LYS A 326 -31.86 -18.85 -12.38
CA LYS A 326 -31.21 -19.70 -11.39
C LYS A 326 -29.68 -19.73 -11.45
N PRO A 327 -29.04 -19.82 -12.63
CA PRO A 327 -27.57 -19.80 -12.64
C PRO A 327 -26.97 -18.58 -11.95
N CYS A 328 -27.64 -17.43 -12.04
CA CYS A 328 -27.31 -16.22 -11.27
C CYS A 328 -25.84 -15.84 -11.38
N ASP A 329 -25.15 -16.30 -12.43
CA ASP A 329 -23.71 -16.20 -12.53
C ASP A 329 -23.23 -14.93 -13.22
N THR A 330 -24.14 -14.02 -13.57
CA THR A 330 -23.81 -12.80 -14.30
C THR A 330 -24.68 -11.67 -13.78
N MET A 331 -24.23 -10.43 -14.00
CA MET A 331 -24.92 -9.29 -13.43
C MET A 331 -24.76 -8.06 -14.29
N LYS A 332 -25.67 -7.10 -14.08
CA LYS A 332 -25.51 -5.73 -14.54
C LYS A 332 -24.31 -5.08 -13.87
N VAL A 333 -23.75 -4.08 -14.55
CA VAL A 333 -22.84 -3.13 -13.91
C VAL A 333 -23.10 -1.73 -14.47
N GLY A 334 -23.06 -0.74 -13.58
CA GLY A 334 -23.26 0.65 -13.96
C GLY A 334 -24.69 0.99 -14.36
N GLY A 335 -24.86 2.28 -14.68
CA GLY A 335 -26.11 2.81 -15.19
C GLY A 335 -26.33 2.56 -16.66
N ASN A 336 -27.52 2.92 -17.13
CA ASN A 336 -27.85 2.78 -18.54
C ASN A 336 -27.03 3.75 -19.38
N LEU A 337 -26.75 3.35 -20.62
CA LEU A 337 -25.98 4.18 -21.53
C LEU A 337 -26.80 5.34 -22.10
N ASP A 338 -28.11 5.14 -22.29
CA ASP A 338 -28.92 6.07 -23.06
C ASP A 338 -30.38 5.84 -22.72
N SER A 339 -31.29 6.43 -23.51
CA SER A 339 -32.70 6.15 -23.40
C SER A 339 -33.31 5.94 -24.78
N LYS A 340 -34.14 4.91 -24.91
CA LYS A 340 -34.76 4.55 -26.17
C LYS A 340 -36.11 3.89 -25.86
N GLY A 341 -36.87 3.61 -26.91
CA GLY A 341 -38.16 2.99 -26.76
C GLY A 341 -38.49 2.09 -27.93
N TYR A 342 -39.61 1.38 -27.80
CA TYR A 342 -40.05 0.43 -28.81
C TYR A 342 -41.43 0.80 -29.31
N GLY A 343 -41.71 0.45 -30.56
CA GLY A 343 -43.05 0.54 -31.10
C GLY A 343 -43.32 -0.60 -32.05
N ILE A 344 -44.58 -1.00 -32.13
CA ILE A 344 -44.99 -2.00 -33.11
C ILE A 344 -44.94 -1.35 -34.48
N ALA A 345 -44.57 -2.13 -35.51
CA ALA A 345 -44.17 -1.55 -36.77
C ALA A 345 -44.84 -2.27 -37.93
N THR A 346 -45.00 -1.54 -39.03
CA THR A 346 -45.72 -2.01 -40.21
C THR A 346 -45.27 -1.16 -41.40
N PRO A 347 -45.43 -1.66 -42.62
CA PRO A 347 -45.05 -0.86 -43.80
C PRO A 347 -45.84 0.44 -43.89
N LYS A 348 -45.28 1.38 -44.64
CA LYS A 348 -45.77 2.75 -44.71
C LYS A 348 -47.25 2.82 -45.11
N GLY A 349 -48.02 3.57 -44.32
CA GLY A 349 -49.43 3.80 -44.61
C GLY A 349 -50.37 2.64 -44.41
N SER A 350 -49.94 1.59 -43.73
CA SER A 350 -50.84 0.47 -43.44
C SER A 350 -52.08 0.93 -42.69
N SER A 351 -53.26 0.58 -43.21
CA SER A 351 -54.51 1.03 -42.63
C SER A 351 -54.74 0.46 -41.23
N LEU A 352 -53.98 -0.58 -40.86
CA LEU A 352 -53.98 -1.08 -39.49
C LEU A 352 -53.37 -0.06 -38.53
N GLY A 353 -52.49 0.81 -39.03
CA GLY A 353 -51.60 1.54 -38.15
C GLY A 353 -52.34 2.38 -37.11
N THR A 354 -53.33 3.15 -37.55
CA THR A 354 -54.08 3.98 -36.59
C THR A 354 -54.94 3.13 -35.64
N PRO A 355 -55.70 2.12 -36.09
CA PRO A 355 -56.29 1.18 -35.12
C PRO A 355 -55.29 0.59 -34.13
N VAL A 356 -54.11 0.19 -34.61
CA VAL A 356 -53.09 -0.35 -33.70
C VAL A 356 -52.65 0.70 -32.69
N ASN A 357 -52.46 1.94 -33.14
CA ASN A 357 -52.08 3.02 -32.24
C ASN A 357 -53.16 3.27 -31.19
N LEU A 358 -54.43 3.22 -31.59
CA LEU A 358 -55.52 3.33 -30.62
C LEU A 358 -55.52 2.19 -29.62
N ALA A 359 -55.29 0.96 -30.10
CA ALA A 359 -55.20 -0.19 -29.21
C ALA A 359 -54.06 -0.02 -28.20
N VAL A 360 -52.90 0.41 -28.68
CA VAL A 360 -51.75 0.68 -27.81
C VAL A 360 -52.09 1.74 -26.77
N LEU A 361 -52.70 2.85 -27.20
CA LEU A 361 -53.10 3.89 -26.27
C LEU A 361 -54.06 3.37 -25.21
N LYS A 362 -55.06 2.60 -25.64
CA LYS A 362 -56.03 2.05 -24.70
C LYS A 362 -55.36 1.13 -23.69
N LEU A 363 -54.56 0.18 -24.17
CA LEU A 363 -53.87 -0.76 -23.28
C LEU A 363 -52.93 -0.04 -22.33
N SER A 364 -52.27 1.02 -22.79
CA SER A 364 -51.45 1.83 -21.91
C SER A 364 -52.29 2.48 -20.82
N GLU A 365 -53.39 3.14 -21.21
CA GLU A 365 -54.25 3.78 -20.22
C GLU A 365 -54.89 2.76 -19.30
N GLN A 366 -55.24 1.59 -19.83
CA GLN A 366 -55.78 0.51 -19.01
C GLN A 366 -54.73 -0.16 -18.13
N GLY A 367 -53.46 0.20 -18.27
CA GLY A 367 -52.40 -0.43 -17.53
C GLY A 367 -52.14 -1.88 -17.88
N VAL A 368 -52.70 -2.37 -18.99
CA VAL A 368 -52.58 -3.77 -19.36
C VAL A 368 -51.12 -4.16 -19.61
N LEU A 369 -50.28 -3.18 -19.92
CA LEU A 369 -48.83 -3.41 -20.00
C LEU A 369 -48.31 -4.12 -18.74
N ASP A 370 -48.71 -3.63 -17.56
CA ASP A 370 -48.33 -4.30 -16.32
C ASP A 370 -49.00 -5.66 -16.20
N LYS A 371 -50.24 -5.78 -16.68
CA LYS A 371 -50.95 -7.05 -16.59
C LYS A 371 -50.26 -8.15 -17.39
N LEU A 372 -49.61 -7.80 -18.49
CA LEU A 372 -48.69 -8.73 -19.14
C LEU A 372 -47.38 -8.83 -18.37
N LYS A 373 -46.71 -7.69 -18.14
CA LYS A 373 -45.33 -7.69 -17.68
C LYS A 373 -45.15 -8.46 -16.38
N ASN A 374 -46.10 -8.30 -15.45
CA ASN A 374 -45.96 -8.92 -14.13
C ASN A 374 -45.80 -10.43 -14.23
N LYS A 375 -46.52 -11.07 -15.16
CA LYS A 375 -46.41 -12.52 -15.34
C LYS A 375 -45.05 -12.94 -15.86
N TRP A 376 -44.35 -12.08 -16.59
CA TRP A 376 -43.15 -12.49 -17.31
C TRP A 376 -41.84 -12.10 -16.63
N TRP A 377 -41.88 -11.32 -15.56
CA TRP A 377 -40.66 -11.07 -14.81
C TRP A 377 -40.72 -11.51 -13.35
N TYR A 378 -41.76 -11.08 -12.63
CA TYR A 378 -41.66 -11.07 -11.18
C TYR A 378 -41.73 -12.46 -10.57
N ASP A 379 -42.53 -13.35 -11.16
CA ASP A 379 -42.43 -14.76 -10.79
C ASP A 379 -41.15 -15.38 -11.30
N LYS A 380 -40.61 -14.87 -12.40
CA LYS A 380 -39.49 -15.49 -13.08
C LYS A 380 -38.14 -15.19 -12.44
N GLY A 381 -38.04 -14.11 -11.68
CA GLY A 381 -36.81 -13.87 -10.93
C GLY A 381 -36.68 -14.82 -9.76
N GLU A 382 -35.50 -15.45 -9.65
CA GLU A 382 -35.30 -16.52 -8.68
C GLU A 382 -33.91 -16.49 -8.04
N CYS A 383 -33.29 -15.31 -7.97
CA CYS A 383 -32.03 -15.16 -7.27
C CYS A 383 -31.94 -13.74 -6.72
N GLY A 384 -31.77 -13.65 -5.40
CA GLY A 384 -31.78 -12.36 -4.74
C GLY A 384 -30.85 -12.22 -3.55
N ALA A 385 -29.92 -13.15 -3.40
CA ALA A 385 -29.08 -13.18 -2.20
C ALA A 385 -28.06 -12.03 -2.25
N LYS A 386 -28.22 -11.07 -1.35
CA LYS A 386 -27.36 -9.89 -1.28
C LYS A 386 -27.12 -9.55 0.18
N ASP A 387 -25.94 -8.99 0.46
CA ASP A 387 -25.53 -8.71 1.83
C ASP A 387 -26.42 -7.64 2.46
N SER A 388 -27.11 -7.98 3.55
CA SER A 388 -28.06 -7.07 4.15
C SER A 388 -28.15 -7.33 5.65
N GLY A 389 -28.51 -6.27 6.38
CA GLY A 389 -28.35 -6.23 7.82
C GLY A 389 -26.91 -6.07 8.26
N SER A 390 -26.04 -6.95 7.77
CA SER A 390 -24.60 -6.85 7.99
C SER A 390 -23.88 -7.34 6.74
N LYS A 391 -22.58 -7.09 6.67
CA LYS A 391 -21.82 -7.25 5.43
C LYS A 391 -20.57 -8.05 5.69
N GLU A 392 -20.25 -8.96 4.77
CA GLU A 392 -19.05 -9.77 4.90
C GLU A 392 -17.79 -8.93 4.68
N LYS A 393 -17.79 -8.09 3.64
CA LYS A 393 -16.61 -7.43 3.08
C LYS A 393 -15.97 -6.39 3.99
N THR A 394 -16.51 -6.09 5.17
CA THR A 394 -16.17 -4.83 5.83
C THR A 394 -14.69 -4.67 6.18
N SER A 395 -14.20 -5.32 7.24
CA SER A 395 -12.77 -5.27 7.51
C SER A 395 -12.23 -6.56 8.13
N ALA A 396 -13.04 -7.17 8.98
CA ALA A 396 -12.51 -8.07 10.00
C ALA A 396 -12.23 -9.46 9.44
N LEU A 397 -11.27 -10.14 10.07
CA LEU A 397 -11.04 -11.54 9.75
C LEU A 397 -12.21 -12.39 10.24
N SER A 398 -12.73 -13.22 9.36
CA SER A 398 -13.75 -14.19 9.73
C SER A 398 -13.14 -15.30 10.57
N LEU A 399 -14.02 -15.99 11.31
CA LEU A 399 -13.59 -17.18 12.04
C LEU A 399 -12.97 -18.19 11.09
N SER A 400 -13.57 -18.37 9.92
CA SER A 400 -13.04 -19.30 8.93
C SER A 400 -11.60 -18.99 8.55
N ASN A 401 -11.21 -17.70 8.59
CA ASN A 401 -9.88 -17.32 8.13
C ASN A 401 -8.76 -17.89 8.98
N VAL A 402 -9.05 -18.24 10.24
CA VAL A 402 -8.03 -18.82 11.11
C VAL A 402 -8.58 -20.12 11.70
N ALA A 403 -9.69 -20.60 11.13
CA ALA A 403 -10.37 -21.78 11.67
C ALA A 403 -9.39 -22.92 11.96
N GLY A 404 -8.50 -23.20 11.03
CA GLY A 404 -7.67 -24.39 11.13
C GLY A 404 -6.96 -24.54 12.46
N VAL A 405 -6.55 -23.41 13.06
CA VAL A 405 -5.69 -23.47 14.24
C VAL A 405 -6.42 -24.16 15.40
N PHE A 406 -7.73 -23.92 15.51
CA PHE A 406 -8.45 -24.47 16.67
C PHE A 406 -8.53 -25.99 16.61
N TYR A 407 -8.64 -26.57 15.42
CA TYR A 407 -8.67 -28.02 15.32
C TYR A 407 -7.36 -28.61 15.82
N ILE A 408 -6.24 -28.01 15.44
CA ILE A 408 -4.94 -28.49 15.89
C ILE A 408 -4.87 -28.44 17.41
N LEU A 409 -5.31 -27.32 17.99
CA LEU A 409 -5.34 -27.17 19.45
C LEU A 409 -6.15 -28.29 20.10
N VAL A 410 -7.39 -28.49 19.63
CA VAL A 410 -8.25 -29.49 20.25
C VAL A 410 -7.62 -30.87 20.15
N GLY A 411 -7.09 -31.23 18.99
CA GLY A 411 -6.42 -32.51 18.85
C GLY A 411 -5.23 -32.64 19.78
N GLY A 412 -4.47 -31.56 19.94
CA GLY A 412 -3.36 -31.57 20.88
C GLY A 412 -3.80 -31.89 22.29
N LEU A 413 -4.82 -31.18 22.78
CA LEU A 413 -5.33 -31.46 24.11
C LEU A 413 -5.90 -32.87 24.22
N GLY A 414 -6.52 -33.35 23.15
CA GLY A 414 -7.07 -34.71 23.19
C GLY A 414 -6.00 -35.78 23.27
N LEU A 415 -4.85 -35.55 22.63
CA LEU A 415 -3.80 -36.56 22.65
C LEU A 415 -3.21 -36.76 24.05
N ALA A 416 -3.00 -35.68 24.79
CA ALA A 416 -2.24 -35.77 26.04
C ALA A 416 -2.94 -36.62 27.10
N MET A 417 -4.26 -36.81 27.00
CA MET A 417 -4.95 -37.73 27.89
C MET A 417 -4.37 -39.14 27.81
N LEU A 418 -4.17 -39.65 26.59
CA LEU A 418 -3.74 -41.03 26.44
C LEU A 418 -2.37 -41.27 27.04
N VAL A 419 -1.50 -40.25 27.00
CA VAL A 419 -0.18 -40.38 27.61
C VAL A 419 -0.30 -40.62 29.11
N ALA A 420 -1.15 -39.84 29.78
CA ALA A 420 -1.38 -40.06 31.19
C ALA A 420 -2.00 -41.41 31.45
N LEU A 421 -2.90 -41.84 30.56
CA LEU A 421 -3.52 -43.15 30.75
C LEU A 421 -2.51 -44.30 30.64
N ILE A 422 -1.57 -44.22 29.70
CA ILE A 422 -0.54 -45.26 29.65
C ILE A 422 0.43 -45.13 30.81
N GLU A 423 0.68 -43.92 31.31
CA GLU A 423 1.50 -43.78 32.51
C GLU A 423 0.84 -44.44 33.70
N PHE A 424 -0.48 -44.29 33.81
CA PHE A 424 -1.24 -45.00 34.85
C PHE A 424 -1.12 -46.50 34.66
N CYS A 425 -1.29 -46.99 33.44
CA CYS A 425 -1.27 -48.42 33.19
C CYS A 425 0.10 -49.01 33.51
N TYR A 426 1.17 -48.22 33.37
CA TYR A 426 2.49 -48.69 33.78
C TYR A 426 2.56 -48.86 35.29
N LYS A 427 2.37 -47.78 36.03
CA LYS A 427 2.64 -47.78 37.46
C LYS A 427 1.69 -48.69 38.22
N SER A 428 0.48 -48.90 37.69
CA SER A 428 -0.58 -49.59 38.42
C SER A 428 -0.30 -51.06 38.65
N ARG A 429 0.78 -51.61 38.09
CA ARG A 429 1.19 -52.98 38.37
C ARG A 429 2.68 -53.06 38.66
N ALA A 430 3.26 -52.01 39.23
CA ALA A 430 4.62 -52.05 39.74
C ALA A 430 4.75 -53.07 40.87
N GLU B 1 4.84 14.56 -75.13
CA GLU B 1 3.82 15.29 -74.38
C GLU B 1 3.68 14.74 -72.97
N GLN B 2 3.31 13.46 -72.86
CA GLN B 2 3.21 12.81 -71.57
C GLN B 2 4.58 12.71 -70.90
N LYS B 3 4.56 12.63 -69.57
CA LYS B 3 5.78 12.46 -68.80
C LYS B 3 5.48 11.67 -67.54
N THR B 4 6.47 10.91 -67.08
CA THR B 4 6.38 10.11 -65.87
C THR B 4 7.71 10.16 -65.15
N VAL B 5 7.68 9.86 -63.84
CA VAL B 5 8.88 9.87 -63.02
C VAL B 5 8.90 8.63 -62.15
N VAL B 6 10.10 8.28 -61.68
CA VAL B 6 10.33 7.16 -60.79
C VAL B 6 10.69 7.67 -59.40
N VAL B 7 10.13 7.04 -58.37
CA VAL B 7 10.24 7.50 -56.99
C VAL B 7 11.01 6.45 -56.20
N THR B 8 11.80 6.91 -55.24
CA THR B 8 12.52 6.03 -54.32
C THR B 8 11.88 6.08 -52.95
N THR B 9 11.69 4.90 -52.35
CA THR B 9 11.18 4.77 -50.99
C THR B 9 11.77 3.50 -50.38
N ILE B 10 11.47 3.28 -49.11
CA ILE B 10 12.06 2.18 -48.34
C ILE B 10 10.98 1.57 -47.47
N LEU B 11 11.02 0.24 -47.32
CA LEU B 11 10.05 -0.49 -46.50
C LEU B 11 10.34 -0.40 -45.01
N GLU B 12 10.49 0.81 -44.48
CA GLU B 12 10.57 1.01 -43.04
C GLU B 12 9.17 0.94 -42.45
N SER B 13 8.97 0.01 -41.52
CA SER B 13 7.66 -0.44 -41.05
C SER B 13 6.76 0.66 -40.48
N PRO B 14 7.29 1.72 -39.88
CA PRO B 14 6.41 2.87 -39.58
C PRO B 14 6.01 3.64 -40.82
N TYR B 15 6.86 3.68 -41.84
CA TYR B 15 6.69 4.60 -42.97
C TYR B 15 6.10 3.94 -44.19
N VAL B 16 6.48 2.69 -44.47
CA VAL B 16 5.91 1.91 -45.58
C VAL B 16 5.70 0.48 -45.09
N MET B 17 4.56 -0.09 -45.46
CA MET B 17 4.18 -1.45 -45.07
C MET B 17 3.78 -2.26 -46.29
N MET B 18 4.25 -3.51 -46.34
CA MET B 18 3.95 -4.41 -47.44
C MET B 18 2.50 -4.90 -47.34
N LYS B 19 1.68 -4.53 -48.32
CA LYS B 19 0.32 -5.03 -48.39
C LYS B 19 0.30 -6.53 -48.65
N LYS B 20 -0.65 -7.22 -48.01
CA LYS B 20 -0.65 -8.68 -47.97
C LYS B 20 -0.62 -9.29 -49.37
N ASN B 21 -1.27 -8.65 -50.34
CA ASN B 21 -1.26 -9.11 -51.73
C ASN B 21 0.06 -8.78 -52.39
N HIS B 22 1.17 -9.15 -51.75
CA HIS B 22 2.51 -8.74 -52.17
C HIS B 22 3.04 -9.52 -53.36
N GLU B 23 2.30 -10.52 -53.86
CA GLU B 23 2.85 -11.38 -54.90
C GLU B 23 3.01 -10.64 -56.22
N MET B 24 2.02 -9.84 -56.61
CA MET B 24 1.94 -9.39 -57.99
C MET B 24 1.58 -7.92 -58.16
N LEU B 25 1.33 -7.17 -57.09
CA LEU B 25 0.96 -5.78 -57.22
C LEU B 25 2.13 -4.95 -57.74
N GLU B 26 1.80 -3.79 -58.32
CA GLU B 26 2.79 -2.77 -58.65
C GLU B 26 3.08 -1.90 -57.43
N GLY B 27 4.28 -1.31 -57.43
CA GLY B 27 4.71 -0.47 -56.31
C GLY B 27 3.75 0.64 -55.95
N ASN B 28 2.96 1.11 -56.92
CA ASN B 28 1.92 2.09 -56.63
C ASN B 28 0.74 1.48 -55.89
N GLU B 29 0.69 0.15 -55.81
CA GLU B 29 -0.35 -0.56 -55.09
C GLU B 29 0.21 -1.55 -54.07
N ARG B 30 1.47 -1.97 -54.22
CA ARG B 30 2.09 -2.89 -53.27
C ARG B 30 2.06 -2.36 -51.84
N TYR B 31 1.99 -1.05 -51.64
CA TYR B 31 2.46 -0.46 -50.41
C TYR B 31 1.40 0.47 -49.82
N GLU B 32 1.52 0.67 -48.51
CA GLU B 32 0.79 1.70 -47.78
C GLU B 32 1.68 2.23 -46.68
N GLY B 33 1.31 3.37 -46.13
CA GLY B 33 2.14 3.96 -45.08
C GLY B 33 2.34 5.45 -45.15
N TYR B 34 2.96 5.98 -44.08
CA TYR B 34 3.16 7.42 -43.94
C TYR B 34 3.86 8.01 -45.17
N CYS B 35 4.92 7.35 -45.65
CA CYS B 35 5.56 7.81 -46.87
C CYS B 35 4.64 7.64 -48.07
N VAL B 36 3.85 6.57 -48.09
CA VAL B 36 3.03 6.26 -49.25
C VAL B 36 1.91 7.28 -49.41
N ASP B 37 1.18 7.55 -48.33
CA ASP B 37 0.08 8.51 -48.41
C ASP B 37 0.55 9.95 -48.36
N LEU B 38 1.73 10.23 -47.81
CA LEU B 38 2.35 11.53 -48.04
C LEU B 38 2.64 11.74 -49.52
N ALA B 39 3.26 10.74 -50.17
CA ALA B 39 3.54 10.83 -51.60
C ALA B 39 2.25 10.98 -52.41
N ALA B 40 1.21 10.23 -52.05
CA ALA B 40 -0.08 10.37 -52.70
C ALA B 40 -0.66 11.77 -52.56
N GLU B 41 -0.57 12.36 -51.37
CA GLU B 41 -1.03 13.74 -51.18
C GLU B 41 -0.21 14.73 -51.99
N ILE B 42 1.11 14.56 -52.01
CA ILE B 42 1.97 15.41 -52.82
C ILE B 42 1.61 15.33 -54.29
N ALA B 43 1.41 14.11 -54.81
CA ALA B 43 0.98 13.96 -56.20
C ALA B 43 -0.43 14.48 -56.45
N LYS B 44 -1.28 14.47 -55.42
CA LYS B 44 -2.60 15.06 -55.51
C LYS B 44 -2.53 16.58 -55.67
N HIS B 45 -1.60 17.21 -54.98
CA HIS B 45 -1.44 18.66 -55.14
C HIS B 45 -0.67 19.02 -56.41
N CYS B 46 0.41 18.31 -56.69
CA CYS B 46 1.31 18.62 -57.78
C CYS B 46 0.88 18.00 -59.11
N GLY B 47 0.05 16.97 -59.08
CA GLY B 47 -0.58 16.46 -60.29
C GLY B 47 0.29 15.60 -61.16
N PHE B 48 1.61 15.59 -60.95
CA PHE B 48 2.51 14.79 -61.75
C PHE B 48 2.22 13.30 -61.59
N LYS B 49 2.50 12.54 -62.65
CA LYS B 49 2.41 11.09 -62.66
C LYS B 49 3.77 10.47 -62.35
N TYR B 50 3.73 9.32 -61.68
CA TYR B 50 4.90 8.77 -61.00
C TYR B 50 4.71 7.26 -60.89
N LYS B 51 5.80 6.57 -60.55
CA LYS B 51 5.71 5.24 -59.99
C LYS B 51 6.63 5.13 -58.77
N LEU B 52 6.10 4.54 -57.71
CA LEU B 52 6.90 4.24 -56.53
C LEU B 52 7.82 3.05 -56.78
N THR B 53 9.06 3.15 -56.28
CA THR B 53 9.97 2.02 -56.24
C THR B 53 10.71 2.01 -54.91
N ILE B 54 11.06 0.80 -54.46
CA ILE B 54 12.04 0.67 -53.38
C ILE B 54 13.40 1.13 -53.88
N VAL B 55 14.21 1.66 -52.95
CA VAL B 55 15.62 1.82 -53.22
C VAL B 55 16.22 0.50 -53.68
N GLY B 56 16.89 0.53 -54.83
CA GLY B 56 17.38 -0.72 -55.41
C GLY B 56 18.46 -1.36 -54.58
N ASP B 57 19.32 -0.55 -53.95
CA ASP B 57 20.24 -1.08 -52.96
C ASP B 57 19.53 -1.53 -51.69
N GLY B 58 18.28 -1.15 -51.51
CA GLY B 58 17.49 -1.60 -50.38
C GLY B 58 17.96 -1.09 -49.03
N LYS B 59 18.81 -0.06 -49.01
CA LYS B 59 19.45 0.36 -47.77
C LYS B 59 19.87 1.80 -47.91
N TYR B 60 20.26 2.40 -46.79
CA TYR B 60 20.94 3.70 -46.83
C TYR B 60 22.30 3.56 -47.49
N GLY B 61 23.16 2.72 -46.94
CA GLY B 61 24.46 2.47 -47.54
C GLY B 61 25.46 3.59 -47.26
N ALA B 62 26.74 3.23 -47.31
CA ALA B 62 27.79 4.14 -46.94
C ALA B 62 28.29 4.93 -48.14
N ARG B 63 29.07 5.97 -47.86
CA ARG B 63 29.92 6.57 -48.88
C ARG B 63 30.90 5.52 -49.42
N ASP B 64 31.19 5.60 -50.72
CA ASP B 64 32.36 4.91 -51.25
C ASP B 64 33.64 5.50 -50.65
N ALA B 65 34.53 4.61 -50.23
CA ALA B 65 35.73 5.04 -49.51
C ALA B 65 36.62 5.93 -50.36
N ASP B 66 37.13 7.00 -49.75
CA ASP B 66 38.10 7.91 -50.35
C ASP B 66 37.57 8.61 -51.60
N THR B 67 36.30 8.37 -51.95
CA THR B 67 35.70 9.03 -53.09
C THR B 67 34.39 9.72 -52.72
N LYS B 68 33.71 9.24 -51.68
CA LYS B 68 32.35 9.63 -51.34
C LYS B 68 31.35 9.37 -52.48
N ILE B 69 31.70 8.50 -53.43
CA ILE B 69 30.75 8.15 -54.48
C ILE B 69 29.51 7.52 -53.85
N TRP B 70 28.35 7.99 -54.30
CA TRP B 70 27.12 7.83 -53.54
C TRP B 70 26.61 6.40 -53.50
N ASN B 71 25.81 6.16 -52.46
CA ASN B 71 25.10 4.90 -52.23
C ASN B 71 23.99 4.71 -53.24
N GLY B 72 23.30 3.56 -53.11
CA GLY B 72 22.19 3.25 -54.00
C GLY B 72 21.10 4.30 -53.99
N MET B 73 20.59 4.65 -52.81
CA MET B 73 19.43 5.54 -52.74
C MET B 73 19.72 6.92 -53.32
N VAL B 74 20.93 7.43 -53.12
CA VAL B 74 21.30 8.71 -53.72
C VAL B 74 21.67 8.54 -55.19
N GLY B 75 22.40 7.48 -55.52
CA GLY B 75 22.78 7.24 -56.90
C GLY B 75 21.61 7.05 -57.84
N GLU B 76 20.52 6.46 -57.35
CA GLU B 76 19.33 6.31 -58.18
C GLU B 76 18.74 7.66 -58.58
N LEU B 77 18.94 8.68 -57.75
CA LEU B 77 18.62 10.04 -58.16
C LEU B 77 19.68 10.58 -59.11
N VAL B 78 20.93 10.64 -58.63
CA VAL B 78 22.01 11.27 -59.38
C VAL B 78 22.27 10.57 -60.70
N TYR B 79 22.03 9.25 -60.77
CA TYR B 79 22.26 8.50 -62.01
C TYR B 79 20.95 8.07 -62.67
N GLY B 80 19.85 8.75 -62.39
CA GLY B 80 18.69 8.72 -63.26
C GLY B 80 17.81 7.49 -63.18
N LYS B 81 18.03 6.58 -62.24
CA LYS B 81 17.02 5.55 -61.99
C LYS B 81 15.75 6.17 -61.43
N ALA B 82 15.87 7.28 -60.72
CA ALA B 82 14.73 7.99 -60.16
C ALA B 82 15.02 9.49 -60.23
N ASP B 83 13.99 10.29 -59.96
CA ASP B 83 14.10 11.74 -59.99
C ASP B 83 13.66 12.42 -58.71
N ILE B 84 13.13 11.68 -57.74
CA ILE B 84 12.71 12.27 -56.47
C ILE B 84 12.83 11.19 -55.40
N ALA B 85 13.15 11.62 -54.18
CA ALA B 85 13.24 10.74 -53.02
C ALA B 85 12.31 11.24 -51.92
N ILE B 86 11.51 10.33 -51.38
CA ILE B 86 10.55 10.65 -50.31
C ILE B 86 10.74 9.55 -49.26
N ALA B 87 11.63 9.79 -48.30
CA ALA B 87 12.08 8.73 -47.42
C ALA B 87 12.49 9.33 -46.09
N PRO B 88 12.52 8.53 -45.02
CA PRO B 88 13.18 8.96 -43.77
C PRO B 88 14.69 9.04 -43.92
N LEU B 89 15.18 10.22 -44.32
CA LEU B 89 16.59 10.43 -44.59
C LEU B 89 17.03 11.74 -43.97
N THR B 90 18.19 11.73 -43.31
CA THR B 90 18.66 12.87 -42.52
C THR B 90 19.16 14.00 -43.40
N ILE B 91 18.71 15.22 -43.10
CA ILE B 91 19.24 16.42 -43.73
C ILE B 91 20.64 16.70 -43.22
N THR B 92 21.58 16.91 -44.14
CA THR B 92 22.89 17.41 -43.76
C THR B 92 23.54 18.11 -44.96
N LEU B 93 24.38 19.10 -44.66
CA LEU B 93 25.09 19.84 -45.69
C LEU B 93 25.92 18.93 -46.59
N VAL B 94 26.49 17.86 -46.02
CA VAL B 94 27.29 16.93 -46.80
C VAL B 94 26.44 16.21 -47.85
N ARG B 95 25.12 16.27 -47.72
CA ARG B 95 24.22 15.84 -48.78
C ARG B 95 23.60 17.00 -49.54
N GLU B 96 23.22 18.07 -48.84
CA GLU B 96 22.60 19.23 -49.49
C GLU B 96 23.50 19.83 -50.57
N GLU B 97 24.81 19.78 -50.39
CA GLU B 97 25.72 20.29 -51.42
C GLU B 97 25.63 19.51 -52.72
N VAL B 98 25.19 18.26 -52.67
CA VAL B 98 25.15 17.40 -53.85
C VAL B 98 23.79 17.41 -54.52
N ILE B 99 22.72 17.47 -53.72
CA ILE B 99 21.34 17.40 -54.21
C ILE B 99 20.51 18.35 -53.38
N ASP B 100 19.41 18.81 -53.96
CA ASP B 100 18.49 19.67 -53.23
C ASP B 100 17.58 18.86 -52.31
N PHE B 101 17.09 19.54 -51.29
CA PHE B 101 16.18 18.94 -50.32
C PHE B 101 14.99 19.88 -50.10
N SER B 102 13.84 19.30 -49.78
CA SER B 102 12.70 20.11 -49.38
C SER B 102 12.93 20.75 -48.02
N LYS B 103 11.99 21.62 -47.64
CA LYS B 103 11.76 21.89 -46.23
C LYS B 103 11.52 20.57 -45.49
N PRO B 104 12.12 20.40 -44.31
CA PRO B 104 11.83 19.19 -43.52
C PRO B 104 10.34 19.07 -43.21
N PHE B 105 9.86 17.83 -43.21
CA PHE B 105 8.50 17.53 -42.80
C PHE B 105 8.37 17.09 -41.36
N MET B 106 9.46 16.66 -40.72
CA MET B 106 9.41 16.31 -39.30
C MET B 106 10.74 16.67 -38.64
N SER B 107 10.67 16.90 -37.33
CA SER B 107 11.83 17.21 -36.51
C SER B 107 11.95 16.17 -35.41
N LEU B 108 13.14 15.58 -35.27
CA LEU B 108 13.31 14.38 -34.47
C LEU B 108 14.78 14.28 -34.08
N GLY B 109 15.11 13.26 -33.27
CA GLY B 109 16.49 13.08 -32.87
C GLY B 109 16.79 11.69 -32.38
N ILE B 110 18.09 11.44 -32.20
CA ILE B 110 18.57 10.14 -31.76
C ILE B 110 18.12 9.87 -30.32
N SER B 111 17.84 8.62 -30.02
CA SER B 111 17.69 8.19 -28.64
C SER B 111 18.27 6.79 -28.47
N ILE B 112 18.68 6.47 -27.25
CA ILE B 112 19.08 5.12 -26.91
C ILE B 112 17.84 4.22 -26.78
N MET B 113 18.03 2.94 -27.04
CA MET B 113 17.03 1.93 -26.72
C MET B 113 17.71 0.76 -26.02
N ILE B 114 17.08 0.26 -24.95
CA ILE B 114 17.66 -0.75 -24.08
C ILE B 114 16.60 -1.80 -23.79
N LYS B 115 17.06 -3.00 -23.42
CA LYS B 115 16.15 -4.04 -22.97
C LYS B 115 15.52 -3.66 -21.63
N LYS B 116 14.22 -3.86 -21.52
CA LYS B 116 13.52 -3.62 -20.27
C LYS B 116 14.12 -4.47 -19.15
N PRO B 117 14.42 -3.89 -18.00
CA PRO B 117 15.01 -4.67 -16.91
C PRO B 117 13.98 -5.54 -16.22
N GLN B 118 14.46 -6.62 -15.60
CA GLN B 118 13.60 -7.64 -15.02
C GLN B 118 14.17 -8.06 -13.67
N LYS B 119 13.33 -8.74 -12.89
CA LYS B 119 13.73 -9.21 -11.56
C LYS B 119 14.98 -10.07 -11.62
N SER B 120 16.00 -9.66 -10.88
CA SER B 120 17.20 -10.47 -10.69
C SER B 120 16.98 -11.54 -9.62
N LYS B 121 17.81 -12.57 -9.69
CA LYS B 121 17.83 -13.60 -8.65
C LYS B 121 18.18 -12.98 -7.30
N PRO B 122 17.40 -13.23 -6.25
CA PRO B 122 17.62 -12.53 -4.98
C PRO B 122 18.92 -12.98 -4.32
N GLY B 123 19.56 -12.04 -3.64
CA GLY B 123 20.87 -12.32 -3.05
C GLY B 123 20.78 -13.26 -1.86
N VAL B 124 21.80 -14.10 -1.72
CA VAL B 124 21.86 -15.05 -0.61
C VAL B 124 21.79 -14.34 0.73
N PHE B 125 22.39 -13.16 0.84
CA PHE B 125 22.38 -12.40 2.09
C PHE B 125 21.29 -11.34 2.14
N SER B 126 20.44 -11.26 1.13
CA SER B 126 19.57 -10.10 0.95
C SER B 126 18.57 -9.92 2.10
N PHE B 127 18.46 -10.90 3.00
CA PHE B 127 17.65 -10.71 4.19
C PHE B 127 18.14 -9.56 5.08
N LEU B 128 19.40 -9.15 4.96
CA LEU B 128 19.87 -8.00 5.71
C LEU B 128 19.33 -6.68 5.19
N ASP B 129 18.89 -6.63 3.94
CA ASP B 129 18.80 -5.36 3.21
C ASP B 129 18.05 -4.25 3.94
N PRO B 130 16.91 -4.49 4.61
CA PRO B 130 16.16 -3.35 5.16
C PRO B 130 16.92 -2.48 6.15
N LEU B 131 17.75 -3.06 7.01
CA LEU B 131 18.31 -2.31 8.11
C LEU B 131 19.62 -1.60 7.78
N ALA B 132 20.09 -1.71 6.53
CA ALA B 132 21.31 -1.03 6.08
C ALA B 132 22.56 -1.44 6.84
N TYR B 133 23.72 -1.12 6.28
CA TYR B 133 24.99 -1.68 6.75
C TYR B 133 25.42 -1.11 8.09
N GLU B 134 25.57 0.21 8.19
CA GLU B 134 26.33 0.81 9.29
C GLU B 134 25.76 0.46 10.66
N ILE B 135 24.45 0.26 10.76
CA ILE B 135 23.84 0.06 12.07
C ILE B 135 24.42 -1.18 12.75
N TRP B 136 24.76 -2.21 11.97
CA TRP B 136 25.16 -3.49 12.53
C TRP B 136 26.45 -3.39 13.34
N MET B 137 27.40 -2.55 12.89
CA MET B 137 28.62 -2.33 13.67
C MET B 137 28.31 -1.65 15.00
N CYS B 138 27.45 -0.63 14.99
CA CYS B 138 27.12 0.08 16.21
C CYS B 138 26.50 -0.85 17.23
N ILE B 139 25.62 -1.74 16.78
CA ILE B 139 25.01 -2.73 17.67
C ILE B 139 26.10 -3.54 18.38
N VAL B 140 27.06 -4.03 17.62
CA VAL B 140 28.13 -4.86 18.20
C VAL B 140 28.89 -4.08 19.26
N PHE B 141 29.35 -2.87 18.91
CA PHE B 141 30.13 -2.11 19.88
C PHE B 141 29.31 -1.81 21.13
N ALA B 142 28.02 -1.51 20.94
CA ALA B 142 27.14 -1.26 22.07
C ALA B 142 27.04 -2.49 22.96
N TYR B 143 26.88 -3.66 22.36
CA TYR B 143 26.82 -4.91 23.11
C TYR B 143 28.06 -5.10 23.96
N ILE B 144 29.24 -4.91 23.37
CA ILE B 144 30.49 -5.05 24.12
C ILE B 144 30.50 -4.09 25.30
N GLY B 145 30.32 -2.79 25.01
CA GLY B 145 30.41 -1.81 26.07
C GLY B 145 29.43 -2.07 27.20
N VAL B 146 28.18 -2.38 26.85
CA VAL B 146 27.16 -2.67 27.86
C VAL B 146 27.60 -3.83 28.73
N SER B 147 28.14 -4.89 28.13
CA SER B 147 28.56 -6.04 28.93
C SER B 147 29.67 -5.64 29.89
N VAL B 148 30.63 -4.86 29.42
CA VAL B 148 31.76 -4.49 30.28
C VAL B 148 31.29 -3.62 31.43
N VAL B 149 30.46 -2.63 31.15
CA VAL B 149 30.00 -1.72 32.20
C VAL B 149 29.13 -2.47 33.20
N LEU B 150 28.26 -3.35 32.74
CA LEU B 150 27.49 -4.19 33.65
C LEU B 150 28.41 -4.98 34.57
N PHE B 151 29.39 -5.67 34.00
CA PHE B 151 30.29 -6.48 34.83
C PHE B 151 30.96 -5.63 35.90
N LEU B 152 31.56 -4.51 35.48
CA LEU B 152 32.30 -3.66 36.40
C LEU B 152 31.40 -3.20 37.55
N VAL B 153 30.25 -2.59 37.21
CA VAL B 153 29.38 -2.07 38.26
C VAL B 153 28.84 -3.21 39.12
N SER B 154 28.65 -4.39 38.53
CA SER B 154 28.18 -5.55 39.28
C SER B 154 29.19 -6.03 40.30
N ARG B 155 30.48 -5.80 40.06
CA ARG B 155 31.51 -6.46 40.85
C ARG B 155 32.45 -5.50 41.56
N PHE B 156 32.30 -4.19 41.36
CA PHE B 156 33.18 -3.20 41.95
C PHE B 156 32.81 -2.95 43.41
N SER B 157 33.09 -3.95 44.25
CA SER B 157 32.85 -3.89 45.68
C SER B 157 31.43 -3.46 46.06
N PRO B 158 30.40 -4.22 45.64
CA PRO B 158 29.06 -3.99 46.19
C PRO B 158 28.91 -4.33 47.67
N TYR B 159 30.02 -4.61 48.35
CA TYR B 159 29.98 -5.23 49.68
C TYR B 159 29.11 -6.48 49.70
N SER B 175 31.32 -7.03 47.32
CA SER B 175 32.59 -7.74 47.45
C SER B 175 32.56 -9.04 46.66
N GLU B 176 33.70 -9.71 46.60
CA GLU B 176 33.80 -11.00 45.93
C GLU B 176 32.77 -11.98 46.49
N SER B 177 32.30 -12.88 45.63
CA SER B 177 31.38 -13.99 45.91
C SER B 177 29.98 -13.53 46.28
N THR B 178 29.69 -12.24 46.28
CA THR B 178 28.37 -11.77 46.67
C THR B 178 27.32 -11.99 45.59
N ASN B 179 27.73 -12.21 44.35
CA ASN B 179 26.78 -12.24 43.24
C ASN B 179 27.37 -13.06 42.10
N GLU B 180 26.51 -13.39 41.13
CA GLU B 180 26.86 -14.28 40.03
C GLU B 180 27.51 -13.58 38.84
N PHE B 181 27.52 -12.25 38.80
CA PHE B 181 27.82 -11.53 37.56
C PHE B 181 29.33 -11.51 37.32
N GLY B 182 29.84 -12.68 36.95
CA GLY B 182 31.10 -12.73 36.24
C GLY B 182 30.99 -12.17 34.84
N ILE B 183 32.16 -11.85 34.27
CA ILE B 183 32.20 -11.22 32.95
C ILE B 183 31.58 -12.13 31.90
N PHE B 184 31.93 -13.42 31.94
CA PHE B 184 31.33 -14.39 31.03
C PHE B 184 29.81 -14.41 31.18
N ASN B 185 29.32 -14.55 32.41
CA ASN B 185 27.88 -14.51 32.65
C ASN B 185 27.27 -13.17 32.27
N SER B 186 28.03 -12.07 32.41
CA SER B 186 27.51 -10.77 32.03
C SER B 186 27.32 -10.68 30.52
N LEU B 187 28.28 -11.19 29.75
CA LEU B 187 28.11 -11.28 28.31
C LEU B 187 26.91 -12.14 27.95
N TRP B 188 26.74 -13.27 28.64
CA TRP B 188 25.59 -14.12 28.36
C TRP B 188 24.27 -13.39 28.63
N PHE B 189 24.19 -12.68 29.74
CA PHE B 189 23.00 -11.86 30.01
C PHE B 189 22.78 -10.84 28.90
N SER B 190 23.85 -10.14 28.50
CA SER B 190 23.72 -9.14 27.44
C SER B 190 23.15 -9.76 26.18
N LEU B 191 23.55 -11.00 25.87
CA LEU B 191 23.05 -11.59 24.63
C LEU B 191 21.61 -12.05 24.78
N GLY B 192 21.28 -12.66 25.92
CA GLY B 192 19.91 -13.07 26.17
C GLY B 192 18.92 -11.93 26.22
N ALA B 193 19.38 -10.72 26.53
CA ALA B 193 18.48 -9.56 26.60
C ALA B 193 18.15 -9.04 25.19
N PHE B 194 19.07 -9.15 24.24
CA PHE B 194 18.81 -8.57 22.89
C PHE B 194 17.71 -9.39 22.23
N MET B 195 18.01 -10.62 21.81
CA MET B 195 16.93 -11.50 21.26
C MET B 195 16.07 -11.90 22.45
N GLN B 196 14.90 -11.28 22.62
CA GLN B 196 14.04 -11.51 23.82
C GLN B 196 13.92 -12.99 24.16
N GLN B 197 14.48 -13.41 25.29
CA GLN B 197 14.48 -14.85 25.66
C GLN B 197 14.58 -15.03 27.17
N GLY B 198 15.00 -16.21 27.63
CA GLY B 198 15.10 -16.51 29.04
C GLY B 198 16.17 -15.72 29.77
N CYS B 199 15.76 -15.08 30.87
CA CYS B 199 16.66 -14.39 31.77
C CYS B 199 16.93 -15.30 32.97
N ASP B 200 18.19 -15.71 33.14
CA ASP B 200 18.51 -16.68 34.20
C ASP B 200 18.69 -16.01 35.55
N ILE B 201 19.13 -14.75 35.56
CA ILE B 201 19.49 -14.00 36.77
C ILE B 201 18.93 -12.59 36.63
N SER B 202 19.06 -11.81 37.71
CA SER B 202 18.70 -10.40 37.61
C SER B 202 19.64 -9.55 38.45
N PRO B 203 19.95 -8.34 37.99
CA PRO B 203 20.66 -7.37 38.84
C PRO B 203 19.94 -7.09 40.15
N ARG B 204 20.61 -7.42 41.25
CA ARG B 204 20.05 -7.12 42.57
C ARG B 204 20.14 -5.64 42.95
N SER B 205 21.03 -4.86 42.34
CA SER B 205 21.40 -3.56 42.86
C SER B 205 21.06 -2.45 41.88
N LEU B 206 20.77 -1.27 42.43
CA LEU B 206 20.15 -0.19 41.67
C LEU B 206 20.93 0.14 40.40
N SER B 207 22.22 0.39 40.53
CA SER B 207 23.03 0.75 39.37
C SER B 207 22.98 -0.33 38.30
N GLY B 208 23.07 -1.60 38.70
CA GLY B 208 22.91 -2.68 37.75
C GLY B 208 21.56 -2.66 37.07
N ARG B 209 20.49 -2.39 37.83
CA ARG B 209 19.16 -2.32 37.22
C ARG B 209 19.07 -1.17 36.24
N ILE B 210 19.68 -0.03 36.57
CA ILE B 210 19.75 1.08 35.64
C ILE B 210 20.38 0.63 34.33
N VAL B 211 21.54 0.00 34.43
CA VAL B 211 22.22 -0.49 33.23
C VAL B 211 21.32 -1.44 32.46
N GLY B 212 20.63 -2.34 33.17
CA GLY B 212 19.74 -3.28 32.53
C GLY B 212 18.57 -2.63 31.82
N GLY B 213 18.09 -1.50 32.33
CA GLY B 213 16.86 -0.91 31.85
C GLY B 213 16.90 -0.45 30.41
N VAL B 214 17.73 0.55 30.12
CA VAL B 214 17.72 1.21 28.81
C VAL B 214 17.99 0.22 27.68
N TRP B 215 18.79 -0.81 27.95
CA TRP B 215 19.09 -1.80 26.93
C TRP B 215 17.83 -2.45 26.37
N TRP B 216 16.83 -2.71 27.22
CA TRP B 216 15.57 -3.25 26.74
C TRP B 216 14.87 -2.28 25.80
N PHE B 217 14.81 -1.01 26.18
CA PHE B 217 14.19 -0.02 25.30
C PHE B 217 14.88 0.02 23.95
N PHE B 218 16.22 -0.01 23.96
CA PHE B 218 16.98 0.00 22.70
C PHE B 218 16.60 -1.18 21.82
N THR B 219 16.59 -2.39 22.38
CA THR B 219 16.30 -3.54 21.55
C THR B 219 14.86 -3.50 21.04
N LEU B 220 13.93 -3.04 21.87
CA LEU B 220 12.54 -2.95 21.45
C LEU B 220 12.39 -2.05 20.25
N ILE B 221 13.00 -0.86 20.30
CA ILE B 221 12.92 0.05 19.17
C ILE B 221 13.54 -0.57 17.93
N ILE B 222 14.74 -1.14 18.07
CA ILE B 222 15.41 -1.66 16.88
C ILE B 222 14.56 -2.72 16.21
N ILE B 223 14.08 -3.69 16.99
CA ILE B 223 13.31 -4.79 16.42
C ILE B 223 12.04 -4.27 15.75
N SER B 224 11.33 -3.37 16.41
CA SER B 224 10.12 -2.81 15.81
C SER B 224 10.42 -2.15 14.48
N SER B 225 11.52 -1.39 14.41
CA SER B 225 11.85 -0.72 13.16
C SER B 225 12.11 -1.74 12.06
N TYR B 226 12.91 -2.76 12.36
CA TYR B 226 13.26 -3.74 11.33
C TYR B 226 12.00 -4.43 10.81
N THR B 227 11.18 -4.95 11.73
CA THR B 227 10.01 -5.69 11.28
C THR B 227 9.04 -4.81 10.51
N ALA B 228 8.93 -3.53 10.87
CA ALA B 228 8.07 -2.65 10.07
C ALA B 228 8.63 -2.50 8.66
N ASN B 229 9.93 -2.19 8.56
CA ASN B 229 10.47 -1.81 7.28
C ASN B 229 10.44 -2.98 6.32
N LEU B 230 10.75 -4.18 6.81
CA LEU B 230 10.73 -5.35 5.93
C LEU B 230 9.37 -5.52 5.27
N ALA B 231 8.29 -5.37 6.06
CA ALA B 231 6.96 -5.45 5.48
C ALA B 231 6.71 -4.35 4.47
N ALA B 232 7.20 -3.15 4.76
CA ALA B 232 7.14 -2.07 3.77
C ALA B 232 7.80 -2.48 2.46
N PHE B 233 8.97 -3.12 2.54
CA PHE B 233 9.74 -3.45 1.34
C PHE B 233 8.95 -4.29 0.34
N LEU B 234 8.13 -5.23 0.81
CA LEU B 234 7.54 -6.20 -0.11
C LEU B 234 6.34 -5.66 -0.88
N THR B 235 5.97 -4.40 -0.71
CA THR B 235 4.79 -3.85 -1.35
C THR B 235 5.22 -2.74 -2.30
N VAL B 236 4.70 -2.77 -3.52
CA VAL B 236 5.13 -1.88 -4.60
C VAL B 236 6.62 -2.04 -4.82
N GLU B 237 7.01 -3.11 -5.53
CA GLU B 237 8.41 -3.49 -5.62
C GLU B 237 9.26 -2.36 -6.20
N ARG B 238 9.03 -2.01 -7.46
CA ARG B 238 9.62 -0.84 -8.11
C ARG B 238 11.11 -0.71 -7.79
N MET B 239 11.93 -1.55 -8.41
CA MET B 239 13.36 -1.54 -8.16
C MET B 239 14.15 -1.53 -9.46
N VAL B 240 15.43 -1.15 -9.32
CA VAL B 240 16.53 -1.11 -10.29
C VAL B 240 16.27 -0.14 -11.44
N SER B 241 17.30 0.65 -11.77
CA SER B 241 17.28 1.56 -12.91
C SER B 241 18.71 1.63 -13.42
N PRO B 242 19.09 0.75 -14.34
CA PRO B 242 20.52 0.45 -14.52
C PRO B 242 21.33 1.57 -15.17
N ILE B 243 20.71 2.43 -15.97
CA ILE B 243 21.44 3.52 -16.63
C ILE B 243 20.60 4.79 -16.57
N GLU B 244 21.20 5.88 -16.08
CA GLU B 244 20.50 7.17 -16.08
C GLU B 244 20.52 7.83 -17.44
N SER B 245 21.65 7.76 -18.15
CA SER B 245 21.78 8.32 -19.50
C SER B 245 23.08 7.81 -20.09
N ALA B 246 23.28 8.13 -21.38
CA ALA B 246 24.52 7.78 -22.06
C ALA B 246 25.76 8.37 -21.40
N GLU B 247 25.59 9.32 -20.48
CA GLU B 247 26.68 9.71 -19.59
C GLU B 247 27.27 8.48 -18.91
N ASP B 248 26.42 7.71 -18.23
CA ASP B 248 26.86 6.47 -17.60
C ASP B 248 27.50 5.54 -18.63
N LEU B 249 26.87 5.40 -19.79
CA LEU B 249 27.39 4.53 -20.84
C LEU B 249 28.79 4.96 -21.27
N SER B 250 29.13 6.24 -21.11
CA SER B 250 30.48 6.68 -21.40
C SER B 250 31.43 6.48 -20.23
N LYS B 251 30.93 6.37 -19.00
CA LYS B 251 31.81 6.09 -17.87
C LYS B 251 32.11 4.61 -17.75
N GLN B 252 31.09 3.76 -17.88
CA GLN B 252 31.31 2.32 -17.86
C GLN B 252 31.85 1.84 -19.20
N THR B 253 32.24 0.57 -19.24
CA THR B 253 32.60 -0.11 -20.49
C THR B 253 32.04 -1.52 -20.61
N GLU B 254 31.42 -2.07 -19.57
CA GLU B 254 30.97 -3.46 -19.61
C GLU B 254 29.89 -3.67 -20.67
N ILE B 255 28.86 -2.83 -20.66
CA ILE B 255 27.85 -2.85 -21.70
C ILE B 255 28.42 -2.23 -22.98
N ALA B 256 28.38 -2.98 -24.07
CA ALA B 256 28.86 -2.51 -25.36
C ALA B 256 27.74 -1.77 -26.09
N TYR B 257 28.13 -1.00 -27.10
CA TYR B 257 27.14 -0.22 -27.84
C TYR B 257 27.72 0.20 -29.18
N GLY B 258 26.82 0.61 -30.08
CA GLY B 258 27.23 1.10 -31.37
C GLY B 258 26.02 1.59 -32.13
N THR B 259 26.29 2.30 -33.23
CA THR B 259 25.25 2.81 -34.11
C THR B 259 24.93 1.81 -35.21
N LEU B 260 23.82 2.06 -35.89
CA LEU B 260 23.58 1.44 -37.19
C LEU B 260 24.70 1.87 -38.14
N ASP B 261 25.28 0.90 -38.84
CA ASP B 261 26.40 1.24 -39.71
C ASP B 261 25.92 2.06 -40.91
N SER B 262 26.87 2.81 -41.48
CA SER B 262 26.63 3.79 -42.54
C SER B 262 25.75 4.93 -42.05
N GLY B 263 25.28 4.84 -40.81
CA GLY B 263 24.33 5.81 -40.31
C GLY B 263 24.93 7.20 -40.17
N SER B 264 24.06 8.21 -40.31
CA SER B 264 24.53 9.59 -40.20
C SER B 264 25.00 9.91 -38.79
N THR B 265 24.60 9.12 -37.80
CA THR B 265 25.17 9.22 -36.46
C THR B 265 26.68 9.07 -36.50
N LYS B 266 27.16 8.11 -37.30
CA LYS B 266 28.59 7.86 -37.39
C LYS B 266 29.33 9.08 -37.91
N GLU B 267 28.78 9.75 -38.93
CA GLU B 267 29.39 10.96 -39.44
C GLU B 267 29.29 12.12 -38.45
N PHE B 268 28.17 12.20 -37.72
CA PHE B 268 28.02 13.21 -36.69
C PHE B 268 29.08 13.06 -35.61
N PHE B 269 29.28 11.84 -35.10
CA PHE B 269 30.30 11.56 -34.11
C PHE B 269 31.72 11.74 -34.67
N ARG B 270 31.92 11.45 -35.96
CA ARG B 270 33.23 11.60 -36.58
C ARG B 270 33.82 12.99 -36.40
N ARG B 271 32.99 14.01 -36.23
CA ARG B 271 33.46 15.39 -36.20
C ARG B 271 32.94 16.22 -35.04
N SER B 272 32.02 15.71 -34.23
CA SER B 272 31.52 16.50 -33.11
C SER B 272 32.59 16.67 -32.03
N LYS B 273 32.77 17.90 -31.56
CA LYS B 273 33.87 18.27 -30.69
C LYS B 273 33.55 18.14 -29.21
N ILE B 274 32.32 17.78 -28.85
CA ILE B 274 31.97 17.59 -27.45
C ILE B 274 32.76 16.44 -26.86
N ALA B 275 33.44 16.71 -25.74
CA ALA B 275 34.46 15.79 -25.22
C ALA B 275 33.90 14.39 -25.00
N VAL B 276 32.73 14.29 -24.39
CA VAL B 276 32.10 12.98 -24.20
C VAL B 276 31.83 12.30 -25.54
N PHE B 277 31.21 13.02 -26.47
CA PHE B 277 30.90 12.41 -27.77
C PHE B 277 32.15 12.10 -28.58
N ASP B 278 33.19 12.93 -28.45
CA ASP B 278 34.46 12.64 -29.11
C ASP B 278 35.12 11.40 -28.53
N LYS B 279 35.07 11.25 -27.21
CA LYS B 279 35.56 10.03 -26.56
C LYS B 279 34.77 8.81 -27.05
N MET B 280 33.45 8.92 -27.06
CA MET B 280 32.61 7.82 -27.53
C MET B 280 32.97 7.44 -28.97
N TRP B 281 33.14 8.44 -29.84
CA TRP B 281 33.56 8.18 -31.21
C TRP B 281 34.89 7.46 -31.26
N THR B 282 35.91 7.98 -30.58
CA THR B 282 37.23 7.35 -30.64
C THR B 282 37.17 5.94 -30.09
N TYR B 283 36.33 5.69 -29.09
CA TYR B 283 36.16 4.34 -28.59
C TYR B 283 35.57 3.43 -29.66
N MET B 284 34.41 3.84 -30.22
CA MET B 284 33.73 2.99 -31.19
C MET B 284 34.59 2.73 -32.42
N ARG B 285 35.33 3.75 -32.87
CA ARG B 285 36.35 3.54 -33.89
C ARG B 285 37.39 2.54 -33.43
N SER B 286 37.73 2.57 -32.14
CA SER B 286 38.74 1.69 -31.58
C SER B 286 38.16 0.38 -31.07
N ALA B 287 36.84 0.29 -30.98
CA ALA B 287 36.20 -0.91 -30.46
C ALA B 287 36.54 -2.12 -31.31
N GLU B 288 36.82 -3.24 -30.64
CA GLU B 288 37.41 -4.40 -31.29
C GLU B 288 36.39 -5.24 -32.05
N PRO B 289 35.31 -5.75 -31.43
CA PRO B 289 34.40 -6.63 -32.16
C PRO B 289 33.53 -5.83 -33.12
N SER B 290 32.68 -6.54 -33.86
CA SER B 290 31.79 -5.89 -34.79
C SER B 290 30.73 -5.11 -34.02
N VAL B 291 30.99 -3.84 -33.75
CA VAL B 291 30.05 -3.05 -32.95
C VAL B 291 28.92 -2.49 -33.80
N PHE B 292 29.14 -2.27 -35.09
CA PHE B 292 28.12 -1.69 -35.96
C PHE B 292 27.22 -2.77 -36.55
N VAL B 293 25.97 -2.38 -36.79
CA VAL B 293 24.95 -3.27 -37.34
C VAL B 293 24.41 -2.64 -38.61
N ARG B 294 24.02 -3.48 -39.56
CA ARG B 294 23.64 -2.99 -40.89
C ARG B 294 22.15 -2.69 -41.00
N THR B 295 21.30 -3.32 -40.20
CA THR B 295 19.86 -3.25 -40.42
C THR B 295 19.13 -3.10 -39.10
N THR B 296 17.90 -2.59 -39.21
CA THR B 296 17.02 -2.45 -38.05
C THR B 296 16.78 -3.77 -37.34
N ALA B 297 16.52 -4.84 -38.11
CA ALA B 297 16.33 -6.17 -37.52
C ALA B 297 17.56 -6.60 -36.75
N GLU B 298 18.75 -6.39 -37.29
CA GLU B 298 19.97 -6.75 -36.59
C GLU B 298 20.10 -5.97 -35.29
N GLY B 299 19.87 -4.65 -35.35
CA GLY B 299 19.92 -3.84 -34.15
C GLY B 299 18.96 -4.29 -33.07
N VAL B 300 17.74 -4.66 -33.45
CA VAL B 300 16.77 -5.18 -32.49
C VAL B 300 17.24 -6.51 -31.91
N ALA B 301 17.60 -7.46 -32.78
CA ALA B 301 17.94 -8.80 -32.33
C ALA B 301 19.16 -8.78 -31.41
N ARG B 302 20.17 -7.98 -31.75
CA ARG B 302 21.39 -7.94 -30.95
C ARG B 302 21.09 -7.52 -29.52
N VAL B 303 20.29 -6.47 -29.36
CA VAL B 303 19.91 -6.00 -28.03
C VAL B 303 19.08 -7.06 -27.30
N ARG B 304 18.03 -7.55 -27.94
CA ARG B 304 17.18 -8.55 -27.27
C ARG B 304 17.98 -9.78 -26.84
N LYS B 305 18.87 -10.24 -27.72
CA LYS B 305 19.77 -11.33 -27.39
C LYS B 305 20.67 -11.00 -26.21
N SER B 306 21.24 -9.80 -26.19
CA SER B 306 22.33 -9.48 -25.28
C SER B 306 21.89 -9.27 -23.85
N LYS B 307 20.59 -9.41 -23.54
CA LYS B 307 20.08 -9.19 -22.19
C LYS B 307 20.47 -7.81 -21.64
N GLY B 308 20.56 -6.83 -22.53
CA GLY B 308 21.00 -5.50 -22.16
C GLY B 308 22.50 -5.31 -22.06
N LYS B 309 23.29 -6.35 -22.30
CA LYS B 309 24.74 -6.19 -22.33
C LYS B 309 25.21 -5.44 -23.56
N TYR B 310 24.33 -5.25 -24.55
CA TYR B 310 24.57 -4.34 -25.67
C TYR B 310 23.40 -3.38 -25.80
N ALA B 311 23.71 -2.12 -26.17
CA ALA B 311 22.70 -1.08 -26.31
C ALA B 311 22.81 -0.43 -27.68
N TYR B 312 21.67 0.01 -28.20
CA TYR B 312 21.54 0.42 -29.59
C TYR B 312 21.06 1.85 -29.70
N LEU B 313 21.63 2.59 -30.64
CA LEU B 313 21.28 3.98 -30.90
C LEU B 313 20.40 4.07 -32.14
N LEU B 314 19.33 4.87 -32.06
CA LEU B 314 18.47 5.07 -33.22
C LEU B 314 17.72 6.39 -33.08
N GLU B 315 17.14 6.81 -34.20
CA GLU B 315 16.20 7.93 -34.21
C GLU B 315 14.94 7.59 -33.45
N SER B 316 14.52 8.49 -32.56
CA SER B 316 13.46 8.19 -31.60
C SER B 316 12.15 7.83 -32.29
N THR B 317 11.91 8.31 -33.51
CA THR B 317 10.66 8.01 -34.19
C THR B 317 10.52 6.53 -34.54
N MET B 318 11.62 5.81 -34.70
CA MET B 318 11.56 4.35 -34.75
C MET B 318 11.34 3.76 -33.38
N ASN B 319 12.07 4.26 -32.37
CA ASN B 319 11.97 3.74 -31.01
C ASN B 319 10.53 3.75 -30.51
N GLU B 320 9.85 4.90 -30.63
CA GLU B 320 8.47 4.97 -30.16
C GLU B 320 7.50 4.13 -30.98
N TYR B 321 7.86 3.77 -32.21
CA TYR B 321 7.03 2.83 -32.96
C TYR B 321 7.29 1.40 -32.50
N ILE B 322 8.56 1.01 -32.42
CA ILE B 322 8.93 -0.32 -31.96
C ILE B 322 8.44 -0.54 -30.53
N GLU B 323 8.48 0.51 -29.71
CA GLU B 323 8.00 0.43 -28.33
C GLU B 323 6.58 -0.11 -28.26
N GLN B 324 5.75 0.16 -29.27
CA GLN B 324 4.38 -0.32 -29.25
C GLN B 324 4.21 -1.70 -29.88
N ARG B 325 5.15 -2.12 -30.72
CA ARG B 325 5.11 -3.46 -31.32
C ARG B 325 5.50 -4.49 -30.27
N LYS B 326 4.51 -5.15 -29.68
CA LYS B 326 4.73 -6.10 -28.62
C LYS B 326 5.67 -7.23 -29.10
N PRO B 327 6.48 -7.82 -28.19
CA PRO B 327 6.50 -7.64 -26.73
C PRO B 327 7.09 -6.30 -26.30
N CYS B 328 6.53 -5.68 -25.26
CA CYS B 328 6.99 -4.37 -24.81
C CYS B 328 8.25 -4.46 -23.97
N ASP B 329 9.31 -5.11 -24.47
CA ASP B 329 10.50 -5.37 -23.68
C ASP B 329 11.65 -4.40 -23.99
N THR B 330 11.38 -3.31 -24.68
CA THR B 330 12.37 -2.28 -24.94
C THR B 330 11.88 -0.94 -24.42
N MET B 331 12.82 -0.08 -24.01
CA MET B 331 12.41 1.21 -23.47
C MET B 331 13.47 2.27 -23.78
N LYS B 332 13.01 3.51 -23.89
CA LYS B 332 13.88 4.68 -23.89
C LYS B 332 14.37 5.01 -22.49
N VAL B 333 15.62 5.50 -22.42
CA VAL B 333 16.11 6.23 -21.26
C VAL B 333 16.92 7.42 -21.76
N GLY B 334 16.99 8.46 -20.93
CA GLY B 334 17.58 9.71 -21.34
C GLY B 334 16.68 10.55 -22.21
N GLY B 335 16.96 11.86 -22.21
CA GLY B 335 16.16 12.87 -22.88
C GLY B 335 16.41 13.10 -24.36
N ASN B 336 16.79 12.06 -25.10
CA ASN B 336 17.22 12.07 -26.50
C ASN B 336 18.45 12.94 -26.71
N LEU B 337 19.13 12.79 -27.85
CA LEU B 337 20.46 13.37 -28.03
C LEU B 337 20.48 14.67 -28.83
N ASP B 338 19.65 14.82 -29.85
CA ASP B 338 19.82 15.93 -30.79
C ASP B 338 18.49 16.28 -31.45
N SER B 339 18.53 17.29 -32.32
CA SER B 339 17.39 17.69 -33.15
C SER B 339 17.83 17.75 -34.60
N LYS B 340 17.08 17.09 -35.48
CA LYS B 340 17.39 17.03 -36.90
C LYS B 340 16.08 16.94 -37.67
N GLY B 341 16.14 17.28 -38.96
CA GLY B 341 15.00 17.23 -39.84
C GLY B 341 15.05 16.06 -40.82
N TYR B 342 13.87 15.59 -41.21
CA TYR B 342 13.70 14.71 -42.36
C TYR B 342 12.94 15.46 -43.45
N GLY B 343 13.39 15.31 -44.70
CA GLY B 343 12.76 15.99 -45.81
C GLY B 343 12.86 15.20 -47.10
N ILE B 344 12.10 15.68 -48.08
CA ILE B 344 12.16 15.14 -49.44
C ILE B 344 13.40 15.71 -50.14
N ALA B 345 13.93 14.97 -51.11
CA ALA B 345 15.14 15.37 -51.81
C ALA B 345 14.97 15.21 -53.32
N THR B 346 15.84 15.90 -54.06
CA THR B 346 15.73 16.05 -55.49
C THR B 346 17.10 16.40 -56.08
N PRO B 347 17.54 15.74 -57.15
CA PRO B 347 18.87 16.03 -57.68
C PRO B 347 18.93 17.41 -58.34
N LYS B 348 20.15 17.94 -58.40
CA LYS B 348 20.36 19.30 -58.86
C LYS B 348 19.87 19.50 -60.29
N GLY B 349 19.17 20.61 -60.52
CA GLY B 349 18.61 20.93 -61.82
C GLY B 349 17.36 20.19 -62.21
N SER B 350 16.88 19.26 -61.39
CA SER B 350 15.65 18.56 -61.73
C SER B 350 14.46 19.50 -61.58
N SER B 351 13.62 19.54 -62.62
CA SER B 351 12.50 20.48 -62.65
C SER B 351 11.45 20.16 -61.60
N LEU B 352 11.39 18.91 -61.13
CA LEU B 352 10.36 18.49 -60.20
C LEU B 352 10.51 19.15 -58.83
N GLY B 353 11.68 19.68 -58.52
CA GLY B 353 12.00 20.11 -57.17
C GLY B 353 11.10 21.17 -56.55
N THR B 354 11.08 22.38 -57.10
CA THR B 354 10.22 23.41 -56.53
C THR B 354 8.72 23.12 -56.62
N PRO B 355 8.16 22.50 -57.67
CA PRO B 355 6.71 22.23 -57.65
C PRO B 355 6.28 21.19 -56.62
N VAL B 356 7.17 20.31 -56.17
CA VAL B 356 6.86 19.52 -54.99
C VAL B 356 7.20 20.25 -53.69
N ASN B 357 8.24 21.10 -53.69
CA ASN B 357 8.57 21.84 -52.47
C ASN B 357 7.44 22.76 -52.06
N LEU B 358 6.79 23.43 -53.02
CA LEU B 358 5.62 24.23 -52.71
C LEU B 358 4.46 23.38 -52.18
N ALA B 359 4.32 22.14 -52.66
CA ALA B 359 3.30 21.24 -52.12
C ALA B 359 3.62 20.82 -50.69
N VAL B 360 4.90 20.56 -50.41
CA VAL B 360 5.32 20.30 -49.04
C VAL B 360 5.03 21.49 -48.15
N LEU B 361 5.29 22.70 -48.64
CA LEU B 361 4.95 23.90 -47.88
C LEU B 361 3.45 23.99 -47.61
N LYS B 362 2.64 23.70 -48.63
CA LYS B 362 1.19 23.61 -48.46
C LYS B 362 0.82 22.66 -47.33
N LEU B 363 1.34 21.44 -47.36
CA LEU B 363 1.02 20.48 -46.30
C LEU B 363 1.53 20.94 -44.95
N SER B 364 2.70 21.59 -44.93
CA SER B 364 3.29 22.05 -43.69
C SER B 364 2.43 23.11 -43.02
N GLU B 365 1.81 23.97 -43.82
CA GLU B 365 0.96 25.02 -43.25
C GLU B 365 -0.47 24.56 -43.03
N GLN B 366 -0.96 23.60 -43.82
CA GLN B 366 -2.28 23.04 -43.60
C GLN B 366 -2.32 22.01 -42.48
N GLY B 367 -1.17 21.46 -42.08
CA GLY B 367 -1.13 20.57 -40.94
C GLY B 367 -1.63 19.16 -41.20
N VAL B 368 -1.88 18.80 -42.47
CA VAL B 368 -2.38 17.47 -42.81
C VAL B 368 -1.47 16.37 -42.27
N LEU B 369 -0.18 16.66 -42.09
CA LEU B 369 0.75 15.68 -41.53
C LEU B 369 0.29 15.12 -40.19
N ASP B 370 -0.48 15.89 -39.43
CA ASP B 370 -0.97 15.40 -38.15
C ASP B 370 -1.92 14.22 -38.30
N LYS B 371 -2.73 14.23 -39.36
CA LYS B 371 -3.54 13.05 -39.68
C LYS B 371 -2.67 11.82 -39.91
N LEU B 372 -1.62 11.97 -40.71
CA LEU B 372 -0.74 10.84 -41.01
C LEU B 372 -0.04 10.31 -39.76
N LYS B 373 0.46 11.22 -38.91
CA LYS B 373 1.11 10.80 -37.67
C LYS B 373 0.15 10.02 -36.77
N ASN B 374 -1.09 10.51 -36.62
CA ASN B 374 -2.09 9.78 -35.86
C ASN B 374 -2.34 8.41 -36.48
N LYS B 375 -2.57 8.37 -37.79
CA LYS B 375 -2.89 7.13 -38.48
C LYS B 375 -1.80 6.08 -38.35
N TRP B 376 -0.53 6.50 -38.32
CA TRP B 376 0.57 5.54 -38.42
C TRP B 376 1.37 5.35 -37.13
N TRP B 377 1.17 6.17 -36.10
CA TRP B 377 1.71 5.82 -34.78
C TRP B 377 0.63 5.66 -33.72
N TYR B 378 -0.16 6.70 -33.51
CA TYR B 378 -0.96 6.82 -32.29
C TYR B 378 -2.18 5.92 -32.32
N ASP B 379 -2.79 5.74 -33.48
CA ASP B 379 -3.83 4.73 -33.63
C ASP B 379 -3.30 3.31 -33.42
N LYS B 380 -1.98 3.11 -33.54
CA LYS B 380 -1.35 1.82 -33.30
C LYS B 380 -0.80 1.68 -31.89
N GLY B 381 -1.14 2.59 -30.98
CA GLY B 381 -0.77 2.39 -29.59
C GLY B 381 -1.52 1.24 -28.95
N GLU B 382 -0.76 0.33 -28.35
CA GLU B 382 -1.33 -0.88 -27.78
C GLU B 382 -0.96 -1.09 -26.31
N CYS B 383 0.28 -0.73 -25.96
CA CYS B 383 0.88 -1.19 -24.70
C CYS B 383 0.51 -0.25 -23.56
N GLY B 384 -0.73 -0.38 -23.09
CA GLY B 384 -1.17 0.35 -21.92
C GLY B 384 -0.71 -0.32 -20.64
N ALA B 385 -0.05 -1.48 -20.77
CA ALA B 385 0.64 -2.10 -19.65
C ALA B 385 1.72 -1.22 -19.04
N LYS B 386 2.17 -0.19 -19.77
CA LYS B 386 3.06 0.80 -19.19
C LYS B 386 2.51 1.35 -17.88
N ASP B 387 1.21 1.59 -17.82
CA ASP B 387 0.55 2.18 -16.65
C ASP B 387 0.17 1.15 -15.61
N SER B 388 0.64 -0.10 -15.74
CA SER B 388 0.26 -1.19 -14.86
C SER B 388 -1.26 -1.39 -14.84
N GLY B 389 -1.82 -1.52 -16.04
CA GLY B 389 -3.25 -1.69 -16.23
C GLY B 389 -3.82 -2.97 -15.61
N SER B 390 -2.96 -3.91 -15.22
CA SER B 390 -3.37 -5.04 -14.41
C SER B 390 -2.41 -5.22 -13.25
N LYS B 391 -2.96 -5.65 -12.12
CA LYS B 391 -2.25 -5.63 -10.83
C LYS B 391 -1.76 -7.04 -10.50
N GLU B 392 -0.46 -7.15 -10.24
CA GLU B 392 0.11 -8.40 -9.79
C GLU B 392 -0.48 -8.79 -8.42
N LYS B 393 -0.25 -10.04 -8.06
CA LYS B 393 -0.60 -10.54 -6.72
C LYS B 393 0.59 -11.26 -6.13
N THR B 394 0.81 -11.02 -4.83
CA THR B 394 1.99 -11.54 -4.15
C THR B 394 1.91 -13.07 -4.05
N SER B 395 3.07 -13.70 -3.87
CA SER B 395 3.16 -15.11 -3.58
C SER B 395 4.14 -15.33 -2.43
N ALA B 396 4.12 -16.54 -1.89
CA ALA B 396 4.89 -16.87 -0.71
C ALA B 396 6.38 -16.68 -0.96
N LEU B 397 7.13 -16.47 0.13
CA LEU B 397 8.57 -16.41 0.05
C LEU B 397 9.14 -17.76 -0.38
N SER B 398 10.11 -17.71 -1.28
CA SER B 398 10.87 -18.90 -1.64
C SER B 398 11.89 -19.22 -0.58
N LEU B 399 12.38 -20.46 -0.60
CA LEU B 399 13.48 -20.84 0.27
C LEU B 399 14.71 -19.97 0.00
N SER B 400 14.93 -19.62 -1.27
CA SER B 400 16.05 -18.76 -1.62
C SER B 400 16.00 -17.42 -0.89
N ASN B 401 14.80 -16.90 -0.63
CA ASN B 401 14.70 -15.55 -0.08
C ASN B 401 15.18 -15.45 1.36
N VAL B 402 15.37 -16.58 2.04
CA VAL B 402 15.91 -16.58 3.40
C VAL B 402 17.06 -17.57 3.56
N ALA B 403 17.48 -18.24 2.48
CA ALA B 403 18.37 -19.39 2.60
C ALA B 403 19.61 -19.08 3.42
N GLY B 404 20.11 -17.85 3.30
CA GLY B 404 21.31 -17.41 4.00
C GLY B 404 21.40 -17.80 5.46
N VAL B 405 20.29 -17.65 6.19
CA VAL B 405 20.34 -17.85 7.64
C VAL B 405 20.65 -19.31 7.99
N PHE B 406 20.20 -20.26 7.15
CA PHE B 406 20.43 -21.67 7.47
C PHE B 406 21.91 -22.00 7.51
N TYR B 407 22.67 -21.47 6.53
CA TYR B 407 24.12 -21.65 6.52
C TYR B 407 24.76 -21.15 7.81
N ILE B 408 24.34 -19.96 8.26
CA ILE B 408 24.90 -19.41 9.51
C ILE B 408 24.66 -20.38 10.65
N LEU B 409 23.43 -20.89 10.76
CA LEU B 409 23.09 -21.81 11.84
C LEU B 409 23.99 -23.05 11.79
N VAL B 410 24.10 -23.66 10.61
CA VAL B 410 24.83 -24.93 10.52
C VAL B 410 26.30 -24.71 10.81
N GLY B 411 26.86 -23.61 10.31
CA GLY B 411 28.23 -23.26 10.65
C GLY B 411 28.43 -23.07 12.13
N GLY B 412 27.48 -22.41 12.79
CA GLY B 412 27.58 -22.24 14.23
C GLY B 412 27.60 -23.57 14.96
N LEU B 413 26.72 -24.49 14.60
CA LEU B 413 26.74 -25.81 15.22
C LEU B 413 28.05 -26.54 14.97
N GLY B 414 28.55 -26.47 13.73
CA GLY B 414 29.81 -27.10 13.41
C GLY B 414 30.94 -26.58 14.28
N LEU B 415 31.03 -25.27 14.44
CA LEU B 415 32.01 -24.70 15.35
C LEU B 415 31.76 -25.16 16.78
N ALA B 416 30.49 -25.21 17.19
CA ALA B 416 30.14 -25.53 18.57
C ALA B 416 30.62 -26.91 18.98
N MET B 417 30.63 -27.87 18.06
CA MET B 417 31.13 -29.21 18.42
C MET B 417 32.63 -29.20 18.74
N LEU B 418 33.41 -28.37 18.03
CA LEU B 418 34.87 -28.44 18.13
C LEU B 418 35.37 -27.99 19.50
N VAL B 419 34.72 -26.97 20.06
CA VAL B 419 35.11 -26.44 21.36
C VAL B 419 35.11 -27.52 22.42
N ALA B 420 34.13 -28.43 22.36
CA ALA B 420 34.01 -29.43 23.42
C ALA B 420 35.21 -30.37 23.38
N LEU B 421 35.64 -30.76 22.18
CA LEU B 421 36.80 -31.63 22.06
C LEU B 421 38.07 -30.94 22.55
N ILE B 422 38.26 -29.66 22.17
CA ILE B 422 39.48 -28.99 22.62
C ILE B 422 39.46 -28.79 24.13
N GLU B 423 38.29 -28.50 24.70
CA GLU B 423 38.15 -28.44 26.15
C GLU B 423 38.52 -29.78 26.80
N PHE B 424 38.01 -30.88 26.27
CA PHE B 424 38.32 -32.18 26.86
C PHE B 424 39.79 -32.52 26.75
N CYS B 425 40.44 -32.16 25.65
CA CYS B 425 41.88 -32.40 25.54
C CYS B 425 42.68 -31.52 26.50
N TYR B 426 42.24 -30.28 26.72
CA TYR B 426 42.91 -29.44 27.71
C TYR B 426 42.86 -30.07 29.09
N LYS B 427 41.69 -30.56 29.49
CA LYS B 427 41.52 -31.27 30.76
C LYS B 427 41.93 -32.74 30.69
N SER B 428 42.77 -33.12 29.74
CA SER B 428 43.24 -34.50 29.63
C SER B 428 44.47 -34.77 30.51
N ARG B 429 44.89 -33.81 31.31
CA ARG B 429 46.06 -33.98 32.16
C ARG B 429 45.93 -33.15 33.44
N GLU C 1 33.25 55.02 -43.64
CA GLU C 1 32.05 54.48 -43.02
C GLU C 1 30.80 55.22 -43.49
N GLN C 2 29.72 54.47 -43.72
CA GLN C 2 28.45 55.07 -44.11
C GLN C 2 27.69 55.59 -42.91
N LYS C 3 27.27 54.68 -42.01
CA LYS C 3 26.68 55.07 -40.75
C LYS C 3 26.82 53.92 -39.76
N THR C 4 26.82 54.27 -38.47
CA THR C 4 26.78 53.27 -37.42
C THR C 4 25.44 52.53 -37.41
N VAL C 5 25.50 51.21 -37.48
CA VAL C 5 24.30 50.40 -37.64
C VAL C 5 23.52 50.34 -36.33
N VAL C 6 22.21 50.55 -36.41
CA VAL C 6 21.35 50.57 -35.23
C VAL C 6 21.03 49.12 -34.86
N VAL C 7 21.48 48.69 -33.69
CA VAL C 7 21.29 47.33 -33.21
C VAL C 7 20.22 47.33 -32.12
N THR C 8 19.25 46.41 -32.25
CA THR C 8 18.25 46.19 -31.22
C THR C 8 18.63 44.99 -30.36
N THR C 9 18.49 45.15 -29.05
CA THR C 9 18.95 44.16 -28.09
C THR C 9 18.10 44.28 -26.83
N ILE C 10 18.04 43.19 -26.06
CA ILE C 10 17.44 43.20 -24.73
C ILE C 10 18.40 42.52 -23.75
N LEU C 11 18.41 43.01 -22.52
CA LEU C 11 19.26 42.44 -21.48
C LEU C 11 18.70 41.09 -21.04
N GLU C 12 19.53 40.04 -21.16
CA GLU C 12 19.19 38.72 -20.64
C GLU C 12 20.50 37.97 -20.44
N SER C 13 20.75 37.50 -19.23
CA SER C 13 21.86 36.59 -19.01
C SER C 13 21.60 35.25 -19.70
N PRO C 14 22.61 34.64 -20.30
CA PRO C 14 23.98 35.15 -20.51
C PRO C 14 24.09 35.92 -21.82
N TYR C 15 22.97 36.10 -22.52
CA TYR C 15 23.00 36.72 -23.84
C TYR C 15 23.57 38.14 -23.78
N VAL C 16 22.96 38.98 -22.95
CA VAL C 16 23.41 40.36 -22.78
C VAL C 16 23.21 40.75 -21.32
N MET C 17 24.21 41.42 -20.75
CA MET C 17 24.14 41.87 -19.37
C MET C 17 24.71 43.28 -19.29
N MET C 18 24.34 43.99 -18.23
CA MET C 18 25.04 45.23 -17.89
C MET C 18 26.41 44.92 -17.33
N LYS C 19 27.39 45.75 -17.69
CA LYS C 19 28.70 45.67 -17.06
C LYS C 19 28.61 46.12 -15.60
N LYS C 20 29.62 45.71 -14.82
CA LYS C 20 29.57 45.91 -13.36
C LYS C 20 29.34 47.37 -12.98
N ASN C 21 29.83 48.31 -13.78
CA ASN C 21 29.70 49.73 -13.50
C ASN C 21 29.27 50.49 -14.75
N HIS C 22 28.33 49.89 -15.50
CA HIS C 22 27.95 50.37 -16.83
C HIS C 22 27.70 51.88 -16.87
N GLU C 23 27.15 52.45 -15.80
CA GLU C 23 26.90 53.88 -15.75
C GLU C 23 28.15 54.72 -15.99
N MET C 24 29.34 54.15 -15.77
CA MET C 24 30.59 54.85 -16.03
C MET C 24 31.07 54.74 -17.47
N LEU C 25 30.51 53.83 -18.25
CA LEU C 25 31.15 53.36 -19.48
C LEU C 25 30.54 54.00 -20.71
N GLU C 26 31.20 53.77 -21.84
CA GLU C 26 30.67 54.16 -23.15
C GLU C 26 29.36 53.43 -23.44
N GLY C 27 28.58 54.03 -24.34
CA GLY C 27 27.22 53.57 -24.57
C GLY C 27 27.15 52.11 -24.97
N ASN C 28 28.03 51.69 -25.88
CA ASN C 28 28.14 50.26 -26.17
C ASN C 28 28.90 49.52 -25.09
N GLU C 29 29.91 50.14 -24.48
CA GLU C 29 30.75 49.44 -23.51
C GLU C 29 30.00 49.13 -22.22
N ARG C 30 28.85 49.78 -22.00
CA ARG C 30 27.96 49.46 -20.90
C ARG C 30 27.61 47.98 -20.80
N TYR C 31 27.69 47.23 -21.90
CA TYR C 31 27.08 45.92 -21.99
C TYR C 31 28.14 44.84 -22.19
N GLU C 32 27.80 43.63 -21.76
CA GLU C 32 28.64 42.46 -22.00
C GLU C 32 27.72 41.26 -22.09
N GLY C 33 28.14 40.26 -22.85
CA GLY C 33 27.32 39.07 -23.03
C GLY C 33 27.57 38.44 -24.37
N TYR C 34 27.01 37.23 -24.52
CA TYR C 34 27.20 36.44 -25.74
C TYR C 34 26.88 37.26 -26.99
N CYS C 35 25.75 37.98 -26.98
CA CYS C 35 25.35 38.75 -28.15
C CYS C 35 26.19 40.00 -28.31
N VAL C 36 26.66 40.59 -27.21
CA VAL C 36 27.57 41.74 -27.32
C VAL C 36 28.84 41.32 -28.03
N ASP C 37 29.38 40.16 -27.67
CA ASP C 37 30.53 39.59 -28.37
C ASP C 37 30.20 39.33 -29.84
N LEU C 38 29.06 38.69 -30.09
CA LEU C 38 28.68 38.36 -31.46
C LEU C 38 28.56 39.61 -32.33
N ALA C 39 28.12 40.73 -31.74
CA ALA C 39 28.02 41.97 -32.52
C ALA C 39 29.40 42.47 -32.92
N ALA C 40 30.38 42.33 -32.03
CA ALA C 40 31.75 42.69 -32.39
C ALA C 40 32.30 41.76 -33.46
N GLU C 41 31.91 40.49 -33.43
CA GLU C 41 32.33 39.57 -34.48
C GLU C 41 31.73 39.96 -35.83
N ILE C 42 30.44 40.33 -35.83
CA ILE C 42 29.81 40.78 -37.07
C ILE C 42 30.49 42.05 -37.57
N ALA C 43 30.80 42.97 -36.66
CA ALA C 43 31.48 44.20 -37.06
C ALA C 43 32.84 43.91 -37.68
N LYS C 44 33.58 42.97 -37.11
CA LYS C 44 34.84 42.55 -37.71
C LYS C 44 34.64 41.98 -39.11
N HIS C 45 33.78 40.97 -39.24
CA HIS C 45 33.71 40.22 -40.50
C HIS C 45 33.06 41.04 -41.60
N CYS C 46 32.02 41.81 -41.29
CA CYS C 46 31.35 42.64 -42.27
C CYS C 46 31.98 44.02 -42.43
N GLY C 47 32.80 44.45 -41.49
CA GLY C 47 33.63 45.61 -41.71
C GLY C 47 33.00 46.97 -41.46
N PHE C 48 32.05 47.08 -40.53
CA PHE C 48 31.37 48.35 -40.32
C PHE C 48 31.02 48.51 -38.85
N LYS C 49 30.83 49.76 -38.46
CA LYS C 49 30.48 50.15 -37.10
C LYS C 49 29.00 49.92 -36.82
N TYR C 50 28.66 49.88 -35.53
CA TYR C 50 27.31 49.56 -35.10
C TYR C 50 26.97 50.34 -33.84
N LYS C 51 25.68 50.58 -33.63
CA LYS C 51 25.18 51.25 -32.44
C LYS C 51 24.25 50.31 -31.68
N LEU C 52 24.58 50.02 -30.43
CA LEU C 52 23.75 49.20 -29.58
C LEU C 52 22.59 50.02 -29.01
N THR C 53 21.37 49.48 -29.09
CA THR C 53 20.19 50.13 -28.55
C THR C 53 19.36 49.11 -27.78
N ILE C 54 18.88 49.50 -26.61
CA ILE C 54 17.96 48.69 -25.83
C ILE C 54 16.56 48.78 -26.43
N VAL C 55 15.94 47.63 -26.66
CA VAL C 55 14.55 47.61 -27.12
C VAL C 55 13.66 48.18 -26.02
N GLY C 56 12.90 49.23 -26.36
CA GLY C 56 12.26 50.02 -25.33
C GLY C 56 11.20 49.27 -24.54
N ASP C 57 10.37 48.48 -25.21
CA ASP C 57 9.35 47.71 -24.52
C ASP C 57 9.81 46.34 -24.05
N GLY C 58 11.07 45.97 -24.25
CA GLY C 58 11.63 44.84 -23.52
C GLY C 58 11.01 43.49 -23.80
N LYS C 59 10.62 43.23 -25.05
CA LYS C 59 10.01 41.93 -25.37
C LYS C 59 10.22 41.62 -26.84
N TYR C 60 10.15 40.32 -27.16
CA TYR C 60 10.11 39.89 -28.55
C TYR C 60 8.89 40.45 -29.28
N GLY C 61 7.73 40.44 -28.65
CA GLY C 61 6.52 41.00 -29.23
C GLY C 61 5.69 39.96 -29.96
N ALA C 62 4.46 40.37 -30.28
CA ALA C 62 3.49 39.55 -30.98
C ALA C 62 2.71 40.40 -31.97
N ARG C 63 1.95 39.74 -32.84
CA ARG C 63 0.97 40.45 -33.66
C ARG C 63 -0.17 40.95 -32.79
N ASP C 64 -0.52 42.22 -32.95
CA ASP C 64 -1.60 42.81 -32.17
C ASP C 64 -2.94 42.23 -32.61
N ALA C 65 -3.88 42.16 -31.66
CA ALA C 65 -5.22 41.67 -31.95
C ALA C 65 -5.95 42.59 -32.93
N ASP C 66 -6.54 41.98 -33.97
CA ASP C 66 -7.47 42.63 -34.88
C ASP C 66 -6.89 43.81 -35.65
N THR C 67 -5.61 44.12 -35.44
CA THR C 67 -4.97 45.21 -36.18
C THR C 67 -3.83 44.71 -37.04
N LYS C 68 -3.23 43.57 -36.70
CA LYS C 68 -1.99 43.06 -37.29
C LYS C 68 -0.84 44.06 -37.17
N ILE C 69 -0.92 44.97 -36.20
CA ILE C 69 0.24 45.73 -35.80
C ILE C 69 1.32 44.78 -35.29
N TRP C 70 2.58 45.21 -35.37
CA TRP C 70 3.68 44.61 -34.64
C TRP C 70 4.13 45.52 -33.51
N ASN C 71 4.39 44.92 -32.35
CA ASN C 71 5.11 45.54 -31.25
C ASN C 71 6.45 44.83 -31.06
N GLY C 72 7.13 45.19 -29.98
CA GLY C 72 8.41 44.59 -29.69
C GLY C 72 9.49 44.86 -30.73
N MET C 73 10.57 44.08 -30.60
CA MET C 73 11.67 44.14 -31.57
C MET C 73 11.16 43.97 -33.00
N VAL C 74 10.19 43.09 -33.21
CA VAL C 74 9.64 42.92 -34.55
C VAL C 74 9.00 44.23 -35.03
N GLY C 75 8.22 44.87 -34.15
CA GLY C 75 7.71 46.19 -34.45
C GLY C 75 8.79 47.18 -34.84
N GLU C 76 9.87 47.22 -34.06
CA GLU C 76 10.97 48.14 -34.38
C GLU C 76 11.62 47.82 -35.71
N LEU C 77 11.62 46.54 -36.10
CA LEU C 77 12.19 46.15 -37.39
C LEU C 77 11.28 46.53 -38.55
N VAL C 78 9.97 46.29 -38.42
CA VAL C 78 9.06 46.54 -39.53
C VAL C 78 8.77 48.03 -39.72
N TYR C 79 8.86 48.84 -38.65
CA TYR C 79 8.73 50.28 -38.79
C TYR C 79 10.05 50.98 -39.06
N GLY C 80 11.12 50.22 -39.26
CA GLY C 80 12.40 50.80 -39.63
C GLY C 80 13.07 51.61 -38.56
N LYS C 81 12.74 51.37 -37.28
CA LYS C 81 13.39 52.10 -36.20
C LYS C 81 14.81 51.63 -35.97
N ALA C 82 15.20 50.51 -36.55
CA ALA C 82 16.53 49.94 -36.36
C ALA C 82 16.89 49.12 -37.59
N ASP C 83 18.17 48.75 -37.67
CA ASP C 83 18.74 48.16 -38.88
C ASP C 83 18.94 46.66 -38.78
N ILE C 84 19.28 46.14 -37.60
CA ILE C 84 19.58 44.72 -37.46
C ILE C 84 19.20 44.29 -36.05
N ALA C 85 18.74 43.04 -35.94
CA ALA C 85 18.22 42.50 -34.70
C ALA C 85 19.25 41.54 -34.10
N ILE C 86 19.65 41.79 -32.86
CA ILE C 86 20.57 40.92 -32.13
C ILE C 86 19.90 40.61 -30.80
N ALA C 87 19.14 39.51 -30.77
CA ALA C 87 18.49 39.00 -29.58
C ALA C 87 18.13 37.55 -29.84
N PRO C 88 17.86 36.77 -28.79
CA PRO C 88 17.48 35.37 -29.03
C PRO C 88 16.07 35.25 -29.62
N LEU C 89 15.89 35.87 -30.78
CA LEU C 89 14.66 35.76 -31.55
C LEU C 89 14.54 34.36 -32.15
N THR C 90 13.45 33.66 -31.87
CA THR C 90 13.18 32.39 -32.53
C THR C 90 12.58 32.59 -33.92
N ILE C 91 12.98 31.73 -34.84
CA ILE C 91 12.49 31.77 -36.22
C ILE C 91 11.14 31.07 -36.27
N THR C 92 10.10 31.80 -36.69
CA THR C 92 8.78 31.21 -36.86
C THR C 92 8.06 31.86 -38.02
N LEU C 93 7.16 31.08 -38.63
CA LEU C 93 6.59 31.44 -39.94
C LEU C 93 5.95 32.82 -39.93
N VAL C 94 5.16 33.13 -38.90
CA VAL C 94 4.38 34.36 -38.87
C VAL C 94 5.25 35.60 -38.83
N ARG C 95 6.52 35.48 -38.44
CA ARG C 95 7.45 36.58 -38.54
C ARG C 95 8.42 36.45 -39.71
N GLU C 96 8.70 35.21 -40.16
CA GLU C 96 9.53 35.01 -41.35
C GLU C 96 9.00 35.77 -42.55
N GLU C 97 7.67 35.95 -42.62
CA GLU C 97 7.05 36.66 -43.73
C GLU C 97 7.49 38.11 -43.86
N VAL C 98 7.99 38.72 -42.79
CA VAL C 98 8.23 40.16 -42.80
C VAL C 98 9.65 40.54 -42.40
N ILE C 99 10.41 39.67 -41.75
CA ILE C 99 11.82 39.93 -41.48
C ILE C 99 12.66 38.78 -42.02
N ASP C 100 13.90 39.11 -42.36
CA ASP C 100 14.81 38.18 -42.99
C ASP C 100 15.75 37.60 -41.95
N PHE C 101 16.12 36.33 -42.11
CA PHE C 101 17.00 35.67 -41.16
C PHE C 101 18.25 35.16 -41.86
N SER C 102 19.33 35.06 -41.09
CA SER C 102 20.47 34.27 -41.49
C SER C 102 20.11 32.79 -41.52
N LYS C 103 21.06 31.96 -41.95
CA LYS C 103 21.08 30.55 -41.59
C LYS C 103 21.01 30.41 -40.07
N PRO C 104 20.36 29.35 -39.57
CA PRO C 104 20.28 29.17 -38.11
C PRO C 104 21.68 29.06 -37.50
N PHE C 105 21.81 29.57 -36.27
CA PHE C 105 23.05 29.45 -35.53
C PHE C 105 22.96 28.65 -34.25
N MET C 106 21.75 28.41 -33.72
CA MET C 106 21.60 27.55 -32.56
C MET C 106 20.21 26.94 -32.58
N SER C 107 20.10 25.75 -31.98
CA SER C 107 18.85 25.00 -31.95
C SER C 107 18.45 24.73 -30.50
N LEU C 108 17.14 24.70 -30.26
CA LEU C 108 16.62 24.64 -28.90
C LEU C 108 15.27 23.94 -28.89
N GLY C 109 14.82 23.58 -27.69
CA GLY C 109 13.46 23.15 -27.48
C GLY C 109 12.83 23.90 -26.33
N ILE C 110 11.53 23.70 -26.15
CA ILE C 110 10.85 24.17 -24.95
C ILE C 110 11.17 23.23 -23.79
N SER C 111 11.20 23.77 -22.57
CA SER C 111 11.52 22.97 -21.39
C SER C 111 10.64 23.41 -20.23
N ILE C 112 10.62 22.57 -19.21
CA ILE C 112 9.80 22.78 -18.01
C ILE C 112 10.72 22.89 -16.81
N MET C 113 10.38 23.79 -15.89
CA MET C 113 11.21 24.07 -14.72
C MET C 113 10.36 24.02 -13.47
N ILE C 114 10.89 23.41 -12.41
CA ILE C 114 10.23 23.37 -11.11
C ILE C 114 11.27 23.60 -10.02
N LYS C 115 10.77 23.98 -8.85
CA LYS C 115 11.60 24.08 -7.65
C LYS C 115 12.08 22.70 -7.21
N LYS C 116 13.31 22.63 -6.71
CA LYS C 116 13.74 21.43 -6.00
C LYS C 116 12.92 21.29 -4.73
N PRO C 117 12.31 20.13 -4.48
CA PRO C 117 11.16 20.09 -3.57
C PRO C 117 11.46 20.18 -2.08
N GLN C 118 12.56 19.58 -1.61
CA GLN C 118 12.69 19.43 -0.17
C GLN C 118 14.15 19.16 0.20
N LYS C 119 14.42 19.28 1.51
CA LYS C 119 15.58 18.66 2.19
C LYS C 119 15.03 18.06 3.48
N SER C 120 14.77 16.74 3.45
CA SER C 120 13.95 16.07 4.44
C SER C 120 14.76 15.41 5.56
N LYS C 121 15.90 15.97 5.90
CA LYS C 121 16.81 15.38 6.87
C LYS C 121 16.09 15.04 8.19
N PRO C 122 16.13 13.78 8.62
CA PRO C 122 15.37 13.36 9.82
C PRO C 122 15.78 14.11 11.08
N GLY C 123 14.80 14.43 11.90
CA GLY C 123 15.09 14.96 13.22
C GLY C 123 15.72 13.94 14.14
N VAL C 124 16.38 14.43 15.19
CA VAL C 124 17.07 13.60 16.17
C VAL C 124 16.16 12.58 16.85
N PHE C 125 14.85 12.83 16.91
CA PHE C 125 13.95 11.92 17.61
C PHE C 125 12.75 11.49 16.77
N SER C 126 12.84 11.59 15.44
CA SER C 126 11.66 11.41 14.60
C SER C 126 10.97 10.07 14.84
N PHE C 127 11.66 9.10 15.44
CA PHE C 127 11.10 7.77 15.65
C PHE C 127 9.86 7.79 16.53
N LEU C 128 9.68 8.81 17.37
CA LEU C 128 8.47 8.89 18.19
C LEU C 128 7.23 9.29 17.40
N ASP C 129 7.37 9.81 16.19
CA ASP C 129 6.27 10.46 15.48
C ASP C 129 4.96 9.67 15.39
N PRO C 130 4.96 8.33 15.38
CA PRO C 130 3.66 7.64 15.32
C PRO C 130 2.75 7.85 16.52
N LEU C 131 3.28 8.16 17.69
CA LEU C 131 2.49 8.08 18.91
C LEU C 131 2.04 9.41 19.50
N ALA C 132 2.71 10.51 19.16
CA ALA C 132 2.36 11.85 19.64
C ALA C 132 2.51 12.02 21.16
N TYR C 133 2.67 13.28 21.58
CA TYR C 133 3.10 13.60 22.93
C TYR C 133 2.17 13.01 23.99
N GLU C 134 0.86 13.15 23.78
CA GLU C 134 -0.10 12.83 24.83
C GLU C 134 -0.01 11.37 25.25
N ILE C 135 0.18 10.47 24.29
CA ILE C 135 0.21 9.04 24.60
C ILE C 135 1.41 8.74 25.49
N TRP C 136 2.58 9.25 25.14
CA TRP C 136 3.76 9.06 25.96
C TRP C 136 3.54 9.59 27.37
N MET C 137 2.97 10.79 27.48
CA MET C 137 2.72 11.36 28.80
C MET C 137 1.78 10.49 29.62
N CYS C 138 0.72 9.99 28.99
CA CYS C 138 -0.24 9.16 29.72
C CYS C 138 0.38 7.82 30.12
N ILE C 139 1.22 7.26 29.26
CA ILE C 139 1.97 6.05 29.62
C ILE C 139 2.79 6.31 30.88
N VAL C 140 3.46 7.46 30.92
CA VAL C 140 4.28 7.79 32.09
C VAL C 140 3.41 7.82 33.34
N PHE C 141 2.29 8.55 33.27
CA PHE C 141 1.42 8.58 34.45
C PHE C 141 0.95 7.19 34.85
N ALA C 142 0.54 6.38 33.87
CA ALA C 142 0.03 5.04 34.17
C ALA C 142 1.08 4.19 34.87
N TYR C 143 2.35 4.34 34.48
CA TYR C 143 3.42 3.51 35.04
C TYR C 143 3.47 3.56 36.56
N ILE C 144 3.44 4.76 37.14
CA ILE C 144 3.59 4.88 38.59
C ILE C 144 2.47 4.12 39.31
N GLY C 145 1.23 4.41 38.95
CA GLY C 145 0.11 3.92 39.74
C GLY C 145 0.09 2.41 39.86
N VAL C 146 0.47 1.71 38.79
CA VAL C 146 0.48 0.25 38.82
C VAL C 146 1.44 -0.25 39.89
N SER C 147 2.66 0.28 39.93
CA SER C 147 3.61 -0.16 40.95
C SER C 147 3.11 0.20 42.34
N VAL C 148 2.54 1.40 42.49
CA VAL C 148 2.10 1.84 43.80
C VAL C 148 1.03 0.91 44.34
N VAL C 149 0.02 0.63 43.52
CA VAL C 149 -1.04 -0.29 43.92
C VAL C 149 -0.50 -1.68 44.20
N LEU C 150 0.40 -2.18 43.35
CA LEU C 150 0.96 -3.50 43.60
C LEU C 150 1.65 -3.56 44.96
N PHE C 151 2.43 -2.54 45.29
CA PHE C 151 3.08 -2.48 46.59
C PHE C 151 2.05 -2.47 47.71
N LEU C 152 1.08 -1.56 47.63
CA LEU C 152 0.12 -1.41 48.71
C LEU C 152 -0.63 -2.71 48.97
N VAL C 153 -1.06 -3.37 47.89
CA VAL C 153 -1.75 -4.65 48.03
C VAL C 153 -0.81 -5.69 48.64
N SER C 154 0.45 -5.69 48.23
CA SER C 154 1.36 -6.77 48.61
C SER C 154 1.69 -6.77 50.11
N ARG C 155 1.65 -5.61 50.76
CA ARG C 155 2.12 -5.48 52.14
C ARG C 155 0.95 -5.11 53.04
N PHE C 156 0.51 -6.09 53.84
CA PHE C 156 -0.52 -5.89 54.85
C PHE C 156 -0.37 -6.99 55.90
N SER C 157 -0.97 -6.75 57.06
CA SER C 157 -0.86 -7.68 58.18
C SER C 157 -1.69 -8.92 57.90
N PRO C 158 -1.09 -10.11 57.85
CA PRO C 158 -1.85 -11.33 57.50
C PRO C 158 -2.91 -11.73 58.51
N TYR C 159 -3.23 -10.84 59.45
CA TYR C 159 -4.44 -11.01 60.25
C TYR C 159 -5.69 -10.87 59.38
N SER C 175 3.36 -12.27 59.50
CA SER C 175 3.80 -13.01 58.33
C SER C 175 3.88 -12.11 57.09
N GLU C 176 3.78 -10.81 57.32
CA GLU C 176 3.92 -9.85 56.22
C GLU C 176 5.30 -9.89 55.57
N SER C 177 6.30 -10.46 56.24
CA SER C 177 7.63 -10.59 55.66
C SER C 177 7.74 -11.70 54.63
N THR C 178 6.68 -12.47 54.40
CA THR C 178 6.72 -13.67 53.57
C THR C 178 6.69 -13.37 52.08
N ASN C 179 7.02 -12.15 51.65
CA ASN C 179 7.17 -11.87 50.23
C ASN C 179 8.20 -10.78 50.01
N GLU C 180 8.86 -10.85 48.84
CA GLU C 180 9.91 -9.94 48.44
C GLU C 180 9.40 -8.62 47.87
N PHE C 181 8.08 -8.44 47.71
CA PHE C 181 7.54 -7.28 47.01
C PHE C 181 7.61 -6.02 47.87
N GLY C 182 8.84 -5.66 48.22
CA GLY C 182 9.12 -4.33 48.68
C GLY C 182 8.97 -3.29 47.57
N ILE C 183 9.03 -2.03 47.99
CA ILE C 183 8.77 -0.91 47.08
C ILE C 183 9.68 -0.96 45.85
N PHE C 184 10.98 -1.13 46.08
CA PHE C 184 11.90 -1.10 44.94
C PHE C 184 11.68 -2.28 44.00
N ASN C 185 11.48 -3.47 44.55
CA ASN C 185 11.11 -4.62 43.72
C ASN C 185 9.78 -4.40 43.03
N SER C 186 8.86 -3.73 43.71
CA SER C 186 7.56 -3.40 43.14
C SER C 186 7.65 -2.41 41.99
N LEU C 187 8.71 -1.60 41.93
CA LEU C 187 8.99 -0.87 40.70
C LEU C 187 9.68 -1.76 39.67
N TRP C 188 10.70 -2.50 40.11
CA TRP C 188 11.53 -3.25 39.17
C TRP C 188 10.71 -4.24 38.35
N PHE C 189 9.63 -4.77 38.92
CA PHE C 189 8.88 -5.82 38.22
C PHE C 189 8.09 -5.23 37.06
N SER C 190 7.44 -4.08 37.27
CA SER C 190 6.57 -3.52 36.23
C SER C 190 7.35 -3.09 34.99
N LEU C 191 8.59 -2.65 35.16
CA LEU C 191 9.36 -2.21 34.00
C LEU C 191 9.72 -3.38 33.11
N GLY C 192 10.21 -4.46 33.71
CA GLY C 192 10.47 -5.67 32.95
C GLY C 192 9.21 -6.25 32.33
N ALA C 193 8.09 -6.13 33.03
CA ALA C 193 6.81 -6.52 32.44
C ALA C 193 6.51 -5.72 31.18
N PHE C 194 6.70 -4.40 31.24
CA PHE C 194 6.28 -3.56 30.12
C PHE C 194 7.10 -3.81 28.86
N MET C 195 8.39 -4.13 28.98
CA MET C 195 9.20 -4.45 27.81
C MET C 195 9.01 -5.86 27.28
N GLN C 196 8.22 -6.71 27.94
CA GLN C 196 8.11 -8.14 27.61
C GLN C 196 9.45 -8.84 27.74
N GLN C 197 10.26 -8.43 28.71
CA GLN C 197 11.57 -9.04 28.93
C GLN C 197 11.50 -10.19 29.90
N GLY C 198 10.32 -10.51 30.40
CA GLY C 198 10.14 -11.48 31.46
C GLY C 198 10.59 -10.95 32.81
N CYS C 199 10.67 -11.87 33.76
CA CYS C 199 10.78 -11.51 35.15
C CYS C 199 11.71 -12.48 35.87
N ASP C 200 12.16 -12.05 37.05
CA ASP C 200 12.76 -12.95 38.03
C ASP C 200 11.80 -13.39 39.12
N ILE C 201 10.68 -12.66 39.31
CA ILE C 201 9.73 -12.94 40.37
C ILE C 201 8.31 -12.73 39.85
N SER C 202 7.36 -13.41 40.50
CA SER C 202 5.95 -13.35 40.12
C SER C 202 5.07 -13.22 41.35
N PRO C 203 4.03 -12.39 41.30
CA PRO C 203 3.17 -12.21 42.46
C PRO C 203 2.35 -13.45 42.75
N ARG C 204 2.02 -13.65 44.03
CA ARG C 204 1.35 -14.86 44.46
C ARG C 204 -0.06 -14.63 45.00
N SER C 205 -0.42 -13.40 45.35
CA SER C 205 -1.80 -13.10 45.71
C SER C 205 -2.71 -13.06 44.48
N LEU C 206 -4.01 -13.24 44.73
CA LEU C 206 -5.00 -13.11 43.67
C LEU C 206 -5.04 -11.68 43.12
N SER C 207 -5.09 -10.69 44.02
CA SER C 207 -5.07 -9.29 43.60
C SER C 207 -3.86 -8.98 42.72
N GLY C 208 -2.67 -9.40 43.16
CA GLY C 208 -1.49 -9.06 42.38
C GLY C 208 -1.54 -9.68 41.01
N ARG C 209 -2.05 -10.92 40.92
CA ARG C 209 -2.17 -11.55 39.61
C ARG C 209 -3.16 -10.79 38.73
N ILE C 210 -4.25 -10.29 39.32
CA ILE C 210 -5.15 -9.42 38.55
C ILE C 210 -4.40 -8.24 37.97
N VAL C 211 -3.62 -7.57 38.81
CA VAL C 211 -2.89 -6.39 38.36
C VAL C 211 -1.95 -6.75 37.23
N GLY C 212 -1.22 -7.85 37.39
CA GLY C 212 -0.31 -8.30 36.33
C GLY C 212 -1.05 -8.56 35.03
N GLY C 213 -2.19 -9.24 35.11
CA GLY C 213 -2.95 -9.49 33.91
C GLY C 213 -3.32 -8.22 33.16
N VAL C 214 -3.90 -7.26 33.87
CA VAL C 214 -4.35 -6.05 33.18
C VAL C 214 -3.17 -5.28 32.59
N TRP C 215 -2.05 -5.22 33.32
CA TRP C 215 -0.88 -4.54 32.77
C TRP C 215 -0.32 -5.25 31.54
N TRP C 216 -0.38 -6.58 31.53
CA TRP C 216 0.04 -7.33 30.36
C TRP C 216 -0.84 -7.00 29.15
N PHE C 217 -2.15 -7.03 29.34
CA PHE C 217 -3.05 -6.68 28.23
C PHE C 217 -2.76 -5.28 27.69
N PHE C 218 -2.59 -4.30 28.59
CA PHE C 218 -2.24 -2.95 28.13
C PHE C 218 -1.00 -2.97 27.26
N THR C 219 0.04 -3.69 27.68
CA THR C 219 1.26 -3.74 26.89
C THR C 219 0.99 -4.33 25.53
N LEU C 220 0.23 -5.44 25.50
CA LEU C 220 0.01 -6.16 24.26
C LEU C 220 -0.68 -5.26 23.25
N ILE C 221 -1.62 -4.43 23.70
CA ILE C 221 -2.29 -3.54 22.76
C ILE C 221 -1.31 -2.49 22.24
N ILE C 222 -0.59 -1.84 23.17
CA ILE C 222 0.17 -0.66 22.79
C ILE C 222 1.25 -1.03 21.77
N ILE C 223 2.08 -2.02 22.12
CA ILE C 223 3.25 -2.34 21.29
C ILE C 223 2.83 -2.74 19.88
N SER C 224 1.75 -3.53 19.77
CA SER C 224 1.22 -3.90 18.46
C SER C 224 0.81 -2.66 17.68
N SER C 225 0.05 -1.76 18.31
CA SER C 225 -0.40 -0.58 17.59
C SER C 225 0.79 0.21 17.06
N TYR C 226 1.81 0.41 17.90
CA TYR C 226 3.00 1.13 17.46
C TYR C 226 3.63 0.50 16.23
N THR C 227 3.88 -0.82 16.28
CA THR C 227 4.52 -1.48 15.15
C THR C 227 3.70 -1.30 13.88
N ALA C 228 2.39 -1.50 13.98
CA ALA C 228 1.53 -1.39 12.80
C ALA C 228 1.63 0.01 12.22
N ASN C 229 1.55 1.03 13.08
CA ASN C 229 1.53 2.38 12.59
C ASN C 229 2.84 2.72 11.89
N LEU C 230 3.97 2.31 12.48
CA LEU C 230 5.25 2.61 11.85
C LEU C 230 5.36 1.97 10.48
N ALA C 231 4.91 0.71 10.36
CA ALA C 231 4.93 0.06 9.05
C ALA C 231 4.08 0.83 8.05
N ALA C 232 2.86 1.20 8.43
CA ALA C 232 2.01 1.96 7.50
C ALA C 232 2.68 3.25 7.08
N PHE C 233 3.28 3.97 8.05
CA PHE C 233 3.90 5.25 7.75
C PHE C 233 4.99 5.08 6.71
N LEU C 234 5.90 4.12 6.92
CA LEU C 234 6.94 3.90 5.92
C LEU C 234 6.36 3.45 4.58
N THR C 235 5.25 2.71 4.58
CA THR C 235 4.70 2.20 3.34
C THR C 235 4.11 3.31 2.49
N VAL C 236 3.40 4.25 3.10
CA VAL C 236 2.79 5.34 2.34
C VAL C 236 3.84 6.13 1.56
N GLU C 237 5.01 6.36 2.15
CA GLU C 237 6.03 7.15 1.48
C GLU C 237 6.51 6.52 0.18
N ARG C 238 6.55 5.19 0.11
CA ARG C 238 7.12 4.53 -1.06
C ARG C 238 6.37 4.89 -2.34
N MET C 239 5.07 5.18 -2.23
CA MET C 239 4.26 5.45 -3.45
C MET C 239 4.20 6.96 -3.71
N VAL C 240 5.28 7.69 -3.45
CA VAL C 240 5.31 9.14 -3.65
C VAL C 240 5.13 9.51 -5.12
N SER C 241 5.77 8.77 -6.03
CA SER C 241 5.51 8.84 -7.46
C SER C 241 5.50 10.29 -8.00
N PRO C 242 6.64 10.96 -8.01
CA PRO C 242 6.67 12.37 -8.40
C PRO C 242 6.36 12.61 -9.88
N ILE C 243 5.98 13.85 -10.17
CA ILE C 243 5.57 14.24 -11.52
C ILE C 243 6.68 13.98 -12.52
N GLU C 244 6.31 13.50 -13.71
CA GLU C 244 7.29 13.15 -14.71
C GLU C 244 6.73 13.37 -16.11
N SER C 245 7.64 13.59 -17.07
CA SER C 245 7.39 13.54 -18.52
C SER C 245 6.34 14.53 -19.00
N ALA C 246 5.88 15.45 -18.14
CA ALA C 246 4.89 16.47 -18.51
C ALA C 246 3.56 15.85 -18.90
N GLU C 247 3.46 14.52 -18.83
CA GLU C 247 2.21 13.84 -19.19
C GLU C 247 1.17 14.03 -18.10
N ASP C 248 1.62 14.01 -16.83
CA ASP C 248 0.70 14.23 -15.71
C ASP C 248 -0.02 15.57 -15.81
N LEU C 249 0.59 16.56 -16.45
CA LEU C 249 -0.08 17.86 -16.58
C LEU C 249 -1.29 17.79 -17.49
N SER C 250 -1.50 16.69 -18.20
CA SER C 250 -2.77 16.45 -18.87
C SER C 250 -3.90 16.25 -17.87
N LYS C 251 -3.59 15.68 -16.72
CA LYS C 251 -4.59 15.33 -15.71
C LYS C 251 -4.40 16.03 -14.37
N GLN C 252 -3.15 16.27 -13.95
CA GLN C 252 -2.93 16.89 -12.66
C GLN C 252 -3.44 18.33 -12.66
N THR C 253 -4.10 18.70 -11.56
CA THR C 253 -4.72 20.02 -11.46
C THR C 253 -4.48 20.62 -10.08
N GLU C 254 -3.90 19.83 -9.17
CA GLU C 254 -3.31 20.41 -7.96
C GLU C 254 -2.12 21.29 -8.28
N ILE C 255 -1.37 20.95 -9.32
CA ILE C 255 -0.34 21.85 -9.83
C ILE C 255 -0.97 22.92 -10.71
N ALA C 256 -0.24 24.01 -10.91
CA ALA C 256 -0.57 24.99 -11.93
C ALA C 256 0.68 25.30 -12.74
N TYR C 257 0.47 25.84 -13.95
CA TYR C 257 1.58 26.16 -14.84
C TYR C 257 1.16 27.28 -15.77
N GLY C 258 2.16 27.95 -16.34
CA GLY C 258 1.89 28.99 -17.31
C GLY C 258 3.15 29.38 -18.05
N THR C 259 3.02 30.40 -18.90
CA THR C 259 4.05 30.81 -19.83
C THR C 259 4.27 32.32 -19.75
N LEU C 260 5.39 32.76 -20.31
CA LEU C 260 5.57 34.17 -20.62
C LEU C 260 4.45 34.67 -21.52
N ASP C 261 4.08 35.94 -21.34
CA ASP C 261 3.22 36.58 -22.32
C ASP C 261 4.02 37.07 -23.53
N SER C 262 3.31 37.23 -24.63
CA SER C 262 3.82 37.75 -25.91
C SER C 262 4.91 36.87 -26.52
N GLY C 263 5.35 35.84 -25.81
CA GLY C 263 6.23 34.85 -26.41
C GLY C 263 5.50 34.03 -27.47
N SER C 264 6.20 33.77 -28.58
CA SER C 264 5.61 32.99 -29.66
C SER C 264 5.30 31.56 -29.24
N THR C 265 5.84 31.11 -28.10
CA THR C 265 5.31 29.93 -27.42
C THR C 265 3.79 29.95 -27.33
N LYS C 266 3.23 31.11 -26.99
CA LYS C 266 1.77 31.23 -26.90
C LYS C 266 1.10 31.01 -28.25
N GLU C 267 1.68 31.58 -29.31
CA GLU C 267 1.15 31.36 -30.66
C GLU C 267 1.23 29.89 -31.05
N PHE C 268 2.38 29.25 -30.80
CA PHE C 268 2.53 27.83 -31.07
C PHE C 268 1.47 27.00 -30.35
N PHE C 269 1.30 27.23 -29.06
CA PHE C 269 0.31 26.48 -28.28
C PHE C 269 -1.12 26.70 -28.77
N ARG C 270 -1.50 27.96 -29.02
CA ARG C 270 -2.86 28.21 -29.48
C ARG C 270 -3.08 27.81 -30.93
N ARG C 271 -2.01 27.64 -31.69
CA ARG C 271 -2.09 27.24 -33.09
C ARG C 271 -1.95 25.73 -33.29
N SER C 272 -1.30 25.04 -32.35
CA SER C 272 -1.18 23.59 -32.43
C SER C 272 -2.48 22.91 -32.00
N LYS C 273 -2.70 21.71 -32.55
CA LYS C 273 -3.89 20.92 -32.27
C LYS C 273 -3.59 19.51 -31.78
N ILE C 274 -2.32 19.16 -31.56
CA ILE C 274 -2.00 17.84 -31.02
C ILE C 274 -2.61 17.71 -29.63
N ALA C 275 -3.36 16.62 -29.43
CA ALA C 275 -4.34 16.55 -28.35
C ALA C 275 -3.75 16.90 -26.99
N VAL C 276 -2.52 16.44 -26.74
CA VAL C 276 -1.83 16.80 -25.50
C VAL C 276 -1.67 18.31 -25.38
N PHE C 277 -1.10 18.94 -26.41
CA PHE C 277 -0.86 20.37 -26.36
C PHE C 277 -2.14 21.17 -26.57
N ASP C 278 -3.12 20.62 -27.27
CA ASP C 278 -4.45 21.23 -27.30
C ASP C 278 -5.06 21.26 -25.90
N LYS C 279 -4.96 20.16 -25.17
CA LYS C 279 -5.40 20.11 -23.78
C LYS C 279 -4.68 21.15 -22.93
N MET C 280 -3.36 21.27 -23.13
CA MET C 280 -2.60 22.29 -22.40
C MET C 280 -3.12 23.69 -22.70
N TRP C 281 -3.30 24.02 -23.98
CA TRP C 281 -3.81 25.33 -24.33
C TRP C 281 -5.21 25.56 -23.77
N THR C 282 -6.06 24.54 -23.81
CA THR C 282 -7.38 24.66 -23.18
C THR C 282 -7.27 25.03 -21.71
N TYR C 283 -6.39 24.34 -20.99
CA TYR C 283 -6.18 24.62 -19.58
C TYR C 283 -5.71 26.06 -19.39
N MET C 284 -4.63 26.43 -20.09
CA MET C 284 -4.03 27.75 -19.91
C MET C 284 -4.95 28.88 -20.31
N ARG C 285 -5.82 28.64 -21.29
CA ARG C 285 -6.81 29.63 -21.68
C ARG C 285 -7.99 29.68 -20.72
N SER C 286 -8.25 28.61 -19.98
CA SER C 286 -9.35 28.61 -19.03
C SER C 286 -8.91 28.81 -17.58
N ALA C 287 -7.65 28.54 -17.25
CA ALA C 287 -7.19 28.74 -15.88
C ALA C 287 -7.18 30.22 -15.54
N GLU C 288 -7.58 30.53 -14.30
CA GLU C 288 -7.65 31.90 -13.80
C GLU C 288 -7.29 31.88 -12.33
N PRO C 289 -6.72 32.99 -11.81
CA PRO C 289 -6.32 34.24 -12.47
C PRO C 289 -5.14 34.06 -13.42
N SER C 290 -4.84 35.10 -14.21
CA SER C 290 -3.97 35.00 -15.37
C SER C 290 -2.70 34.23 -15.07
N VAL C 291 -2.47 33.16 -15.84
CA VAL C 291 -1.27 32.35 -15.67
C VAL C 291 -0.05 32.93 -16.37
N PHE C 292 -0.23 33.87 -17.29
CA PHE C 292 0.92 34.38 -18.02
C PHE C 292 1.74 35.33 -17.12
N VAL C 293 2.95 35.63 -17.58
CA VAL C 293 3.85 36.54 -16.90
C VAL C 293 4.61 37.35 -17.94
N ARG C 294 4.91 38.62 -17.62
CA ARG C 294 5.54 39.50 -18.61
C ARG C 294 7.06 39.41 -18.68
N THR C 295 7.75 38.84 -17.69
CA THR C 295 9.20 38.75 -17.76
C THR C 295 9.71 37.44 -17.18
N THR C 296 10.82 36.96 -17.74
CA THR C 296 11.49 35.77 -17.23
C THR C 296 11.95 35.96 -15.78
N ALA C 297 12.48 37.15 -15.46
CA ALA C 297 12.98 37.38 -14.11
C ALA C 297 11.88 37.20 -13.07
N GLU C 298 10.75 37.89 -13.27
CA GLU C 298 9.67 37.75 -12.32
C GLU C 298 8.98 36.41 -12.46
N GLY C 299 9.07 35.76 -13.62
CA GLY C 299 8.55 34.40 -13.75
C GLY C 299 9.28 33.41 -12.85
N VAL C 300 10.62 33.42 -12.91
CA VAL C 300 11.39 32.56 -12.02
C VAL C 300 11.19 32.97 -10.57
N ALA C 301 11.08 34.28 -10.29
CA ALA C 301 10.72 34.69 -8.95
C ALA C 301 9.36 34.14 -8.53
N ARG C 302 8.42 34.02 -9.48
CA ARG C 302 7.12 33.44 -9.20
C ARG C 302 7.24 31.97 -8.85
N VAL C 303 8.10 31.25 -9.57
CA VAL C 303 8.31 29.84 -9.26
C VAL C 303 8.92 29.69 -7.87
N ARG C 304 9.97 30.46 -7.59
CA ARG C 304 10.62 30.38 -6.28
C ARG C 304 9.66 30.74 -5.14
N LYS C 305 8.78 31.72 -5.35
CA LYS C 305 7.78 32.05 -4.34
C LYS C 305 6.75 30.93 -4.18
N SER C 306 6.26 30.39 -5.29
CA SER C 306 5.27 29.33 -5.22
C SER C 306 5.83 28.05 -4.61
N LYS C 307 7.16 27.86 -4.69
CA LYS C 307 7.89 26.84 -3.95
C LYS C 307 7.29 25.45 -4.13
N GLY C 308 6.61 25.21 -5.26
CA GLY C 308 6.16 23.88 -5.58
C GLY C 308 4.85 23.80 -6.33
N LYS C 309 3.98 24.80 -6.16
CA LYS C 309 2.64 24.75 -6.74
C LYS C 309 2.56 25.26 -8.17
N TYR C 310 3.40 26.22 -8.56
CA TYR C 310 3.35 26.80 -9.89
C TYR C 310 4.60 26.42 -10.66
N ALA C 311 4.42 25.80 -11.82
CA ALA C 311 5.51 25.53 -12.75
C ALA C 311 5.55 26.59 -13.85
N TYR C 312 6.65 26.62 -14.57
CA TYR C 312 6.86 27.60 -15.64
C TYR C 312 7.42 26.92 -16.87
N LEU C 313 6.99 27.39 -18.03
CA LEU C 313 7.49 26.90 -19.33
C LEU C 313 8.47 27.91 -19.91
N LEU C 314 9.60 27.41 -20.41
CA LEU C 314 10.60 28.29 -21.01
C LEU C 314 11.48 27.50 -21.96
N GLU C 315 12.22 28.25 -22.79
CA GLU C 315 13.24 27.68 -23.66
C GLU C 315 14.27 26.91 -22.84
N SER C 316 14.62 25.72 -23.33
CA SER C 316 15.57 24.86 -22.62
C SER C 316 16.92 25.54 -22.43
N THR C 317 17.36 26.35 -23.39
CA THR C 317 18.63 27.05 -23.24
C THR C 317 18.66 27.89 -21.97
N MET C 318 17.57 28.59 -21.68
CA MET C 318 17.55 29.47 -20.50
C MET C 318 17.47 28.64 -19.23
N ASN C 319 16.60 27.62 -19.22
CA ASN C 319 16.46 26.76 -18.05
C ASN C 319 17.83 26.17 -17.69
N GLU C 320 18.52 25.61 -18.68
CA GLU C 320 19.78 24.92 -18.43
C GLU C 320 20.92 25.88 -18.19
N TYR C 321 20.75 27.15 -18.56
CA TYR C 321 21.66 28.17 -18.06
C TYR C 321 21.42 28.44 -16.58
N ILE C 322 20.15 28.64 -16.19
CA ILE C 322 19.87 29.11 -14.84
C ILE C 322 20.23 28.05 -13.81
N GLU C 323 19.88 26.79 -14.07
CA GLU C 323 19.89 25.78 -13.02
C GLU C 323 21.29 25.49 -12.48
N GLN C 324 22.33 25.86 -13.20
CA GLN C 324 23.70 25.72 -12.71
C GLN C 324 24.20 26.95 -11.95
N ARG C 325 23.41 28.02 -11.90
CA ARG C 325 23.82 29.21 -11.18
C ARG C 325 23.71 28.98 -9.68
N LYS C 326 24.43 29.82 -8.93
CA LYS C 326 24.64 29.74 -7.48
C LYS C 326 23.43 29.23 -6.68
N PRO C 327 22.22 29.80 -6.81
CA PRO C 327 21.11 29.31 -5.98
C PRO C 327 20.83 27.83 -6.15
N CYS C 328 20.98 27.29 -7.37
CA CYS C 328 20.88 25.86 -7.64
C CYS C 328 19.61 25.23 -7.05
N ASP C 329 18.54 26.02 -6.94
CA ASP C 329 17.36 25.63 -6.19
C ASP C 329 16.20 25.20 -7.10
N THR C 330 16.45 25.09 -8.41
CA THR C 330 15.45 24.71 -9.39
C THR C 330 16.07 23.70 -10.35
N MET C 331 15.23 23.01 -11.11
CA MET C 331 15.76 22.01 -12.03
C MET C 331 14.82 21.81 -13.21
N LYS C 332 15.41 21.35 -14.31
CA LYS C 332 14.67 20.85 -15.46
C LYS C 332 13.89 19.59 -15.10
N VAL C 333 12.77 19.39 -15.79
CA VAL C 333 12.05 18.13 -15.77
C VAL C 333 11.63 17.77 -17.20
N GLY C 334 11.74 16.49 -17.54
CA GLY C 334 11.47 16.02 -18.89
C GLY C 334 12.51 16.42 -19.93
N GLY C 335 12.22 16.00 -21.17
CA GLY C 335 12.99 16.40 -22.33
C GLY C 335 12.45 17.64 -23.01
N ASN C 336 13.10 18.00 -24.11
CA ASN C 336 12.61 19.08 -24.96
C ASN C 336 11.24 18.75 -25.54
N LEU C 337 10.34 19.73 -25.53
CA LEU C 337 8.99 19.55 -26.03
C LEU C 337 8.90 19.52 -27.55
N ASP C 338 9.86 20.13 -28.24
CA ASP C 338 9.76 20.34 -29.68
C ASP C 338 11.18 20.61 -30.20
N SER C 339 11.28 21.24 -31.37
CA SER C 339 12.55 21.82 -31.77
C SER C 339 12.34 23.10 -32.57
N LYS C 340 13.27 24.03 -32.39
CA LYS C 340 13.27 25.33 -33.06
C LYS C 340 14.73 25.76 -33.21
N GLY C 341 14.94 26.91 -33.83
CA GLY C 341 16.27 27.47 -33.93
C GLY C 341 16.27 28.98 -33.93
N TYR C 342 17.42 29.55 -33.60
CA TYR C 342 17.64 30.99 -33.68
C TYR C 342 18.27 31.38 -35.01
N GLY C 343 17.95 32.58 -35.44
CA GLY C 343 18.68 33.22 -36.53
C GLY C 343 18.76 34.71 -36.29
N ILE C 344 19.84 35.32 -36.79
CA ILE C 344 19.95 36.77 -36.74
C ILE C 344 18.99 37.37 -37.75
N ALA C 345 18.38 38.50 -37.41
CA ALA C 345 17.28 39.02 -38.20
C ALA C 345 17.49 40.50 -38.50
N THR C 346 16.84 40.95 -39.58
CA THR C 346 16.98 42.31 -40.09
C THR C 346 15.74 42.62 -40.91
N PRO C 347 15.42 43.90 -41.12
CA PRO C 347 14.24 44.24 -41.93
C PRO C 347 14.31 43.66 -43.33
N LYS C 348 13.12 43.57 -43.94
CA LYS C 348 12.94 42.99 -45.27
C LYS C 348 13.89 43.59 -46.30
N GLY C 349 14.64 42.71 -46.97
CA GLY C 349 15.53 43.12 -48.05
C GLY C 349 16.78 43.88 -47.65
N SER C 350 17.13 43.92 -46.37
CA SER C 350 18.34 44.61 -45.95
C SER C 350 19.58 44.06 -46.65
N SER C 351 20.22 44.92 -47.45
CA SER C 351 21.22 44.46 -48.40
C SER C 351 22.44 43.86 -47.71
N LEU C 352 22.73 44.32 -46.49
CA LEU C 352 23.81 43.74 -45.70
C LEU C 352 23.52 42.31 -45.24
N GLY C 353 22.29 41.84 -45.40
CA GLY C 353 21.92 40.55 -44.82
C GLY C 353 22.75 39.41 -45.37
N THR C 354 23.03 39.42 -46.68
CA THR C 354 23.86 38.38 -47.26
C THR C 354 25.32 38.47 -46.80
N PRO C 355 25.99 39.63 -46.78
CA PRO C 355 27.26 39.70 -46.03
C PRO C 355 27.16 39.17 -44.62
N VAL C 356 26.07 39.50 -43.90
CA VAL C 356 25.86 38.97 -42.57
C VAL C 356 25.73 37.45 -42.59
N ASN C 357 24.99 36.92 -43.58
CA ASN C 357 24.87 35.47 -43.70
C ASN C 357 26.22 34.80 -43.96
N LEU C 358 27.07 35.42 -44.77
CA LEU C 358 28.42 34.92 -44.98
C LEU C 358 29.24 34.95 -43.69
N ALA C 359 29.15 36.06 -42.95
CA ALA C 359 29.85 36.14 -41.67
C ALA C 359 29.38 35.04 -40.71
N VAL C 360 28.07 34.84 -40.62
CA VAL C 360 27.51 33.75 -39.83
C VAL C 360 28.08 32.40 -40.26
N LEU C 361 28.09 32.14 -41.57
CA LEU C 361 28.60 30.88 -42.09
C LEU C 361 30.07 30.68 -41.75
N LYS C 362 30.87 31.75 -41.84
CA LYS C 362 32.30 31.64 -41.53
C LYS C 362 32.53 31.43 -40.04
N LEU C 363 31.85 32.21 -39.20
CA LEU C 363 31.97 32.02 -37.76
C LEU C 363 31.51 30.63 -37.34
N SER C 364 30.50 30.08 -38.01
CA SER C 364 30.13 28.68 -37.79
C SER C 364 31.25 27.74 -38.18
N GLU C 365 31.77 27.89 -39.40
CA GLU C 365 32.85 27.02 -39.87
C GLU C 365 34.10 27.16 -39.00
N GLN C 366 34.36 28.38 -38.49
CA GLN C 366 35.50 28.59 -37.61
C GLN C 366 35.27 28.03 -36.22
N GLY C 367 34.06 27.54 -35.92
CA GLY C 367 33.74 26.99 -34.63
C GLY C 367 33.63 28.00 -33.51
N VAL C 368 33.58 29.29 -33.81
CA VAL C 368 33.50 30.30 -32.76
C VAL C 368 32.18 30.22 -32.02
N LEU C 369 31.15 29.65 -32.65
CA LEU C 369 29.91 29.37 -31.95
C LEU C 369 30.12 28.43 -30.78
N ASP C 370 31.10 27.53 -30.89
CA ASP C 370 31.51 26.74 -29.73
C ASP C 370 32.31 27.59 -28.75
N LYS C 371 33.29 28.34 -29.27
CA LYS C 371 34.16 29.14 -28.42
C LYS C 371 33.38 30.02 -27.45
N LEU C 372 32.43 30.79 -27.97
CA LEU C 372 31.71 31.75 -27.14
C LEU C 372 30.88 31.05 -26.06
N LYS C 373 30.21 29.96 -26.43
CA LYS C 373 29.41 29.24 -25.45
C LYS C 373 30.29 28.60 -24.39
N ASN C 374 31.43 28.02 -24.81
CA ASN C 374 32.37 27.42 -23.87
C ASN C 374 32.94 28.46 -22.92
N LYS C 375 33.10 29.70 -23.39
CA LYS C 375 33.45 30.80 -22.51
C LYS C 375 32.33 31.11 -21.52
N TRP C 376 31.10 31.21 -22.01
CA TRP C 376 30.06 31.83 -21.19
C TRP C 376 29.40 30.85 -20.22
N TRP C 377 29.27 29.57 -20.58
CA TRP C 377 28.48 28.65 -19.76
C TRP C 377 29.27 28.01 -18.63
N TYR C 378 30.40 27.37 -18.93
CA TYR C 378 30.90 26.31 -18.06
C TYR C 378 31.60 26.85 -16.82
N ASP C 379 32.30 27.98 -16.95
CA ASP C 379 32.82 28.64 -15.76
C ASP C 379 31.68 29.08 -14.84
N LYS C 380 30.57 29.51 -15.43
CA LYS C 380 29.41 29.90 -14.64
C LYS C 380 28.62 28.72 -14.12
N GLY C 381 28.96 27.50 -14.53
CA GLY C 381 28.31 26.30 -14.04
C GLY C 381 28.65 25.99 -12.59
N GLU C 382 28.40 26.96 -11.71
CA GLU C 382 29.04 27.00 -10.40
C GLU C 382 28.40 26.09 -9.35
N CYS C 383 27.19 25.58 -9.58
CA CYS C 383 26.62 24.61 -8.67
C CYS C 383 27.40 23.29 -8.72
N GLY C 384 27.61 22.71 -7.54
CA GLY C 384 28.38 21.48 -7.44
C GLY C 384 27.67 20.23 -7.93
N ALA C 385 26.38 20.33 -8.26
CA ALA C 385 25.61 19.26 -8.88
C ALA C 385 25.63 17.95 -8.07
N LYS C 386 25.86 18.04 -6.76
CA LYS C 386 25.70 16.90 -5.88
C LYS C 386 24.22 16.48 -5.79
N ASP C 387 24.00 15.30 -5.19
CA ASP C 387 22.67 14.69 -5.08
C ASP C 387 22.02 14.50 -6.45
N SER C 388 22.79 13.93 -7.38
CA SER C 388 22.37 13.79 -8.77
C SER C 388 21.22 12.82 -8.96
N GLY C 389 20.74 12.16 -7.91
CA GLY C 389 19.70 11.16 -8.08
C GLY C 389 20.14 9.79 -8.55
N SER C 390 21.44 9.52 -8.62
CA SER C 390 21.92 8.27 -9.17
C SER C 390 21.81 7.09 -8.21
N LYS C 391 21.35 7.30 -6.96
CA LYS C 391 21.15 6.21 -6.01
C LYS C 391 19.88 6.53 -5.19
N GLU C 392 18.74 6.09 -5.70
CA GLU C 392 17.44 6.57 -5.21
C GLU C 392 17.10 5.88 -3.89
N LYS C 393 17.86 6.26 -2.85
CA LYS C 393 17.65 5.87 -1.46
C LYS C 393 17.96 4.40 -1.18
N THR C 394 18.11 3.61 -2.24
CA THR C 394 18.36 2.16 -2.17
C THR C 394 17.44 1.48 -1.13
N SER C 395 16.25 2.07 -0.89
CA SER C 395 15.29 1.56 0.08
C SER C 395 15.86 1.47 1.50
N ALA C 396 17.11 1.90 1.69
CA ALA C 396 17.85 1.61 2.91
C ALA C 396 17.42 2.53 4.04
N LEU C 397 17.18 1.95 5.22
CA LEU C 397 16.84 2.74 6.41
C LEU C 397 18.16 3.19 7.05
N SER C 398 18.58 4.39 6.68
CA SER C 398 19.88 4.92 7.07
C SER C 398 19.97 5.19 8.58
N LEU C 399 21.21 5.14 9.08
CA LEU C 399 21.49 5.31 10.50
C LEU C 399 20.86 6.58 11.07
N SER C 400 20.88 7.66 10.29
CA SER C 400 20.31 8.93 10.74
C SER C 400 18.87 8.76 11.23
N ASN C 401 18.10 7.88 10.60
CA ASN C 401 16.70 7.73 10.95
C ASN C 401 16.48 7.28 12.38
N VAL C 402 17.42 6.54 12.97
CA VAL C 402 17.28 6.02 14.32
C VAL C 402 18.40 6.53 15.23
N ALA C 403 19.22 7.46 14.76
CA ALA C 403 20.40 7.88 15.50
C ALA C 403 20.09 8.21 16.95
N GLY C 404 18.97 8.90 17.20
CA GLY C 404 18.68 9.41 18.53
C GLY C 404 18.78 8.37 19.64
N VAL C 405 18.33 7.14 19.37
CA VAL C 405 18.25 6.12 20.41
C VAL C 405 19.60 5.82 21.04
N PHE C 406 20.69 5.93 20.28
CA PHE C 406 22.01 5.64 20.86
C PHE C 406 22.39 6.64 21.93
N TYR C 407 22.00 7.91 21.77
CA TYR C 407 22.37 8.91 22.76
C TYR C 407 21.73 8.59 24.10
N ILE C 408 20.45 8.18 24.08
CA ILE C 408 19.76 7.83 25.32
C ILE C 408 20.49 6.68 26.01
N LEU C 409 20.87 5.68 25.23
CA LEU C 409 21.60 4.53 25.76
C LEU C 409 22.90 4.97 26.43
N VAL C 410 23.72 5.74 25.73
CA VAL C 410 25.00 6.15 26.29
C VAL C 410 24.80 6.95 27.57
N GLY C 411 23.84 7.88 27.57
CA GLY C 411 23.56 8.62 28.79
C GLY C 411 23.13 7.73 29.93
N GLY C 412 22.30 6.73 29.63
CA GLY C 412 21.89 5.77 30.65
C GLY C 412 23.07 5.06 31.27
N LEU C 413 23.97 4.54 30.44
CA LEU C 413 25.15 3.87 30.99
C LEU C 413 26.01 4.84 31.77
N GLY C 414 26.12 6.08 31.30
CA GLY C 414 26.92 7.07 32.02
C GLY C 414 26.41 7.35 33.42
N LEU C 415 25.09 7.36 33.59
CA LEU C 415 24.51 7.66 34.90
C LEU C 415 24.85 6.59 35.94
N ALA C 416 24.77 5.32 35.56
CA ALA C 416 24.91 4.25 36.54
C ALA C 416 26.28 4.25 37.20
N MET C 417 27.31 4.74 36.51
CA MET C 417 28.61 4.90 37.15
C MET C 417 28.53 5.81 38.36
N LEU C 418 27.91 6.98 38.20
CA LEU C 418 27.79 7.91 39.31
C LEU C 418 26.95 7.32 40.42
N VAL C 419 25.88 6.61 40.05
CA VAL C 419 25.06 5.94 41.06
C VAL C 419 25.90 4.96 41.87
N ALA C 420 26.66 4.09 41.19
CA ALA C 420 27.49 3.14 41.90
C ALA C 420 28.55 3.81 42.76
N LEU C 421 29.05 4.97 42.33
CA LEU C 421 30.03 5.70 43.12
C LEU C 421 29.43 6.23 44.41
N ILE C 422 28.24 6.84 44.34
CA ILE C 422 27.63 7.28 45.59
C ILE C 422 27.21 6.08 46.44
N GLU C 423 26.87 4.94 45.82
CA GLU C 423 26.60 3.74 46.60
C GLU C 423 27.83 3.29 47.37
N PHE C 424 29.00 3.38 46.72
CA PHE C 424 30.25 3.05 47.38
C PHE C 424 30.49 3.99 48.55
N CYS C 425 30.33 5.30 48.31
CA CYS C 425 30.58 6.26 49.38
C CYS C 425 29.63 6.06 50.55
N TYR C 426 28.41 5.58 50.27
CA TYR C 426 27.47 5.24 51.33
C TYR C 426 27.93 4.03 52.11
N LYS C 427 28.14 2.90 51.42
CA LYS C 427 28.48 1.65 52.12
C LYS C 427 29.77 1.78 52.92
N SER C 428 30.66 2.69 52.53
CA SER C 428 31.90 2.91 53.26
C SER C 428 31.75 3.86 54.44
N ARG C 429 30.54 4.39 54.68
CA ARG C 429 30.33 5.28 55.83
C ARG C 429 29.02 5.06 56.56
N ALA C 430 28.02 4.42 55.95
CA ALA C 430 26.75 4.15 56.65
C ALA C 430 26.94 3.08 57.71
N GLU D 1 -48.37 35.89 -34.61
CA GLU D 1 -47.67 36.86 -33.77
C GLU D 1 -47.29 38.12 -34.56
N GLN D 2 -47.10 39.22 -33.85
CA GLN D 2 -46.96 40.53 -34.46
C GLN D 2 -45.57 40.76 -35.03
N LYS D 3 -45.07 39.80 -35.82
CA LYS D 3 -43.70 39.81 -36.33
C LYS D 3 -42.66 39.94 -35.22
N THR D 4 -43.07 39.68 -33.98
CA THR D 4 -42.25 39.88 -32.78
C THR D 4 -42.75 38.91 -31.73
N VAL D 5 -41.84 38.45 -30.88
CA VAL D 5 -42.17 37.43 -29.89
C VAL D 5 -41.36 37.68 -28.63
N VAL D 6 -41.93 37.27 -27.49
CA VAL D 6 -41.22 37.27 -26.21
C VAL D 6 -41.04 35.83 -25.75
N VAL D 7 -39.82 35.31 -25.92
CA VAL D 7 -39.54 33.90 -25.67
C VAL D 7 -39.46 33.63 -24.17
N THR D 8 -40.27 32.68 -23.69
CA THR D 8 -40.28 32.35 -22.28
C THR D 8 -39.00 31.61 -21.91
N THR D 9 -38.28 32.14 -20.92
CA THR D 9 -37.02 31.56 -20.49
C THR D 9 -36.92 31.62 -18.97
N ILE D 10 -36.00 30.82 -18.43
CA ILE D 10 -35.74 30.79 -16.99
C ILE D 10 -34.23 30.92 -16.78
N LEU D 11 -33.85 31.71 -15.79
CA LEU D 11 -32.47 31.76 -15.31
C LEU D 11 -32.16 30.54 -14.46
N GLU D 12 -31.51 29.54 -15.06
CA GLU D 12 -30.94 28.43 -14.30
C GLU D 12 -29.55 28.13 -14.84
N SER D 13 -28.60 27.96 -13.93
CA SER D 13 -27.19 27.97 -14.30
C SER D 13 -26.81 26.92 -15.36
N PRO D 14 -27.37 25.70 -15.39
CA PRO D 14 -27.10 24.81 -16.53
C PRO D 14 -27.66 25.30 -17.86
N TYR D 15 -28.49 26.32 -17.88
CA TYR D 15 -29.06 26.71 -19.17
C TYR D 15 -28.98 28.21 -19.45
N VAL D 16 -29.17 29.04 -18.43
CA VAL D 16 -29.08 30.50 -18.58
C VAL D 16 -28.39 31.05 -17.35
N MET D 17 -27.44 31.96 -17.56
CA MET D 17 -26.68 32.57 -16.49
C MET D 17 -26.67 34.09 -16.68
N MET D 18 -26.94 34.81 -15.61
CA MET D 18 -27.01 36.26 -15.67
C MET D 18 -25.63 36.85 -15.89
N LYS D 19 -25.52 37.77 -16.85
CA LYS D 19 -24.30 38.53 -17.05
C LYS D 19 -24.08 39.52 -15.91
N LYS D 20 -22.81 39.84 -15.67
CA LYS D 20 -22.42 40.62 -14.50
C LYS D 20 -23.17 41.96 -14.46
N ASN D 21 -23.14 42.70 -15.56
CA ASN D 21 -23.74 44.03 -15.61
C ASN D 21 -25.25 43.98 -15.85
N HIS D 22 -25.98 43.25 -15.01
CA HIS D 22 -27.42 43.12 -15.18
C HIS D 22 -28.18 44.36 -14.70
N GLU D 23 -27.50 45.31 -14.05
CA GLU D 23 -28.08 46.62 -13.81
C GLU D 23 -28.28 47.42 -15.08
N MET D 24 -27.54 47.11 -16.15
CA MET D 24 -27.57 47.94 -17.35
C MET D 24 -27.63 47.19 -18.66
N LEU D 25 -27.27 45.90 -18.70
CA LEU D 25 -27.58 45.09 -19.86
C LEU D 25 -29.08 44.81 -19.95
N GLU D 26 -29.58 44.70 -21.18
CA GLU D 26 -31.01 44.57 -21.40
C GLU D 26 -31.23 43.74 -22.65
N GLY D 27 -32.44 43.19 -22.77
CA GLY D 27 -32.76 42.29 -23.86
C GLY D 27 -31.98 40.98 -23.77
N ASN D 28 -31.86 40.33 -24.93
CA ASN D 28 -31.15 39.06 -24.99
C ASN D 28 -29.68 39.21 -24.58
N GLU D 29 -29.10 40.39 -24.78
CA GLU D 29 -27.72 40.66 -24.41
C GLU D 29 -27.51 40.74 -22.90
N ARG D 30 -28.57 40.66 -22.09
CA ARG D 30 -28.38 40.42 -20.66
C ARG D 30 -27.90 39.00 -20.37
N TYR D 31 -27.99 38.08 -21.34
CA TYR D 31 -27.73 36.67 -21.08
C TYR D 31 -26.74 36.11 -22.08
N GLU D 32 -26.59 34.79 -22.09
CA GLU D 32 -25.79 34.06 -23.08
C GLU D 32 -26.57 32.85 -23.59
N GLY D 33 -27.78 33.10 -24.09
CA GLY D 33 -28.74 32.04 -24.34
C GLY D 33 -28.41 31.18 -25.54
N TYR D 34 -27.14 30.73 -25.62
CA TYR D 34 -26.74 29.82 -26.67
C TYR D 34 -27.57 28.55 -26.68
N CYS D 35 -28.09 28.14 -25.52
CA CYS D 35 -29.06 27.04 -25.46
C CYS D 35 -30.34 27.33 -26.23
N VAL D 36 -30.56 28.56 -26.69
CA VAL D 36 -31.79 28.93 -27.39
C VAL D 36 -31.51 29.48 -28.78
N ASP D 37 -30.47 30.31 -28.93
CA ASP D 37 -30.28 31.05 -30.17
C ASP D 37 -29.85 30.20 -31.36
N LEU D 38 -29.48 28.93 -31.14
CA LEU D 38 -29.40 27.99 -32.25
C LEU D 38 -30.79 27.54 -32.69
N ALA D 39 -31.64 27.18 -31.72
CA ALA D 39 -33.01 26.82 -32.06
C ALA D 39 -33.77 28.00 -32.67
N ALA D 40 -33.34 29.23 -32.37
CA ALA D 40 -33.81 30.43 -33.06
C ALA D 40 -33.38 30.49 -34.53
N GLU D 41 -32.76 29.44 -35.08
CA GLU D 41 -32.51 29.37 -36.52
C GLU D 41 -33.77 29.70 -37.32
N ILE D 42 -34.90 29.13 -36.92
CA ILE D 42 -36.18 29.46 -37.56
C ILE D 42 -36.62 30.88 -37.20
N ALA D 43 -36.20 31.41 -36.05
CA ALA D 43 -36.41 32.84 -35.81
C ALA D 43 -35.60 33.68 -36.80
N LYS D 44 -34.40 33.23 -37.16
CA LYS D 44 -33.67 33.88 -38.24
C LYS D 44 -34.41 33.78 -39.56
N HIS D 45 -34.95 32.60 -39.89
CA HIS D 45 -35.65 32.43 -41.16
C HIS D 45 -36.90 33.31 -41.24
N CYS D 46 -37.71 33.36 -40.18
CA CYS D 46 -38.87 34.23 -40.16
C CYS D 46 -38.50 35.68 -39.93
N GLY D 47 -37.33 35.96 -39.39
CA GLY D 47 -36.88 37.31 -39.14
C GLY D 47 -37.52 38.02 -37.97
N PHE D 48 -38.38 37.36 -37.20
CA PHE D 48 -39.08 38.06 -36.13
C PHE D 48 -38.12 38.38 -34.99
N LYS D 49 -38.34 39.54 -34.36
CA LYS D 49 -37.64 39.88 -33.13
C LYS D 49 -38.09 38.97 -31.99
N TYR D 50 -37.13 38.37 -31.30
CA TYR D 50 -37.39 37.54 -30.14
C TYR D 50 -36.70 38.11 -28.92
N LYS D 51 -37.46 38.25 -27.83
CA LYS D 51 -36.91 38.60 -26.52
C LYS D 51 -36.88 37.35 -25.66
N LEU D 52 -35.70 36.96 -25.22
CA LEU D 52 -35.55 35.93 -24.19
C LEU D 52 -36.09 36.50 -22.88
N THR D 53 -37.31 36.10 -22.52
CA THR D 53 -38.07 36.74 -21.46
C THR D 53 -38.15 35.82 -20.25
N ILE D 54 -37.91 36.38 -19.07
CA ILE D 54 -37.99 35.62 -17.83
C ILE D 54 -39.44 35.19 -17.61
N VAL D 55 -39.64 33.89 -17.39
CA VAL D 55 -40.98 33.39 -17.08
C VAL D 55 -41.55 34.15 -15.88
N GLY D 56 -42.80 34.59 -16.02
CA GLY D 56 -43.34 35.60 -15.13
C GLY D 56 -43.35 35.18 -13.67
N ASP D 57 -43.68 33.91 -13.41
CA ASP D 57 -43.66 33.39 -12.06
C ASP D 57 -42.26 32.91 -11.65
N GLY D 58 -41.28 33.07 -12.53
CA GLY D 58 -39.91 32.66 -12.23
C GLY D 58 -39.73 31.18 -11.99
N LYS D 59 -40.68 30.35 -12.40
CA LYS D 59 -40.69 28.95 -12.03
C LYS D 59 -41.18 28.12 -13.21
N TYR D 60 -40.96 26.81 -13.12
CA TYR D 60 -41.35 25.88 -14.18
C TYR D 60 -42.84 25.94 -14.48
N GLY D 61 -43.67 26.40 -13.55
CA GLY D 61 -45.09 26.47 -13.79
C GLY D 61 -45.78 25.15 -13.56
N ALA D 62 -47.10 25.21 -13.43
CA ALA D 62 -47.87 24.09 -12.91
C ALA D 62 -49.31 24.22 -13.40
N ARG D 63 -50.06 23.14 -13.21
CA ARG D 63 -51.50 23.12 -13.41
C ARG D 63 -52.17 22.63 -12.14
N ASP D 64 -53.20 23.36 -11.70
CA ASP D 64 -53.91 22.98 -10.50
C ASP D 64 -54.71 21.70 -10.75
N ALA D 65 -55.11 21.06 -9.65
CA ALA D 65 -56.29 20.19 -9.69
C ALA D 65 -57.55 21.04 -9.78
N ASP D 66 -58.71 20.35 -9.74
CA ASP D 66 -60.01 20.98 -9.55
C ASP D 66 -60.21 22.19 -10.46
N THR D 67 -59.69 23.34 -10.04
CA THR D 67 -59.72 24.54 -10.88
C THR D 67 -58.96 24.34 -12.19
N LYS D 68 -57.98 23.44 -12.21
CA LYS D 68 -57.07 23.27 -13.33
C LYS D 68 -56.31 24.54 -13.70
N ILE D 69 -56.29 25.54 -12.81
CA ILE D 69 -55.63 26.81 -13.09
C ILE D 69 -54.18 26.56 -13.50
N TRP D 70 -53.73 27.33 -14.49
CA TRP D 70 -52.42 27.18 -15.11
C TRP D 70 -51.51 28.29 -14.59
N ASN D 71 -50.32 27.93 -14.16
CA ASN D 71 -49.45 28.87 -13.45
C ASN D 71 -48.15 29.07 -14.20
N GLY D 72 -47.58 30.27 -14.04
CA GLY D 72 -46.28 30.61 -14.59
C GLY D 72 -46.21 30.41 -16.09
N MET D 73 -45.19 29.64 -16.51
CA MET D 73 -45.01 29.29 -17.92
C MET D 73 -46.31 28.78 -18.54
N VAL D 74 -46.91 27.77 -17.91
CA VAL D 74 -48.10 27.13 -18.47
C VAL D 74 -49.24 28.14 -18.57
N GLY D 75 -49.47 28.90 -17.50
CA GLY D 75 -50.49 29.92 -17.50
C GLY D 75 -50.32 30.91 -18.64
N GLU D 76 -49.13 31.53 -18.71
CA GLU D 76 -48.91 32.58 -19.69
C GLU D 76 -48.99 32.07 -21.11
N LEU D 77 -48.63 30.81 -21.36
CA LEU D 77 -48.89 30.26 -22.69
C LEU D 77 -50.38 30.04 -22.94
N VAL D 78 -51.06 29.30 -22.04
CA VAL D 78 -52.45 28.94 -22.33
C VAL D 78 -53.37 30.14 -22.25
N TYR D 79 -53.06 31.11 -21.39
CA TYR D 79 -53.76 32.38 -21.39
C TYR D 79 -53.32 33.29 -22.53
N GLY D 80 -52.34 32.87 -23.31
CA GLY D 80 -51.85 33.69 -24.40
C GLY D 80 -51.12 34.93 -23.95
N LYS D 81 -50.72 34.98 -22.68
CA LYS D 81 -49.92 36.10 -22.21
C LYS D 81 -48.50 36.01 -22.74
N ALA D 82 -48.05 34.80 -23.07
CA ALA D 82 -46.83 34.59 -23.83
C ALA D 82 -47.12 33.59 -24.93
N ASP D 83 -46.10 33.28 -25.70
CA ASP D 83 -46.29 32.78 -27.06
C ASP D 83 -45.53 31.49 -27.36
N ILE D 84 -44.28 31.36 -26.91
CA ILE D 84 -43.51 30.14 -27.12
C ILE D 84 -42.54 29.97 -25.97
N ALA D 85 -42.27 28.72 -25.61
CA ALA D 85 -41.30 28.37 -24.59
C ALA D 85 -40.24 27.43 -25.17
N ILE D 86 -38.97 27.80 -24.98
CA ILE D 86 -37.86 26.92 -25.37
C ILE D 86 -37.27 26.36 -24.08
N ALA D 87 -38.14 26.13 -23.10
CA ALA D 87 -37.76 25.96 -21.71
C ALA D 87 -37.16 24.58 -21.46
N PRO D 88 -36.20 24.49 -20.52
CA PRO D 88 -35.80 23.17 -19.98
C PRO D 88 -36.89 22.60 -19.09
N LEU D 89 -37.87 21.94 -19.71
CA LEU D 89 -39.13 21.62 -19.06
C LEU D 89 -39.60 20.24 -19.52
N THR D 90 -40.23 19.51 -18.60
CA THR D 90 -40.51 18.09 -18.79
C THR D 90 -41.67 17.88 -19.74
N ILE D 91 -41.46 17.00 -20.71
CA ILE D 91 -42.54 16.50 -21.56
C ILE D 91 -43.46 15.60 -20.74
N THR D 92 -44.75 15.94 -20.68
CA THR D 92 -45.70 15.09 -19.99
C THR D 92 -47.09 15.31 -20.55
N LEU D 93 -47.87 14.21 -20.58
CA LEU D 93 -49.22 14.25 -21.13
C LEU D 93 -50.10 15.28 -20.44
N VAL D 94 -49.90 15.49 -19.14
CA VAL D 94 -50.68 16.47 -18.39
C VAL D 94 -50.53 17.86 -19.00
N ARG D 95 -49.41 18.13 -19.64
CA ARG D 95 -49.23 19.38 -20.37
C ARG D 95 -49.69 19.25 -21.82
N GLU D 96 -49.50 18.09 -22.43
CA GLU D 96 -49.98 17.82 -23.78
C GLU D 96 -51.50 18.00 -23.89
N GLU D 97 -52.21 18.03 -22.77
CA GLU D 97 -53.64 18.33 -22.79
C GLU D 97 -53.93 19.71 -23.39
N VAL D 98 -53.03 20.67 -23.23
CA VAL D 98 -53.40 22.06 -23.44
C VAL D 98 -52.32 22.78 -24.25
N ILE D 99 -51.16 22.14 -24.41
CA ILE D 99 -50.11 22.63 -25.31
C ILE D 99 -49.54 21.45 -26.06
N ASP D 100 -48.75 21.75 -27.09
CA ASP D 100 -48.06 20.74 -27.88
C ASP D 100 -46.57 21.06 -27.93
N PHE D 101 -45.79 20.10 -28.40
CA PHE D 101 -44.36 20.08 -28.11
C PHE D 101 -43.60 19.70 -29.36
N SER D 102 -42.32 20.08 -29.38
CA SER D 102 -41.39 19.57 -30.37
C SER D 102 -40.99 18.13 -30.04
N LYS D 103 -40.21 17.53 -30.93
CA LYS D 103 -39.34 16.44 -30.52
C LYS D 103 -38.46 16.90 -29.36
N PRO D 104 -38.22 16.06 -28.35
CA PRO D 104 -37.30 16.46 -27.28
C PRO D 104 -35.86 16.49 -27.77
N PHE D 105 -35.14 17.53 -27.36
CA PHE D 105 -33.74 17.70 -27.75
C PHE D 105 -32.78 16.83 -26.95
N MET D 106 -33.13 16.42 -25.74
CA MET D 106 -32.27 15.51 -25.00
C MET D 106 -33.09 14.73 -23.98
N SER D 107 -32.49 13.66 -23.49
CA SER D 107 -33.11 12.73 -22.55
C SER D 107 -32.34 12.70 -21.23
N LEU D 108 -33.08 12.57 -20.14
CA LEU D 108 -32.54 12.71 -18.79
C LEU D 108 -33.43 11.90 -17.85
N GLY D 109 -33.18 12.00 -16.56
CA GLY D 109 -34.07 11.28 -15.65
C GLY D 109 -33.91 11.73 -14.20
N ILE D 110 -34.71 11.08 -13.35
CA ILE D 110 -34.62 11.27 -11.90
C ILE D 110 -33.24 10.86 -11.39
N SER D 111 -32.67 11.69 -10.54
CA SER D 111 -31.39 11.42 -9.90
C SER D 111 -31.52 11.78 -8.42
N ILE D 112 -30.59 11.29 -7.62
CA ILE D 112 -30.62 11.49 -6.17
C ILE D 112 -29.25 11.95 -5.70
N MET D 113 -29.25 12.95 -4.83
CA MET D 113 -28.05 13.66 -4.42
C MET D 113 -28.00 13.72 -2.90
N ILE D 114 -26.82 13.51 -2.33
CA ILE D 114 -26.61 13.51 -0.89
C ILE D 114 -25.34 14.28 -0.57
N LYS D 115 -25.23 14.71 0.68
CA LYS D 115 -23.99 15.28 1.17
C LYS D 115 -22.89 14.23 1.17
N LYS D 116 -21.70 14.64 0.73
CA LYS D 116 -20.56 13.73 0.67
C LYS D 116 -20.23 13.21 2.06
N PRO D 117 -20.01 11.91 2.22
CA PRO D 117 -19.78 11.36 3.56
C PRO D 117 -18.43 11.77 4.11
N GLN D 118 -18.26 11.59 5.41
CA GLN D 118 -17.07 12.03 6.10
C GLN D 118 -16.75 11.05 7.21
N LYS D 119 -15.49 11.00 7.60
CA LYS D 119 -15.08 10.16 8.71
C LYS D 119 -15.61 10.73 10.03
N SER D 120 -16.27 9.88 10.81
CA SER D 120 -16.69 10.27 12.15
C SER D 120 -15.56 9.98 13.14
N LYS D 121 -15.80 10.33 14.40
CA LYS D 121 -14.80 10.09 15.41
C LYS D 121 -14.65 8.58 15.66
N PRO D 122 -13.46 8.14 16.06
CA PRO D 122 -13.28 6.72 16.38
C PRO D 122 -14.03 6.31 17.63
N GLY D 123 -14.53 5.08 17.61
CA GLY D 123 -15.21 4.54 18.76
C GLY D 123 -14.25 4.24 19.90
N VAL D 124 -14.77 4.35 21.13
CA VAL D 124 -13.99 4.05 22.32
C VAL D 124 -13.41 2.64 22.27
N PHE D 125 -14.18 1.70 21.74
CA PHE D 125 -13.75 0.30 21.66
C PHE D 125 -13.19 -0.09 20.30
N SER D 126 -13.08 0.85 19.36
CA SER D 126 -12.78 0.51 17.97
C SER D 126 -11.43 -0.18 17.80
N PHE D 127 -10.58 -0.19 18.83
CA PHE D 127 -9.34 -0.95 18.79
C PHE D 127 -9.58 -2.46 18.62
N LEU D 128 -10.78 -2.96 18.92
CA LEU D 128 -11.08 -4.37 18.72
C LEU D 128 -11.31 -4.75 17.27
N ASP D 129 -11.51 -3.80 16.36
CA ASP D 129 -12.14 -4.11 15.08
C ASP D 129 -11.50 -5.26 14.30
N PRO D 130 -10.17 -5.45 14.27
CA PRO D 130 -9.60 -6.41 13.32
C PRO D 130 -10.05 -7.85 13.50
N LEU D 131 -10.50 -8.27 14.67
CA LEU D 131 -10.76 -9.69 14.90
C LEU D 131 -12.23 -10.09 14.94
N ALA D 132 -13.16 -9.14 15.08
CA ALA D 132 -14.58 -9.44 15.16
C ALA D 132 -15.00 -10.34 16.33
N TYR D 133 -16.30 -10.31 16.62
CA TYR D 133 -16.84 -10.83 17.88
C TYR D 133 -16.51 -12.30 18.11
N GLU D 134 -16.64 -13.13 17.07
CA GLU D 134 -16.63 -14.58 17.26
C GLU D 134 -15.30 -15.07 17.81
N ILE D 135 -14.19 -14.63 17.22
CA ILE D 135 -12.88 -15.08 17.69
C ILE D 135 -12.67 -14.64 19.12
N TRP D 136 -13.02 -13.38 19.42
CA TRP D 136 -12.85 -12.85 20.77
C TRP D 136 -13.63 -13.70 21.78
N MET D 137 -14.80 -14.21 21.38
CA MET D 137 -15.49 -15.14 22.25
C MET D 137 -14.72 -16.44 22.40
N CYS D 138 -14.38 -17.07 21.28
CA CYS D 138 -13.87 -18.44 21.32
C CYS D 138 -12.59 -18.56 22.13
N ILE D 139 -11.75 -17.51 22.09
CA ILE D 139 -10.51 -17.50 22.86
C ILE D 139 -10.77 -17.83 24.32
N VAL D 140 -11.85 -17.31 24.89
CA VAL D 140 -12.12 -17.51 26.31
C VAL D 140 -12.36 -18.98 26.61
N PHE D 141 -13.27 -19.60 25.87
CA PHE D 141 -13.55 -21.02 26.11
C PHE D 141 -12.30 -21.85 25.92
N ALA D 142 -11.47 -21.49 24.93
CA ALA D 142 -10.22 -22.19 24.74
C ALA D 142 -9.33 -22.09 25.97
N TYR D 143 -9.20 -20.89 26.51
CA TYR D 143 -8.40 -20.65 27.72
C TYR D 143 -8.90 -21.48 28.89
N ILE D 144 -10.21 -21.46 29.14
CA ILE D 144 -10.78 -22.26 30.22
C ILE D 144 -10.41 -23.73 30.05
N GLY D 145 -10.75 -24.29 28.89
CA GLY D 145 -10.52 -25.71 28.68
C GLY D 145 -9.06 -26.08 28.85
N VAL D 146 -8.17 -25.29 28.25
CA VAL D 146 -6.74 -25.59 28.32
C VAL D 146 -6.27 -25.60 29.76
N SER D 147 -6.73 -24.64 30.57
CA SER D 147 -6.32 -24.63 31.97
C SER D 147 -6.84 -25.86 32.70
N VAL D 148 -8.09 -26.24 32.46
CA VAL D 148 -8.65 -27.38 33.17
C VAL D 148 -7.88 -28.65 32.83
N VAL D 149 -7.61 -28.85 31.54
CA VAL D 149 -6.91 -30.06 31.11
C VAL D 149 -5.48 -30.07 31.63
N LEU D 150 -4.80 -28.92 31.63
CA LEU D 150 -3.48 -28.86 32.24
C LEU D 150 -3.54 -29.25 33.70
N PHE D 151 -4.55 -28.76 34.42
CA PHE D 151 -4.70 -29.12 35.83
C PHE D 151 -4.82 -30.63 36.01
N LEU D 152 -5.68 -31.27 35.21
CA LEU D 152 -6.07 -32.64 35.51
C LEU D 152 -4.87 -33.58 35.48
N VAL D 153 -4.17 -33.64 34.34
CA VAL D 153 -3.13 -34.63 34.16
C VAL D 153 -1.96 -34.36 35.09
N SER D 154 -1.75 -33.10 35.48
CA SER D 154 -0.68 -32.77 36.42
C SER D 154 -0.97 -33.25 37.83
N ARG D 155 -2.20 -33.67 38.14
CA ARG D 155 -2.56 -34.14 39.46
C ARG D 155 -3.17 -35.55 39.39
N PHE D 156 -2.68 -36.34 38.44
CA PHE D 156 -2.73 -37.79 38.57
C PHE D 156 -1.87 -38.23 39.75
N SER D 157 -2.17 -39.41 40.28
CA SER D 157 -1.54 -39.92 41.49
C SER D 157 -0.04 -40.13 41.31
N PRO D 158 0.80 -39.34 41.97
CA PRO D 158 2.25 -39.49 41.79
C PRO D 158 2.83 -40.50 42.77
N TYR D 159 3.27 -41.64 42.25
CA TYR D 159 3.99 -42.61 43.05
C TYR D 159 4.91 -43.48 42.20
N SER D 175 0.58 -39.02 48.53
CA SER D 175 1.71 -38.38 47.87
C SER D 175 1.24 -37.27 46.94
N GLU D 176 -0.07 -37.26 46.64
CA GLU D 176 -0.63 -36.34 45.66
C GLU D 176 -0.33 -34.90 46.04
N SER D 177 -0.45 -34.01 45.03
CA SER D 177 -0.15 -32.59 45.19
C SER D 177 1.32 -32.36 45.50
N THR D 178 2.17 -33.20 44.92
CA THR D 178 3.62 -33.00 45.01
C THR D 178 4.13 -31.95 44.04
N ASN D 179 3.25 -31.15 43.44
CA ASN D 179 3.66 -30.18 42.42
C ASN D 179 2.82 -28.93 42.56
N GLU D 180 3.29 -27.85 41.92
CA GLU D 180 2.64 -26.55 42.00
C GLU D 180 1.26 -26.51 41.34
N PHE D 181 0.97 -27.40 40.40
CA PHE D 181 -0.14 -27.20 39.47
C PHE D 181 -1.50 -27.51 40.12
N GLY D 182 -1.84 -26.71 41.13
CA GLY D 182 -3.22 -26.51 41.47
C GLY D 182 -3.97 -25.74 40.40
N ILE D 183 -5.30 -25.75 40.52
CA ILE D 183 -6.14 -25.14 39.50
C ILE D 183 -5.89 -23.65 39.38
N PHE D 184 -5.76 -22.97 40.52
CA PHE D 184 -5.47 -21.54 40.53
C PHE D 184 -4.16 -21.25 39.81
N ASN D 185 -3.08 -21.96 40.20
CA ASN D 185 -1.80 -21.79 39.54
C ASN D 185 -1.85 -22.18 38.06
N SER D 186 -2.68 -23.16 37.71
CA SER D 186 -2.80 -23.52 36.30
C SER D 186 -3.44 -22.40 35.49
N LEU D 187 -4.49 -21.77 36.03
CA LEU D 187 -5.08 -20.62 35.37
C LEU D 187 -4.07 -19.50 35.23
N TRP D 188 -3.28 -19.27 36.28
CA TRP D 188 -2.26 -18.22 36.24
C TRP D 188 -1.24 -18.52 35.15
N PHE D 189 -0.73 -19.75 35.11
CA PHE D 189 0.26 -20.11 34.10
C PHE D 189 -0.29 -19.93 32.70
N SER D 190 -1.49 -20.45 32.43
CA SER D 190 -2.03 -20.33 31.08
C SER D 190 -2.28 -18.89 30.69
N LEU D 191 -2.62 -18.03 31.66
CA LEU D 191 -2.82 -16.63 31.33
C LEU D 191 -1.49 -15.97 30.99
N GLY D 192 -0.47 -16.21 31.80
CA GLY D 192 0.84 -15.66 31.48
C GLY D 192 1.38 -16.19 30.16
N ALA D 193 1.10 -17.46 29.86
CA ALA D 193 1.56 -18.05 28.61
C ALA D 193 0.91 -17.40 27.41
N PHE D 194 -0.36 -17.03 27.51
CA PHE D 194 -1.00 -16.37 26.37
C PHE D 194 -0.35 -15.03 26.07
N MET D 195 0.02 -14.28 27.10
CA MET D 195 0.48 -12.91 26.94
C MET D 195 1.96 -12.80 26.55
N GLN D 196 2.68 -13.91 26.50
CA GLN D 196 4.13 -13.93 26.26
C GLN D 196 4.90 -13.26 27.40
N GLN D 197 4.71 -13.81 28.59
CA GLN D 197 5.27 -13.25 29.81
C GLN D 197 5.93 -14.34 30.62
N GLY D 198 6.86 -13.92 31.48
CA GLY D 198 7.62 -14.85 32.30
C GLY D 198 6.79 -15.69 33.25
N CYS D 199 6.69 -16.99 32.98
CA CYS D 199 5.99 -17.92 33.84
C CYS D 199 7.01 -18.89 34.42
N ASP D 200 7.16 -18.89 35.74
CA ASP D 200 8.30 -19.56 36.36
C ASP D 200 8.14 -21.08 36.37
N ILE D 201 6.96 -21.57 36.74
CA ILE D 201 6.81 -23.02 36.90
C ILE D 201 6.83 -23.71 35.54
N SER D 202 7.16 -25.00 35.57
CA SER D 202 7.34 -25.81 34.38
C SER D 202 6.62 -27.14 34.54
N PRO D 203 5.94 -27.61 33.49
CA PRO D 203 5.20 -28.88 33.61
C PRO D 203 6.06 -30.06 34.00
N ARG D 204 7.34 -30.06 33.64
CA ARG D 204 8.30 -31.11 33.96
C ARG D 204 7.87 -32.51 33.52
N SER D 205 6.77 -32.63 32.77
CA SER D 205 6.20 -33.95 32.56
C SER D 205 5.50 -33.98 31.21
N LEU D 206 5.42 -35.18 30.64
CA LEU D 206 5.20 -35.34 29.21
C LEU D 206 3.86 -34.74 28.78
N SER D 207 2.76 -35.20 29.39
CA SER D 207 1.44 -34.71 29.02
C SER D 207 1.33 -33.20 29.22
N GLY D 208 1.92 -32.69 30.30
CA GLY D 208 1.89 -31.25 30.51
C GLY D 208 2.67 -30.50 29.46
N ARG D 209 3.86 -31.00 29.11
CA ARG D 209 4.66 -30.36 28.06
C ARG D 209 3.91 -30.38 26.72
N ILE D 210 3.28 -31.50 26.41
CA ILE D 210 2.44 -31.60 25.22
C ILE D 210 1.39 -30.50 25.23
N VAL D 211 0.67 -30.38 26.34
CA VAL D 211 -0.36 -29.35 26.42
C VAL D 211 0.26 -27.96 26.25
N GLY D 212 1.44 -27.76 26.81
CA GLY D 212 2.11 -26.46 26.70
C GLY D 212 2.45 -26.07 25.28
N GLY D 213 2.85 -27.05 24.47
CA GLY D 213 3.35 -26.73 23.14
C GLY D 213 2.34 -26.06 22.22
N VAL D 214 1.23 -26.76 22.01
CA VAL D 214 0.21 -26.30 21.08
C VAL D 214 -0.33 -24.94 21.51
N TRP D 215 -0.42 -24.70 22.81
CA TRP D 215 -0.94 -23.43 23.29
C TRP D 215 -0.04 -22.27 22.88
N TRP D 216 1.29 -22.46 22.95
CA TRP D 216 2.20 -21.45 22.45
C TRP D 216 2.02 -21.26 20.95
N PHE D 217 1.85 -22.35 20.22
CA PHE D 217 1.67 -22.21 18.76
C PHE D 217 0.43 -21.37 18.46
N PHE D 218 -0.68 -21.68 19.12
CA PHE D 218 -1.91 -20.92 18.96
C PHE D 218 -1.71 -19.43 19.24
N THR D 219 -1.10 -19.10 20.37
CA THR D 219 -0.98 -17.69 20.70
C THR D 219 -0.08 -16.97 19.70
N LEU D 220 1.00 -17.63 19.25
CA LEU D 220 1.85 -17.03 18.23
C LEU D 220 1.06 -16.67 16.99
N ILE D 221 0.25 -17.60 16.50
CA ILE D 221 -0.47 -17.34 15.26
C ILE D 221 -1.47 -16.20 15.46
N ILE D 222 -2.22 -16.26 16.55
CA ILE D 222 -3.25 -15.22 16.77
C ILE D 222 -2.60 -13.84 16.78
N ILE D 223 -1.54 -13.67 17.57
CA ILE D 223 -0.92 -12.36 17.70
C ILE D 223 -0.42 -11.86 16.35
N SER D 224 0.29 -12.73 15.61
CA SER D 224 0.81 -12.29 14.33
C SER D 224 -0.32 -11.85 13.39
N SER D 225 -1.45 -12.56 13.42
CA SER D 225 -2.55 -12.17 12.57
C SER D 225 -3.08 -10.80 12.95
N TYR D 226 -3.27 -10.58 14.26
CA TYR D 226 -3.84 -9.31 14.69
C TYR D 226 -2.97 -8.15 14.26
N THR D 227 -1.67 -8.21 14.58
CA THR D 227 -0.80 -7.09 14.24
C THR D 227 -0.75 -6.85 12.74
N ALA D 228 -0.70 -7.92 11.94
CA ALA D 228 -0.66 -7.73 10.50
C ALA D 228 -1.92 -7.02 10.01
N ASN D 229 -3.08 -7.49 10.47
CA ASN D 229 -4.32 -6.95 9.94
C ASN D 229 -4.48 -5.49 10.32
N LEU D 230 -4.19 -5.14 11.58
CA LEU D 230 -4.28 -3.73 11.97
C LEU D 230 -3.33 -2.86 11.13
N ALA D 231 -2.14 -3.39 10.84
CA ALA D 231 -1.22 -2.63 9.99
C ALA D 231 -1.82 -2.37 8.63
N ALA D 232 -2.42 -3.40 8.01
CA ALA D 232 -3.10 -3.20 6.74
C ALA D 232 -4.24 -2.20 6.86
N PHE D 233 -5.04 -2.32 7.93
CA PHE D 233 -6.20 -1.46 8.11
C PHE D 233 -5.82 0.01 8.11
N LEU D 234 -4.71 0.37 8.75
CA LEU D 234 -4.37 1.79 8.75
C LEU D 234 -3.81 2.31 7.43
N THR D 235 -3.55 1.44 6.45
CA THR D 235 -2.90 1.89 5.23
C THR D 235 -3.85 2.51 4.20
N VAL D 236 -5.09 2.01 4.10
CA VAL D 236 -6.04 2.47 3.09
C VAL D 236 -7.41 2.58 3.71
N GLU D 237 -8.11 3.69 3.44
CA GLU D 237 -9.38 4.00 4.07
C GLU D 237 -10.49 4.16 3.03
N ARG D 238 -11.70 3.78 3.42
CA ARG D 238 -12.87 3.77 2.53
C ARG D 238 -14.09 4.03 3.39
N MET D 239 -14.78 5.14 3.13
CA MET D 239 -15.84 5.60 4.02
C MET D 239 -17.08 4.69 4.00
N VAL D 240 -17.35 4.03 2.88
CA VAL D 240 -18.57 3.24 2.67
C VAL D 240 -19.81 4.13 2.72
N SER D 241 -20.51 4.23 1.60
CA SER D 241 -21.78 4.95 1.57
C SER D 241 -22.85 4.19 2.34
N PRO D 242 -23.73 4.91 3.05
CA PRO D 242 -24.71 4.22 3.91
C PRO D 242 -25.84 3.56 3.16
N ILE D 243 -26.19 4.06 1.97
CA ILE D 243 -27.35 3.58 1.23
C ILE D 243 -27.04 3.67 -0.26
N GLU D 244 -27.82 2.95 -1.07
CA GLU D 244 -27.64 3.04 -2.52
C GLU D 244 -28.95 3.03 -3.33
N SER D 245 -30.08 2.60 -2.79
CA SER D 245 -31.21 2.22 -3.63
C SER D 245 -32.52 2.82 -3.11
N ALA D 246 -33.49 2.89 -4.03
CA ALA D 246 -34.85 3.23 -3.65
C ALA D 246 -35.41 2.25 -2.64
N GLU D 247 -34.97 0.99 -2.69
CA GLU D 247 -35.35 0.02 -1.68
C GLU D 247 -34.87 0.44 -0.30
N ASP D 248 -33.62 0.92 -0.21
CA ASP D 248 -33.14 1.49 1.04
C ASP D 248 -34.00 2.67 1.47
N LEU D 249 -34.41 3.51 0.53
CA LEU D 249 -35.28 4.63 0.86
C LEU D 249 -36.66 4.16 1.31
N SER D 250 -37.05 2.93 0.94
CA SER D 250 -38.25 2.34 1.50
C SER D 250 -38.02 1.77 2.89
N LYS D 251 -36.78 1.36 3.19
CA LYS D 251 -36.44 0.84 4.50
C LYS D 251 -35.93 1.94 5.42
N GLN D 252 -36.24 3.20 5.11
CA GLN D 252 -35.55 4.33 5.70
C GLN D 252 -35.61 4.32 7.21
N THR D 253 -34.46 4.59 7.85
CA THR D 253 -34.45 4.77 9.30
C THR D 253 -34.96 6.15 9.69
N GLU D 254 -34.22 7.20 9.31
CA GLU D 254 -34.59 8.55 9.71
C GLU D 254 -34.50 9.54 8.56
N ILE D 255 -33.66 9.26 7.56
CA ILE D 255 -33.33 10.25 6.54
C ILE D 255 -34.57 10.56 5.72
N ALA D 256 -35.14 11.75 5.91
CA ALA D 256 -36.32 12.11 5.15
C ALA D 256 -35.94 12.48 3.72
N TYR D 257 -36.94 12.42 2.83
CA TYR D 257 -36.69 12.72 1.43
C TYR D 257 -37.98 13.20 0.77
N GLY D 258 -37.82 13.95 -0.31
CA GLY D 258 -38.95 14.44 -1.07
C GLY D 258 -38.49 15.09 -2.35
N THR D 259 -39.42 15.22 -3.29
CA THR D 259 -39.15 15.90 -4.55
C THR D 259 -39.20 17.41 -4.38
N LEU D 260 -38.88 18.11 -5.46
CA LEU D 260 -39.20 19.53 -5.56
C LEU D 260 -40.71 19.72 -5.44
N ASP D 261 -41.12 20.78 -4.75
CA ASP D 261 -42.51 21.18 -4.82
C ASP D 261 -42.81 21.88 -6.14
N SER D 262 -44.07 21.81 -6.55
CA SER D 262 -44.56 22.31 -7.84
C SER D 262 -43.90 21.60 -9.02
N GLY D 263 -42.97 20.68 -8.74
CA GLY D 263 -42.32 19.92 -9.79
C GLY D 263 -43.22 18.82 -10.32
N SER D 264 -43.23 18.65 -11.64
CA SER D 264 -44.06 17.60 -12.24
C SER D 264 -43.65 16.21 -11.77
N THR D 265 -42.44 16.04 -11.23
CA THR D 265 -42.08 14.77 -10.60
C THR D 265 -43.03 14.45 -9.46
N LYS D 266 -43.51 15.47 -8.75
CA LYS D 266 -44.47 15.27 -7.68
C LYS D 266 -45.76 14.67 -8.21
N GLU D 267 -46.31 15.27 -9.26
CA GLU D 267 -47.48 14.70 -9.94
C GLU D 267 -47.20 13.28 -10.43
N PHE D 268 -46.01 13.04 -10.98
CA PHE D 268 -45.64 11.69 -11.41
C PHE D 268 -45.71 10.70 -10.25
N PHE D 269 -45.20 11.08 -9.09
CA PHE D 269 -45.30 10.23 -7.90
C PHE D 269 -46.76 10.03 -7.48
N ARG D 270 -47.58 11.08 -7.56
CA ARG D 270 -49.00 10.91 -7.30
C ARG D 270 -49.63 9.92 -8.28
N ARG D 271 -49.11 9.88 -9.50
CA ARG D 271 -49.64 8.99 -10.53
C ARG D 271 -49.12 7.56 -10.40
N SER D 272 -47.89 7.38 -9.94
CA SER D 272 -47.22 6.09 -10.10
C SER D 272 -47.86 5.02 -9.24
N LYS D 273 -48.02 3.84 -9.83
CA LYS D 273 -48.74 2.72 -9.22
C LYS D 273 -47.85 1.61 -8.70
N ILE D 274 -46.63 1.49 -9.23
CA ILE D 274 -45.78 0.35 -8.92
C ILE D 274 -45.39 0.38 -7.44
N ALA D 275 -45.51 -0.78 -6.78
CA ALA D 275 -45.74 -0.82 -5.34
C ALA D 275 -44.68 -0.07 -4.54
N VAL D 276 -43.41 -0.20 -4.93
CA VAL D 276 -42.36 0.52 -4.22
C VAL D 276 -42.52 2.03 -4.37
N PHE D 277 -42.78 2.49 -5.59
CA PHE D 277 -42.97 3.92 -5.82
C PHE D 277 -44.28 4.41 -5.22
N ASP D 278 -45.31 3.56 -5.20
CA ASP D 278 -46.55 3.93 -4.53
C ASP D 278 -46.36 4.06 -3.02
N LYS D 279 -45.58 3.16 -2.42
CA LYS D 279 -45.22 3.31 -1.01
C LYS D 279 -44.43 4.58 -0.75
N MET D 280 -43.47 4.89 -1.63
CA MET D 280 -42.73 6.14 -1.54
C MET D 280 -43.68 7.33 -1.57
N TRP D 281 -44.57 7.36 -2.57
CA TRP D 281 -45.54 8.45 -2.67
C TRP D 281 -46.40 8.57 -1.42
N THR D 282 -46.94 7.45 -0.93
CA THR D 282 -47.78 7.53 0.26
C THR D 282 -46.99 8.01 1.47
N TYR D 283 -45.70 7.67 1.55
CA TYR D 283 -44.85 8.24 2.59
C TYR D 283 -44.75 9.76 2.45
N MET D 284 -44.35 10.22 1.25
CA MET D 284 -44.16 11.64 1.02
C MET D 284 -45.45 12.43 1.22
N ARG D 285 -46.59 11.79 0.97
CA ARG D 285 -47.88 12.36 1.30
C ARG D 285 -48.07 12.45 2.80
N SER D 286 -47.72 11.39 3.53
CA SER D 286 -48.01 11.30 4.95
C SER D 286 -46.91 11.94 5.78
N ALA D 287 -45.76 12.22 5.19
CA ALA D 287 -44.71 13.00 5.85
C ALA D 287 -45.27 14.34 6.32
N GLU D 288 -44.67 14.87 7.39
CA GLU D 288 -45.05 16.17 7.89
C GLU D 288 -44.77 17.26 6.84
N PRO D 289 -45.47 18.40 6.94
CA PRO D 289 -45.19 19.55 6.06
C PRO D 289 -43.73 19.98 6.07
N SER D 290 -43.34 20.74 5.03
CA SER D 290 -41.94 21.03 4.73
C SER D 290 -41.15 19.78 4.39
N VAL D 291 -41.84 18.75 3.90
CA VAL D 291 -41.15 17.64 3.25
C VAL D 291 -40.76 17.99 1.81
N PHE D 292 -41.51 18.88 1.15
CA PHE D 292 -41.14 19.35 -0.18
C PHE D 292 -40.39 20.67 -0.08
N VAL D 293 -39.66 20.98 -1.15
CA VAL D 293 -38.92 22.22 -1.30
C VAL D 293 -39.25 22.83 -2.65
N ARG D 294 -39.26 24.16 -2.70
CA ARG D 294 -39.79 24.87 -3.86
C ARG D 294 -38.73 25.28 -4.87
N THR D 295 -37.46 25.38 -4.49
CA THR D 295 -36.45 25.96 -5.38
C THR D 295 -35.15 25.18 -5.26
N THR D 296 -34.30 25.36 -6.29
CA THR D 296 -32.96 24.79 -6.30
C THR D 296 -32.16 25.20 -5.07
N ALA D 297 -32.13 26.51 -4.79
CA ALA D 297 -31.35 27.02 -3.67
C ALA D 297 -31.83 26.45 -2.34
N GLU D 298 -33.15 26.31 -2.18
CA GLU D 298 -33.68 25.73 -0.95
C GLU D 298 -33.23 24.28 -0.80
N GLY D 299 -33.31 23.49 -1.87
CA GLY D 299 -32.82 22.12 -1.81
C GLY D 299 -31.33 22.05 -1.48
N VAL D 300 -30.52 22.88 -2.12
CA VAL D 300 -29.09 22.92 -1.87
C VAL D 300 -28.80 23.24 -0.40
N ALA D 301 -29.43 24.30 0.10
CA ALA D 301 -29.19 24.70 1.49
C ALA D 301 -29.66 23.63 2.46
N ARG D 302 -30.82 23.02 2.19
CA ARG D 302 -31.28 21.94 3.06
C ARG D 302 -30.30 20.78 3.07
N VAL D 303 -29.79 20.40 1.90
CA VAL D 303 -28.89 19.25 1.81
C VAL D 303 -27.58 19.52 2.55
N ARG D 304 -26.99 20.70 2.34
CA ARG D 304 -25.76 21.01 3.06
C ARG D 304 -26.01 21.19 4.55
N LYS D 305 -27.16 21.75 4.91
CA LYS D 305 -27.58 21.81 6.30
C LYS D 305 -27.84 20.42 6.84
N SER D 306 -28.41 19.53 6.02
CA SER D 306 -28.57 18.12 6.38
C SER D 306 -27.19 17.48 6.48
N LYS D 307 -26.56 17.67 7.64
CA LYS D 307 -25.35 16.93 7.98
C LYS D 307 -25.58 15.44 7.94
N GLY D 308 -26.82 15.00 8.12
CA GLY D 308 -27.24 13.65 7.82
C GLY D 308 -28.69 13.47 8.24
N LYS D 309 -29.59 14.12 7.51
CA LYS D 309 -31.00 14.14 7.86
C LYS D 309 -31.95 14.10 6.66
N TYR D 310 -31.52 14.52 5.47
CA TYR D 310 -32.43 14.64 4.34
C TYR D 310 -31.69 14.34 3.05
N ALA D 311 -32.43 13.84 2.07
CA ALA D 311 -31.91 13.56 0.74
C ALA D 311 -32.84 14.17 -0.30
N TYR D 312 -32.27 14.68 -1.39
CA TYR D 312 -33.01 15.46 -2.36
C TYR D 312 -32.94 14.80 -3.73
N LEU D 313 -34.06 14.88 -4.47
CA LEU D 313 -34.20 14.29 -5.78
C LEU D 313 -34.20 15.41 -6.83
N LEU D 314 -33.47 15.20 -7.93
CA LEU D 314 -33.42 16.20 -8.98
C LEU D 314 -33.03 15.52 -10.29
N GLU D 315 -33.15 16.28 -11.38
CA GLU D 315 -32.77 15.79 -12.69
C GLU D 315 -31.27 15.57 -12.77
N SER D 316 -30.87 14.51 -13.48
CA SER D 316 -29.46 14.14 -13.58
C SER D 316 -28.59 15.26 -14.16
N THR D 317 -29.12 16.05 -15.10
CA THR D 317 -28.32 17.13 -15.67
C THR D 317 -28.01 18.21 -14.65
N MET D 318 -28.96 18.51 -13.74
CA MET D 318 -28.65 19.44 -12.67
C MET D 318 -27.70 18.82 -11.66
N ASN D 319 -27.88 17.53 -11.38
CA ASN D 319 -26.97 16.84 -10.46
C ASN D 319 -25.53 16.93 -10.94
N GLU D 320 -25.28 16.56 -12.20
CA GLU D 320 -23.93 16.69 -12.77
C GLU D 320 -23.46 18.14 -12.83
N TYR D 321 -24.34 19.07 -13.20
CA TYR D 321 -23.91 20.47 -13.32
C TYR D 321 -23.52 21.05 -11.97
N ILE D 322 -24.15 20.62 -10.89
CA ILE D 322 -23.76 21.03 -9.55
C ILE D 322 -22.50 20.28 -9.10
N GLU D 323 -22.39 18.99 -9.47
CA GLU D 323 -21.38 18.12 -8.90
C GLU D 323 -19.96 18.66 -9.13
N GLN D 324 -19.77 19.46 -10.17
CA GLN D 324 -18.45 20.03 -10.42
C GLN D 324 -18.27 21.42 -9.80
N ARG D 325 -19.31 21.97 -9.17
CA ARG D 325 -19.20 23.32 -8.63
C ARG D 325 -18.45 23.29 -7.29
N LYS D 326 -18.22 24.47 -6.73
CA LYS D 326 -17.61 24.63 -5.42
C LYS D 326 -18.67 24.95 -4.38
N PRO D 327 -18.62 24.35 -3.17
CA PRO D 327 -17.74 23.24 -2.76
C PRO D 327 -18.09 21.90 -3.40
N CYS D 328 -17.08 21.07 -3.65
CA CYS D 328 -17.24 19.81 -4.34
C CYS D 328 -17.68 18.71 -3.37
N ASP D 329 -18.75 18.96 -2.61
CA ASP D 329 -19.04 18.20 -1.40
C ASP D 329 -20.38 17.45 -1.44
N THR D 330 -20.94 17.23 -2.64
CA THR D 330 -22.15 16.43 -2.79
C THR D 330 -21.92 15.40 -3.88
N MET D 331 -22.72 14.33 -3.86
CA MET D 331 -22.51 13.28 -4.84
C MET D 331 -23.83 12.62 -5.24
N LYS D 332 -23.89 12.18 -6.50
CA LYS D 332 -24.88 11.24 -6.97
C LYS D 332 -24.65 9.85 -6.39
N VAL D 333 -25.74 9.15 -6.08
CA VAL D 333 -25.68 7.74 -5.74
C VAL D 333 -26.72 6.97 -6.54
N GLY D 334 -26.41 5.71 -6.84
CA GLY D 334 -27.29 4.85 -7.59
C GLY D 334 -27.47 5.26 -9.05
N GLY D 335 -28.29 4.45 -9.74
CA GLY D 335 -28.65 4.74 -11.12
C GLY D 335 -29.79 5.73 -11.27
N ASN D 336 -30.01 6.14 -12.52
CA ASN D 336 -31.16 6.99 -12.84
C ASN D 336 -32.46 6.20 -12.70
N LEU D 337 -33.44 6.82 -12.06
CA LEU D 337 -34.67 6.11 -11.72
C LEU D 337 -35.66 5.98 -12.87
N ASP D 338 -35.51 6.78 -13.92
CA ASP D 338 -36.48 6.76 -15.02
C ASP D 338 -35.81 7.34 -16.27
N SER D 339 -36.62 7.73 -17.25
CA SER D 339 -36.17 8.61 -18.31
C SER D 339 -37.34 9.43 -18.84
N LYS D 340 -37.04 10.66 -19.22
CA LYS D 340 -37.99 11.55 -19.90
C LYS D 340 -37.20 12.50 -20.79
N GLY D 341 -37.91 13.09 -21.77
CA GLY D 341 -37.32 14.09 -22.63
C GLY D 341 -37.60 15.52 -22.21
N TYR D 342 -36.71 16.41 -22.65
CA TYR D 342 -36.90 17.85 -22.56
C TYR D 342 -37.00 18.43 -23.97
N GLY D 343 -37.90 19.39 -24.16
CA GLY D 343 -38.14 19.91 -25.49
C GLY D 343 -38.85 21.24 -25.47
N ILE D 344 -39.06 21.79 -26.66
CA ILE D 344 -39.82 23.02 -26.82
C ILE D 344 -41.30 22.77 -26.53
N ALA D 345 -41.93 23.75 -25.90
CA ALA D 345 -43.38 23.74 -25.69
C ALA D 345 -43.99 25.01 -26.25
N THR D 346 -45.20 24.89 -26.78
CA THR D 346 -45.87 25.99 -27.44
C THR D 346 -47.37 25.80 -27.31
N PRO D 347 -48.16 26.87 -27.27
CA PRO D 347 -49.62 26.72 -27.34
C PRO D 347 -50.09 25.93 -28.55
N LYS D 348 -51.25 25.30 -28.39
CA LYS D 348 -51.77 24.32 -29.34
C LYS D 348 -51.90 24.89 -30.76
N GLY D 349 -51.38 24.16 -31.73
CA GLY D 349 -51.56 24.49 -33.13
C GLY D 349 -50.83 25.73 -33.62
N SER D 350 -49.77 26.15 -32.93
CA SER D 350 -49.13 27.42 -33.24
C SER D 350 -48.54 27.39 -34.65
N SER D 351 -48.73 28.50 -35.36
CA SER D 351 -48.11 28.68 -36.67
C SER D 351 -46.59 28.86 -36.58
N LEU D 352 -46.09 29.22 -35.39
CA LEU D 352 -44.65 29.17 -35.12
C LEU D 352 -44.19 27.83 -34.58
N GLY D 353 -44.95 27.26 -33.65
CA GLY D 353 -44.56 26.00 -33.04
C GLY D 353 -44.43 24.84 -34.01
N THR D 354 -45.21 24.85 -35.10
CA THR D 354 -45.08 23.79 -36.10
C THR D 354 -43.75 23.84 -36.85
N PRO D 355 -43.34 24.94 -37.49
CA PRO D 355 -42.08 24.90 -38.24
C PRO D 355 -40.82 24.84 -37.39
N VAL D 356 -40.85 25.38 -36.16
CA VAL D 356 -39.65 25.33 -35.32
C VAL D 356 -39.23 23.90 -35.00
N ASN D 357 -40.15 22.94 -35.06
CA ASN D 357 -39.74 21.54 -34.93
C ASN D 357 -38.76 21.13 -36.02
N LEU D 358 -38.86 21.74 -37.21
CA LEU D 358 -37.90 21.44 -38.27
C LEU D 358 -36.50 21.90 -37.88
N ALA D 359 -36.41 23.04 -37.20
CA ALA D 359 -35.14 23.52 -36.68
C ALA D 359 -34.50 22.48 -35.77
N VAL D 360 -35.24 21.98 -34.79
CA VAL D 360 -34.72 20.99 -33.85
C VAL D 360 -34.25 19.74 -34.59
N LEU D 361 -35.02 19.30 -35.59
CA LEU D 361 -34.60 18.16 -36.42
C LEU D 361 -33.26 18.41 -37.09
N LYS D 362 -33.18 19.48 -37.90
CA LYS D 362 -31.97 19.71 -38.67
C LYS D 362 -30.77 20.06 -37.78
N LEU D 363 -31.00 20.64 -36.61
CA LEU D 363 -29.92 20.84 -35.65
C LEU D 363 -29.49 19.54 -34.99
N SER D 364 -30.42 18.59 -34.83
CA SER D 364 -30.01 17.26 -34.37
C SER D 364 -29.19 16.56 -35.44
N GLU D 365 -29.50 16.82 -36.71
CA GLU D 365 -28.68 16.28 -37.79
C GLU D 365 -27.31 16.93 -37.82
N GLN D 366 -27.26 18.24 -37.60
CA GLN D 366 -25.99 18.95 -37.49
C GLN D 366 -25.20 18.54 -36.25
N GLY D 367 -25.86 17.96 -35.25
CA GLY D 367 -25.13 17.51 -34.08
C GLY D 367 -24.65 18.60 -33.15
N VAL D 368 -25.19 19.81 -33.28
CA VAL D 368 -24.79 20.92 -32.42
C VAL D 368 -25.09 20.63 -30.95
N LEU D 369 -25.94 19.65 -30.67
CA LEU D 369 -26.20 19.21 -29.30
C LEU D 369 -24.93 18.89 -28.53
N ASP D 370 -23.89 18.38 -29.21
CA ASP D 370 -22.62 18.14 -28.55
C ASP D 370 -21.98 19.43 -28.09
N LYS D 371 -21.94 20.45 -28.95
CA LYS D 371 -21.42 21.74 -28.53
C LYS D 371 -22.25 22.33 -27.40
N LEU D 372 -23.58 22.22 -27.51
CA LEU D 372 -24.48 22.73 -26.47
C LEU D 372 -24.17 22.10 -25.12
N LYS D 373 -23.84 20.81 -25.11
CA LYS D 373 -23.48 20.16 -23.85
C LYS D 373 -22.10 20.63 -23.40
N ASN D 374 -21.10 20.48 -24.28
CA ASN D 374 -19.70 20.71 -23.90
C ASN D 374 -19.51 22.11 -23.34
N LYS D 375 -20.10 23.11 -24.02
CA LYS D 375 -19.87 24.52 -23.70
C LYS D 375 -20.16 24.84 -22.24
N TRP D 376 -21.02 24.07 -21.59
CA TRP D 376 -21.43 24.37 -20.24
C TRP D 376 -21.04 23.28 -19.25
N TRP D 377 -21.25 22.02 -19.59
CA TRP D 377 -20.94 20.93 -18.66
C TRP D 377 -19.45 20.60 -18.63
N TYR D 378 -18.74 20.73 -19.75
CA TYR D 378 -17.37 20.25 -19.83
C TYR D 378 -16.32 21.36 -19.86
N ASP D 379 -16.62 22.50 -20.49
CA ASP D 379 -15.71 23.64 -20.38
C ASP D 379 -15.59 24.12 -18.94
N LYS D 380 -16.66 23.98 -18.15
CA LYS D 380 -16.64 24.20 -16.71
C LYS D 380 -16.31 22.93 -15.94
N GLY D 381 -15.51 22.02 -16.51
CA GLY D 381 -15.25 20.75 -15.84
C GLY D 381 -14.59 20.90 -14.48
N GLU D 382 -13.83 21.98 -14.29
CA GLU D 382 -13.43 22.47 -12.98
C GLU D 382 -12.93 21.36 -12.06
N CYS D 383 -13.79 20.93 -11.13
CA CYS D 383 -13.40 20.14 -9.96
C CYS D 383 -13.25 18.66 -10.30
N GLY D 384 -12.44 18.34 -11.31
CA GLY D 384 -12.46 17.03 -11.90
C GLY D 384 -11.77 15.96 -11.06
N ALA D 385 -11.08 15.04 -11.72
CA ALA D 385 -10.70 13.77 -11.09
C ALA D 385 -9.83 13.97 -9.86
N LYS D 386 -10.21 13.30 -8.78
CA LYS D 386 -9.38 13.04 -7.60
C LYS D 386 -9.20 11.54 -7.48
N ASP D 387 -8.01 11.11 -7.06
CA ASP D 387 -7.75 9.69 -6.92
C ASP D 387 -6.82 9.45 -5.72
N SER D 388 -6.28 8.25 -5.64
CA SER D 388 -5.40 7.83 -4.55
C SER D 388 -3.99 8.38 -4.65
N GLY D 389 -3.65 9.12 -5.72
CA GLY D 389 -2.27 9.49 -5.93
C GLY D 389 -1.79 10.51 -4.92
N SER D 390 -0.94 10.06 -4.01
CA SER D 390 -0.46 10.82 -2.85
C SER D 390 -1.58 11.10 -1.84
N LYS D 391 -1.22 11.14 -0.57
CA LYS D 391 -2.13 11.52 0.51
C LYS D 391 -1.37 12.35 1.53
N GLU D 392 -2.13 12.99 2.41
CA GLU D 392 -1.52 13.60 3.59
C GLU D 392 -0.72 12.56 4.34
N LYS D 393 0.38 12.98 4.96
CA LYS D 393 1.09 12.12 5.88
C LYS D 393 0.11 11.54 6.89
N THR D 394 0.22 10.24 7.15
CA THR D 394 -0.75 9.57 8.01
C THR D 394 -0.87 10.27 9.35
N SER D 395 0.22 10.90 9.81
CA SER D 395 0.30 11.57 11.11
C SER D 395 0.12 10.63 12.29
N ALA D 396 0.35 11.17 13.49
CA ALA D 396 0.38 10.36 14.69
C ALA D 396 -0.96 9.71 14.96
N LEU D 397 -0.93 8.54 15.59
CA LEU D 397 -2.14 7.93 16.12
C LEU D 397 -2.60 8.73 17.32
N SER D 398 -3.83 9.24 17.27
CA SER D 398 -4.30 10.11 18.33
C SER D 398 -4.63 9.31 19.59
N LEU D 399 -4.71 10.04 20.71
CA LEU D 399 -5.11 9.44 21.97
C LEU D 399 -6.51 8.85 21.89
N SER D 400 -7.42 9.49 21.16
CA SER D 400 -8.77 8.97 21.03
C SER D 400 -8.82 7.61 20.35
N ASN D 401 -7.78 7.24 19.59
CA ASN D 401 -7.84 5.97 18.87
C ASN D 401 -7.51 4.77 19.75
N VAL D 402 -7.09 4.97 20.99
CA VAL D 402 -6.79 3.88 21.91
C VAL D 402 -7.41 4.08 23.28
N ALA D 403 -8.21 5.13 23.47
CA ALA D 403 -8.64 5.53 24.82
C ALA D 403 -9.26 4.37 25.59
N GLY D 404 -10.01 3.51 24.90
CA GLY D 404 -10.65 2.36 25.51
C GLY D 404 -9.77 1.58 26.46
N VAL D 405 -8.52 1.36 26.05
CA VAL D 405 -7.61 0.50 26.80
C VAL D 405 -7.33 1.07 28.18
N PHE D 406 -7.20 2.40 28.29
CA PHE D 406 -6.91 3.00 29.58
C PHE D 406 -8.03 2.79 30.58
N TYR D 407 -9.28 2.96 30.14
CA TYR D 407 -10.41 2.70 31.03
C TYR D 407 -10.38 1.29 31.58
N ILE D 408 -10.14 0.29 30.73
CA ILE D 408 -10.09 -1.09 31.19
C ILE D 408 -9.03 -1.23 32.29
N LEU D 409 -7.84 -0.69 32.03
CA LEU D 409 -6.75 -0.80 33.00
C LEU D 409 -7.15 -0.18 34.33
N VAL D 410 -7.62 1.06 34.32
CA VAL D 410 -7.89 1.74 35.58
C VAL D 410 -9.05 1.07 36.31
N GLY D 411 -10.04 0.57 35.58
CA GLY D 411 -11.10 -0.21 36.21
C GLY D 411 -10.57 -1.45 36.90
N GLY D 412 -9.69 -2.19 36.24
CA GLY D 412 -9.10 -3.35 36.87
C GLY D 412 -8.31 -3.02 38.11
N LEU D 413 -7.49 -1.98 38.04
CA LEU D 413 -6.75 -1.55 39.24
C LEU D 413 -7.69 -1.15 40.37
N GLY D 414 -8.74 -0.40 40.04
CA GLY D 414 -9.71 -0.03 41.05
C GLY D 414 -10.36 -1.22 41.71
N LEU D 415 -10.69 -2.25 40.92
CA LEU D 415 -11.22 -3.49 41.49
C LEU D 415 -10.21 -4.17 42.39
N ALA D 416 -8.93 -4.16 42.00
CA ALA D 416 -7.94 -5.03 42.63
C ALA D 416 -7.82 -4.81 44.14
N MET D 417 -8.06 -3.59 44.62
CA MET D 417 -7.95 -3.33 46.05
C MET D 417 -9.04 -4.04 46.87
N LEU D 418 -10.28 -4.07 46.36
CA LEU D 418 -11.42 -4.56 47.15
C LEU D 418 -11.17 -5.98 47.65
N VAL D 419 -10.65 -6.83 46.77
CA VAL D 419 -10.41 -8.23 47.12
C VAL D 419 -9.50 -8.32 48.34
N ALA D 420 -8.54 -7.40 48.45
CA ALA D 420 -7.60 -7.46 49.58
C ALA D 420 -8.32 -7.14 50.88
N LEU D 421 -9.20 -6.15 50.85
CA LEU D 421 -9.95 -5.79 52.05
C LEU D 421 -10.85 -6.95 52.49
N ILE D 422 -11.54 -7.57 51.53
CA ILE D 422 -12.40 -8.70 51.90
C ILE D 422 -11.58 -9.88 52.40
N GLU D 423 -10.40 -10.10 51.82
CA GLU D 423 -9.49 -11.11 52.35
C GLU D 423 -9.10 -10.80 53.79
N PHE D 424 -8.81 -9.53 54.08
CA PHE D 424 -8.44 -9.13 55.44
C PHE D 424 -9.58 -9.39 56.42
N CYS D 425 -10.81 -9.02 56.06
CA CYS D 425 -11.94 -9.29 56.93
C CYS D 425 -12.22 -10.78 57.07
N TYR D 426 -12.02 -11.55 56.00
CA TYR D 426 -12.25 -12.99 56.08
C TYR D 426 -11.33 -13.64 57.10
N LYS D 427 -10.04 -13.30 57.06
CA LYS D 427 -9.08 -13.79 58.03
C LYS D 427 -9.14 -13.06 59.37
N SER D 428 -10.18 -12.28 59.64
CA SER D 428 -10.28 -11.57 60.91
C SER D 428 -10.78 -12.46 62.04
N ARG D 429 -11.03 -13.74 61.78
CA ARG D 429 -11.47 -14.67 62.82
C ARG D 429 -11.04 -16.10 62.48
N ARG E 1 19.60 -51.58 29.28
CA ARG E 1 20.25 -52.62 30.06
C ARG E 1 20.92 -53.59 29.11
N GLY E 2 22.18 -53.32 28.76
CA GLY E 2 23.00 -54.28 28.06
C GLY E 2 22.54 -54.50 26.63
N VAL E 3 21.26 -54.83 26.48
CA VAL E 3 20.67 -55.20 25.20
C VAL E 3 20.81 -54.08 24.16
N GLN E 4 20.98 -52.82 24.61
CA GLN E 4 21.01 -51.69 23.70
C GLN E 4 22.03 -51.85 22.58
N MET E 5 23.04 -52.70 22.78
CA MET E 5 23.96 -53.04 21.70
C MET E 5 23.22 -53.65 20.52
N LEU E 6 22.31 -54.59 20.81
CA LEU E 6 21.54 -55.26 19.76
C LEU E 6 20.74 -54.29 18.90
N LEU E 7 20.26 -53.18 19.47
CA LEU E 7 19.48 -52.26 18.66
C LEU E 7 20.37 -51.34 17.83
N THR E 8 21.31 -50.65 18.47
CA THR E 8 22.11 -49.67 17.75
C THR E 8 22.92 -50.30 16.63
N THR E 9 23.24 -51.59 16.75
CA THR E 9 23.90 -52.29 15.67
C THR E 9 23.03 -52.41 14.42
N VAL E 10 21.73 -52.20 14.53
CA VAL E 10 20.84 -52.40 13.40
C VAL E 10 20.92 -51.24 12.42
N GLY E 11 20.57 -50.04 12.87
CA GLY E 11 20.05 -49.03 11.97
C GLY E 11 21.07 -48.47 11.01
N ALA E 12 22.35 -48.45 11.41
CA ALA E 12 23.36 -47.76 10.61
C ALA E 12 23.45 -48.34 9.21
N PHE E 13 23.43 -49.67 9.11
CA PHE E 13 23.48 -50.32 7.80
C PHE E 13 22.26 -49.94 6.96
N ALA E 14 21.08 -49.86 7.59
CA ALA E 14 19.88 -49.48 6.88
C ALA E 14 19.99 -48.06 6.34
N ALA E 15 20.44 -47.13 7.18
CA ALA E 15 20.62 -45.75 6.76
C ALA E 15 21.58 -45.65 5.59
N PHE E 16 22.71 -46.36 5.67
CA PHE E 16 23.65 -46.40 4.56
C PHE E 16 22.97 -46.88 3.28
N SER E 17 22.26 -48.00 3.36
CA SER E 17 21.60 -48.56 2.19
C SER E 17 20.61 -47.56 1.59
N LEU E 18 19.76 -46.98 2.44
CA LEU E 18 18.79 -45.99 1.95
C LEU E 18 19.46 -44.82 1.28
N MET E 19 20.48 -44.24 1.91
CA MET E 19 21.13 -43.06 1.34
C MET E 19 21.83 -43.38 0.02
N THR E 20 22.58 -44.48 -0.04
CA THR E 20 23.26 -44.81 -1.28
C THR E 20 22.26 -45.13 -2.39
N ILE E 21 21.15 -45.80 -2.06
CA ILE E 21 20.11 -46.03 -3.05
C ILE E 21 19.57 -44.70 -3.56
N ALA E 22 19.32 -43.76 -2.64
CA ALA E 22 18.79 -42.46 -3.03
C ALA E 22 19.74 -41.73 -3.97
N VAL E 23 21.04 -41.82 -3.71
CA VAL E 23 22.02 -41.23 -4.62
C VAL E 23 21.96 -41.92 -5.98
N GLY E 24 21.62 -43.21 -5.99
CA GLY E 24 21.69 -44.02 -7.19
C GLY E 24 20.45 -44.12 -8.04
N THR E 25 19.49 -43.21 -7.88
CA THR E 25 18.23 -43.33 -8.60
C THR E 25 17.81 -42.00 -9.23
N ASP E 26 17.24 -42.10 -10.43
CA ASP E 26 16.91 -40.97 -11.29
C ASP E 26 15.54 -40.37 -11.00
N TYR E 27 15.07 -40.42 -9.76
CA TYR E 27 13.70 -40.05 -9.42
C TYR E 27 13.67 -39.11 -8.20
N TRP E 28 14.45 -38.04 -8.26
CA TRP E 28 14.28 -36.98 -7.27
C TRP E 28 13.16 -36.01 -7.64
N LEU E 29 12.87 -35.82 -8.92
CA LEU E 29 12.02 -34.70 -9.32
C LEU E 29 11.16 -35.09 -10.52
N TYR E 30 9.91 -34.64 -10.49
CA TYR E 30 9.02 -34.60 -11.66
C TYR E 30 8.89 -33.17 -12.16
N SER E 31 9.09 -32.98 -13.46
CA SER E 31 9.07 -31.64 -14.04
C SER E 31 8.90 -31.78 -15.55
N ARG E 32 8.57 -30.66 -16.19
CA ARG E 32 8.76 -30.53 -17.63
C ARG E 32 10.25 -30.54 -17.97
N GLY E 33 10.58 -31.12 -19.12
CA GLY E 33 11.97 -31.21 -19.50
C GLY E 33 12.13 -31.82 -20.88
N VAL E 34 13.39 -32.18 -21.18
CA VAL E 34 13.78 -32.60 -22.53
C VAL E 34 15.02 -33.48 -22.37
N CYS E 35 15.30 -34.31 -23.38
CA CYS E 35 16.44 -35.21 -23.34
C CYS E 35 17.25 -35.16 -24.62
N LYS E 36 17.10 -34.10 -25.40
CA LYS E 36 17.87 -33.94 -26.63
C LYS E 36 19.36 -33.83 -26.36
N GLU E 51 8.62 -29.41 -24.79
CA GLU E 51 8.99 -30.15 -23.58
C GLU E 51 7.91 -31.17 -23.20
N VAL E 52 8.30 -32.15 -22.39
CA VAL E 52 7.40 -33.19 -21.92
C VAL E 52 7.72 -33.48 -20.46
N MET E 53 6.76 -34.09 -19.77
CA MET E 53 6.94 -34.41 -18.36
C MET E 53 8.11 -35.36 -18.19
N THR E 54 8.85 -35.19 -17.09
CA THR E 54 10.22 -35.67 -17.01
C THR E 54 10.51 -36.10 -15.58
N HIS E 55 11.43 -37.04 -15.43
CA HIS E 55 11.96 -37.42 -14.13
C HIS E 55 13.47 -37.30 -14.16
N SER E 56 14.06 -36.96 -13.01
CA SER E 56 15.48 -36.69 -12.93
C SER E 56 16.04 -37.16 -11.59
N GLY E 57 17.33 -37.51 -11.59
CA GLY E 57 18.11 -37.61 -10.40
C GLY E 57 19.15 -36.50 -10.29
N LEU E 58 20.17 -36.76 -9.47
CA LEU E 58 21.24 -35.77 -9.30
C LEU E 58 22.06 -35.62 -10.57
N TRP E 59 22.28 -36.71 -11.30
CA TRP E 59 23.29 -36.77 -12.35
C TRP E 59 22.74 -36.66 -13.77
N ARG E 60 21.49 -37.02 -14.00
CA ARG E 60 21.04 -37.25 -15.37
C ARG E 60 19.52 -37.21 -15.44
N THR E 61 19.02 -37.13 -16.66
CA THR E 61 17.61 -36.91 -16.93
C THR E 61 17.16 -37.92 -17.98
N CYS E 62 15.96 -38.47 -17.79
CA CYS E 62 15.40 -39.41 -18.74
C CYS E 62 13.93 -39.09 -18.99
N CYS E 63 13.52 -39.17 -20.24
CA CYS E 63 12.22 -38.66 -20.67
C CYS E 63 11.20 -39.79 -20.73
N LEU E 64 9.96 -39.46 -20.39
CA LEU E 64 8.85 -40.41 -20.45
C LEU E 64 7.65 -39.78 -21.14
N GLU E 65 6.49 -40.42 -21.02
CA GLU E 65 5.20 -39.82 -21.39
C GLU E 65 5.18 -39.39 -22.86
N GLY E 66 5.92 -40.10 -23.70
CA GLY E 66 6.00 -39.77 -25.11
C GLY E 66 6.76 -40.82 -25.88
N ASN E 67 6.87 -40.58 -27.19
CA ASN E 67 7.50 -41.55 -28.07
C ASN E 67 8.96 -41.82 -27.69
N PHE E 68 9.67 -40.80 -27.20
CA PHE E 68 11.07 -40.96 -26.82
C PHE E 68 11.26 -41.69 -25.50
N LYS E 69 10.19 -42.18 -24.87
CA LYS E 69 10.24 -42.68 -23.51
C LYS E 69 11.38 -43.68 -23.34
N GLY E 70 12.30 -43.38 -22.42
CA GLY E 70 13.52 -44.12 -22.23
C GLY E 70 14.75 -43.41 -22.73
N LEU E 71 14.60 -42.37 -23.54
CA LEU E 71 15.72 -41.53 -23.92
C LEU E 71 16.26 -40.77 -22.71
N CYS E 72 17.57 -40.57 -22.70
CA CYS E 72 18.25 -39.99 -21.55
C CYS E 72 19.35 -39.06 -22.03
N LYS E 73 19.80 -38.18 -21.13
CA LYS E 73 21.03 -37.44 -21.31
C LYS E 73 21.61 -37.11 -19.94
N GLN E 74 22.90 -36.82 -19.93
CA GLN E 74 23.52 -36.31 -18.72
C GLN E 74 23.01 -34.90 -18.41
N ILE E 75 23.02 -34.55 -17.12
CA ILE E 75 22.38 -33.33 -16.68
C ILE E 75 23.11 -32.12 -17.27
N ASP E 76 22.37 -31.01 -17.40
CA ASP E 76 23.00 -29.72 -17.64
C ASP E 76 23.72 -29.28 -16.37
N HIS E 77 25.05 -29.27 -16.41
CA HIS E 77 25.82 -28.75 -15.29
C HIS E 77 25.74 -27.24 -15.15
N PHE E 78 25.33 -26.54 -16.21
CA PHE E 78 25.30 -25.08 -16.19
C PHE E 78 24.09 -24.54 -16.92
N ALA E 89 31.78 -13.25 -6.07
CA ALA E 89 30.48 -13.44 -6.70
C ALA E 89 29.88 -14.78 -6.32
N GLU E 90 28.57 -14.90 -6.49
CA GLU E 90 27.90 -16.17 -6.21
C GLU E 90 28.33 -17.27 -7.18
N TYR E 91 28.95 -16.90 -8.31
CA TYR E 91 29.39 -17.86 -9.32
C TYR E 91 29.99 -19.13 -8.71
N PHE E 92 30.88 -18.95 -7.73
CA PHE E 92 31.58 -20.10 -7.16
C PHE E 92 30.65 -21.06 -6.44
N LEU E 93 29.41 -20.66 -6.17
CA LEU E 93 28.46 -21.58 -5.56
C LEU E 93 28.16 -22.74 -6.49
N ARG E 94 28.17 -22.47 -7.81
CA ARG E 94 27.73 -23.46 -8.79
C ARG E 94 28.48 -24.77 -8.61
N ALA E 95 29.76 -24.68 -8.25
CA ALA E 95 30.59 -25.87 -8.06
C ALA E 95 29.97 -26.82 -7.05
N VAL E 96 29.33 -26.26 -6.02
CA VAL E 96 28.78 -27.08 -4.94
C VAL E 96 27.64 -27.94 -5.46
N ARG E 97 26.74 -27.35 -6.23
CA ARG E 97 25.69 -28.14 -6.86
C ARG E 97 26.27 -29.12 -7.86
N ALA E 98 27.20 -28.65 -8.69
CA ALA E 98 27.75 -29.49 -9.75
C ALA E 98 28.42 -30.73 -9.19
N SER E 99 29.13 -30.59 -8.06
CA SER E 99 29.83 -31.73 -7.48
C SER E 99 28.86 -32.67 -6.77
N SER E 100 27.90 -32.10 -6.02
CA SER E 100 27.09 -32.86 -5.07
C SER E 100 27.94 -33.59 -4.04
N ILE E 101 29.03 -32.95 -3.62
CA ILE E 101 30.00 -33.60 -2.74
C ILE E 101 29.36 -33.98 -1.41
N PHE E 102 28.35 -33.24 -0.98
CA PHE E 102 27.83 -33.39 0.38
C PHE E 102 27.19 -34.76 0.63
N PRO E 103 26.25 -35.25 -0.21
CA PRO E 103 25.83 -36.65 -0.11
C PRO E 103 26.96 -37.65 0.07
N ILE E 104 27.96 -37.56 -0.82
CA ILE E 104 29.09 -38.49 -0.79
C ILE E 104 29.81 -38.42 0.55
N LEU E 105 30.07 -37.19 1.02
CA LEU E 105 30.70 -37.03 2.33
C LEU E 105 29.87 -37.72 3.41
N SER E 106 28.56 -37.48 3.40
CA SER E 106 27.69 -38.08 4.41
C SER E 106 27.75 -39.60 4.36
N VAL E 107 27.75 -40.16 3.15
CA VAL E 107 27.85 -41.62 2.99
C VAL E 107 29.15 -42.15 3.56
N ILE E 108 30.27 -41.51 3.21
CA ILE E 108 31.57 -41.99 3.68
C ILE E 108 31.67 -41.88 5.20
N LEU E 109 31.22 -40.76 5.76
CA LEU E 109 31.28 -40.59 7.20
C LEU E 109 30.38 -41.60 7.91
N LEU E 110 29.21 -41.89 7.35
CA LEU E 110 28.34 -42.91 7.93
C LEU E 110 29.00 -44.29 7.89
N PHE E 111 29.69 -44.59 6.78
CA PHE E 111 30.47 -45.83 6.70
C PHE E 111 31.51 -45.88 7.82
N MET E 112 32.25 -44.79 8.01
CA MET E 112 33.24 -44.73 9.08
C MET E 112 32.58 -44.95 10.43
N GLY E 113 31.44 -44.32 10.65
CA GLY E 113 30.71 -44.52 11.90
C GLY E 113 30.36 -45.97 12.16
N GLY E 114 29.84 -46.65 11.13
CA GLY E 114 29.54 -48.07 11.29
C GLY E 114 30.79 -48.89 11.57
N LEU E 115 31.89 -48.56 10.90
CA LEU E 115 33.15 -49.26 11.18
C LEU E 115 33.62 -49.01 12.60
N CYS E 116 33.23 -47.88 13.20
CA CYS E 116 33.55 -47.65 14.62
C CYS E 116 32.99 -48.74 15.51
N ILE E 117 31.69 -49.03 15.36
CA ILE E 117 31.06 -50.04 16.20
C ILE E 117 31.52 -51.43 15.78
N ALA E 118 31.82 -51.60 14.49
CA ALA E 118 32.40 -52.87 14.04
C ALA E 118 33.77 -53.11 14.69
N ALA E 119 34.56 -52.04 14.84
CA ALA E 119 35.84 -52.17 15.54
C ALA E 119 35.65 -52.50 17.02
N SER E 120 34.68 -51.87 17.68
CA SER E 120 34.59 -51.91 19.14
C SER E 120 34.27 -53.29 19.69
N GLU E 121 34.08 -54.30 18.84
CA GLU E 121 34.08 -55.68 19.32
C GLU E 121 35.46 -56.10 19.83
N PHE E 122 36.52 -55.58 19.24
CA PHE E 122 37.86 -55.78 19.78
C PHE E 122 38.29 -54.58 20.62
N TYR E 123 39.50 -54.66 21.18
CA TYR E 123 40.13 -53.55 21.91
C TYR E 123 39.23 -53.04 23.04
N LYS E 124 38.49 -53.95 23.66
CA LYS E 124 37.56 -53.58 24.71
C LYS E 124 38.28 -52.96 25.89
N THR E 125 37.49 -52.39 26.81
CA THR E 125 37.93 -51.66 27.99
C THR E 125 38.50 -50.28 27.65
N ARG E 126 38.81 -50.04 26.37
CA ARG E 126 39.14 -48.68 25.97
C ARG E 126 37.94 -47.75 26.10
N HIS E 127 36.77 -48.22 25.67
CA HIS E 127 35.50 -47.52 25.73
C HIS E 127 35.46 -46.37 24.74
N ASN E 128 36.59 -46.04 24.10
CA ASN E 128 36.69 -44.79 23.39
C ASN E 128 36.59 -44.96 21.88
N ILE E 129 36.62 -46.21 21.41
CA ILE E 129 36.30 -46.49 20.02
C ILE E 129 34.85 -46.14 19.72
N ILE E 130 33.97 -46.29 20.71
CA ILE E 130 32.55 -45.97 20.52
C ILE E 130 32.36 -44.47 20.33
N LEU E 131 33.12 -43.65 21.06
CA LEU E 131 32.83 -42.22 21.16
C LEU E 131 32.63 -41.61 19.78
N SER E 132 33.56 -41.87 18.85
CA SER E 132 33.54 -41.20 17.56
C SER E 132 32.34 -41.58 16.71
N ALA E 133 31.67 -42.70 17.02
CA ALA E 133 30.55 -43.16 16.21
C ALA E 133 29.48 -42.09 16.07
N GLY E 134 29.02 -41.56 17.21
CA GLY E 134 28.03 -40.49 17.18
C GLY E 134 28.47 -39.26 16.41
N ILE E 135 29.74 -38.88 16.55
CA ILE E 135 30.22 -37.69 15.84
C ILE E 135 30.10 -37.86 14.34
N PHE E 136 30.50 -39.03 13.83
CA PHE E 136 30.34 -39.31 12.41
C PHE E 136 28.87 -39.23 11.98
N PHE E 137 27.96 -39.79 12.76
CA PHE E 137 26.55 -39.76 12.38
C PHE E 137 26.00 -38.35 12.37
N VAL E 138 26.31 -37.57 13.41
CA VAL E 138 25.91 -36.17 13.46
C VAL E 138 26.40 -35.42 12.23
N SER E 139 27.70 -35.53 11.95
CA SER E 139 28.27 -34.77 10.84
C SER E 139 27.65 -35.19 9.51
N ALA E 140 27.44 -36.49 9.32
CA ALA E 140 26.74 -36.95 8.12
C ALA E 140 25.35 -36.34 8.00
N GLY E 141 24.62 -36.27 9.11
CA GLY E 141 23.30 -35.64 9.05
C GLY E 141 23.35 -34.17 8.68
N LEU E 142 24.26 -33.42 9.31
CA LEU E 142 24.43 -32.02 8.95
C LEU E 142 24.78 -31.85 7.48
N SER E 143 25.63 -32.73 6.95
CA SER E 143 25.93 -32.69 5.52
C SER E 143 24.69 -32.93 4.68
N ASN E 144 23.93 -33.96 5.03
CA ASN E 144 22.71 -34.27 4.28
C ASN E 144 21.77 -33.06 4.25
N ILE E 145 21.60 -32.41 5.40
CA ILE E 145 20.76 -31.21 5.48
C ILE E 145 21.25 -30.13 4.52
N ILE E 146 22.54 -29.81 4.58
CA ILE E 146 23.09 -28.81 3.68
C ILE E 146 22.85 -29.20 2.23
N GLY E 147 23.10 -30.48 1.89
CA GLY E 147 22.88 -30.93 0.53
C GLY E 147 21.47 -30.67 0.05
N ILE E 148 20.48 -30.99 0.90
CA ILE E 148 19.09 -30.76 0.51
C ILE E 148 18.86 -29.27 0.27
N ILE E 149 19.32 -28.42 1.19
CA ILE E 149 19.07 -26.99 1.06
C ILE E 149 19.67 -26.47 -0.23
N VAL E 150 20.92 -26.86 -0.53
CA VAL E 150 21.57 -26.47 -1.77
C VAL E 150 20.76 -26.91 -2.97
N TYR E 151 20.33 -28.18 -2.98
CA TYR E 151 19.60 -28.72 -4.12
C TYR E 151 18.33 -27.93 -4.39
N ILE E 152 17.56 -27.65 -3.33
CA ILE E 152 16.34 -26.86 -3.51
C ILE E 152 16.67 -25.46 -4.01
N SER E 153 17.66 -24.81 -3.38
CA SER E 153 18.02 -23.45 -3.77
C SER E 153 18.42 -23.36 -5.23
N ALA E 154 19.10 -24.39 -5.73
CA ALA E 154 19.46 -24.44 -7.15
C ALA E 154 18.24 -24.66 -8.04
N ASN E 155 17.48 -25.73 -7.77
CA ASN E 155 16.52 -26.21 -8.76
C ASN E 155 15.29 -25.32 -8.88
N ALA E 156 14.92 -24.59 -7.83
CA ALA E 156 13.66 -23.87 -7.83
C ALA E 156 13.65 -22.70 -8.79
N GLY E 157 14.80 -22.29 -9.31
CA GLY E 157 14.89 -21.13 -10.18
C GLY E 157 14.04 -21.25 -11.43
N ASN E 167 6.61 -24.87 -11.67
CA ASN E 167 6.18 -25.57 -12.87
C ASN E 167 5.39 -26.82 -12.52
N SER E 168 4.68 -26.78 -11.39
CA SER E 168 3.87 -27.90 -10.91
C SER E 168 4.73 -29.11 -10.59
N TYR E 169 5.97 -28.88 -10.18
CA TYR E 169 6.88 -29.96 -9.83
C TYR E 169 6.42 -30.68 -8.56
N SER E 170 7.02 -31.84 -8.32
CA SER E 170 6.89 -32.54 -7.05
C SER E 170 8.04 -33.53 -6.93
N TYR E 171 8.23 -34.03 -5.71
CA TYR E 171 9.42 -34.78 -5.35
C TYR E 171 9.22 -36.28 -5.47
N GLY E 172 10.27 -36.97 -5.94
CA GLY E 172 10.28 -38.41 -6.06
C GLY E 172 10.76 -39.11 -4.80
N TRP E 173 10.48 -40.42 -4.73
CA TRP E 173 10.63 -41.14 -3.47
C TRP E 173 12.02 -40.99 -2.87
N SER E 174 13.05 -40.90 -3.73
CA SER E 174 14.42 -40.76 -3.24
C SER E 174 14.54 -39.64 -2.22
N PHE E 175 13.85 -38.52 -2.46
CA PHE E 175 13.92 -37.36 -1.58
C PHE E 175 13.50 -37.75 -0.16
N TYR E 176 12.39 -38.45 -0.04
CA TYR E 176 11.89 -38.88 1.24
C TYR E 176 12.77 -39.97 1.84
N PHE E 177 13.37 -40.80 0.98
CA PHE E 177 14.36 -41.76 1.46
C PHE E 177 15.51 -41.04 2.15
N GLY E 178 15.99 -39.96 1.54
CA GLY E 178 17.06 -39.19 2.15
C GLY E 178 16.65 -38.60 3.49
N ALA E 179 15.44 -38.04 3.55
CA ALA E 179 14.96 -37.50 4.82
C ALA E 179 14.93 -38.58 5.90
N LEU E 180 14.32 -39.72 5.59
CA LEU E 180 14.22 -40.81 6.57
C LEU E 180 15.61 -41.28 7.00
N SER E 181 16.52 -41.42 6.04
CA SER E 181 17.90 -41.79 6.34
C SER E 181 18.52 -40.84 7.35
N PHE E 182 18.37 -39.54 7.12
CA PHE E 182 18.87 -38.55 8.07
C PHE E 182 18.28 -38.77 9.46
N ILE E 183 16.96 -38.98 9.53
CA ILE E 183 16.31 -39.13 10.83
C ILE E 183 16.85 -40.34 11.58
N ILE E 184 16.95 -41.47 10.89
CA ILE E 184 17.38 -42.69 11.57
C ILE E 184 18.85 -42.61 11.95
N ALA E 185 19.68 -41.98 11.10
CA ALA E 185 21.06 -41.72 11.48
C ALA E 185 21.14 -40.91 12.77
N GLU E 186 20.27 -39.90 12.91
CA GLU E 186 20.23 -39.16 14.15
C GLU E 186 19.89 -40.07 15.32
N MET E 187 18.86 -40.89 15.17
CA MET E 187 18.41 -41.72 16.28
C MET E 187 19.51 -42.70 16.71
N VAL E 188 20.18 -43.32 15.74
CA VAL E 188 21.25 -44.26 16.05
C VAL E 188 22.39 -43.54 16.75
N GLY E 189 22.74 -42.34 16.31
CA GLY E 189 23.76 -41.58 16.99
C GLY E 189 23.39 -41.31 18.44
N VAL E 190 22.13 -40.92 18.66
CA VAL E 190 21.67 -40.62 20.01
C VAL E 190 21.83 -41.83 20.91
N LEU E 191 21.38 -42.99 20.44
CA LEU E 191 21.43 -44.16 21.31
C LEU E 191 22.85 -44.68 21.48
N ALA E 192 23.72 -44.48 20.48
CA ALA E 192 25.12 -44.86 20.66
C ALA E 192 25.79 -44.00 21.72
N VAL E 193 25.54 -42.69 21.69
CA VAL E 193 26.08 -41.85 22.75
C VAL E 193 25.50 -42.24 24.10
N HIS E 194 24.22 -42.62 24.13
CA HIS E 194 23.64 -43.12 25.38
C HIS E 194 24.39 -44.35 25.88
N MET E 195 24.79 -45.23 24.96
CA MET E 195 25.54 -46.42 25.37
C MET E 195 26.89 -46.04 25.94
N PHE E 196 27.62 -45.13 25.28
CA PHE E 196 28.91 -44.74 25.83
C PHE E 196 28.78 -44.02 27.17
N ILE E 197 27.68 -43.29 27.37
CA ILE E 197 27.38 -42.71 28.67
C ILE E 197 27.21 -43.79 29.73
N ASP E 198 26.44 -44.83 29.41
CA ASP E 198 26.13 -45.86 30.40
C ASP E 198 27.34 -46.73 30.70
N ARG E 199 27.95 -47.33 29.67
CA ARG E 199 28.91 -48.40 29.87
C ARG E 199 30.16 -47.90 30.59
N HIS E 200 30.57 -46.66 30.32
CA HIS E 200 31.76 -46.14 30.98
C HIS E 200 31.48 -45.68 32.41
N LYS E 201 30.32 -45.07 32.65
CA LYS E 201 30.01 -44.55 33.99
C LYS E 201 30.13 -45.62 35.06
N GLN E 202 29.63 -46.83 34.80
CA GLN E 202 29.60 -47.86 35.84
C GLN E 202 30.99 -48.24 36.33
N LEU E 203 32.04 -47.92 35.58
CA LEU E 203 33.40 -48.09 36.09
C LEU E 203 33.81 -47.01 37.09
N THR E 204 33.13 -45.86 37.07
CA THR E 204 33.60 -44.68 37.79
C THR E 204 33.04 -44.56 39.20
N GLY E 205 32.07 -45.38 39.57
CA GLY E 205 31.49 -45.33 40.90
C GLY E 205 30.81 -44.01 41.22
N ARG F 1 49.85 -15.63 36.23
CA ARG F 1 50.29 -15.14 37.52
C ARG F 1 51.21 -13.92 37.40
N GLY F 2 50.78 -12.81 37.98
CA GLY F 2 51.64 -11.65 38.09
C GLY F 2 51.83 -10.90 36.79
N VAL F 3 52.41 -11.61 35.81
CA VAL F 3 52.82 -11.00 34.55
C VAL F 3 51.65 -10.35 33.81
N GLN F 4 50.41 -10.69 34.17
CA GLN F 4 49.26 -9.98 33.61
C GLN F 4 49.32 -8.48 33.84
N MET F 5 50.08 -8.04 34.85
CA MET F 5 50.41 -6.62 34.96
C MET F 5 51.11 -6.11 33.70
N LEU F 6 52.11 -6.85 33.23
CA LEU F 6 52.79 -6.48 31.99
C LEU F 6 51.84 -6.53 30.81
N LEU F 7 51.00 -7.55 30.74
CA LEU F 7 50.07 -7.68 29.62
C LEU F 7 49.14 -6.47 29.54
N THR F 8 48.59 -6.03 30.68
CA THR F 8 47.65 -4.91 30.64
C THR F 8 48.35 -3.61 30.30
N THR F 9 49.60 -3.44 30.73
CA THR F 9 50.32 -2.22 30.40
C THR F 9 50.69 -2.19 28.92
N VAL F 10 51.09 -3.34 28.37
CA VAL F 10 51.38 -3.41 26.94
C VAL F 10 50.13 -3.13 26.13
N GLY F 11 49.02 -3.74 26.51
CA GLY F 11 47.75 -3.48 25.83
C GLY F 11 47.33 -2.02 25.88
N ALA F 12 47.48 -1.38 27.04
CA ALA F 12 47.19 0.05 27.14
C ALA F 12 48.10 0.88 26.23
N PHE F 13 49.41 0.60 26.26
CA PHE F 13 50.34 1.27 25.37
C PHE F 13 49.92 1.11 23.92
N ALA F 14 49.53 -0.09 23.53
CA ALA F 14 49.17 -0.34 22.13
C ALA F 14 47.90 0.39 21.75
N ALA F 15 46.89 0.36 22.63
CA ALA F 15 45.67 1.09 22.34
C ALA F 15 45.94 2.58 22.21
N PHE F 16 46.81 3.12 23.04
CA PHE F 16 47.19 4.54 22.94
C PHE F 16 47.87 4.84 21.61
N SER F 17 48.81 3.98 21.22
CA SER F 17 49.49 4.15 19.94
C SER F 17 48.51 4.09 18.77
N LEU F 18 47.61 3.12 18.78
CA LEU F 18 46.60 3.02 17.73
C LEU F 18 45.73 4.27 17.66
N MET F 19 45.30 4.78 18.82
CA MET F 19 44.39 5.92 18.79
C MET F 19 45.11 7.19 18.33
N THR F 20 46.33 7.41 18.82
CA THR F 20 47.08 8.58 18.38
C THR F 20 47.42 8.52 16.90
N ILE F 21 47.76 7.33 16.38
CA ILE F 21 47.93 7.19 14.93
C ILE F 21 46.63 7.50 14.19
N ALA F 22 45.51 6.99 14.70
CA ALA F 22 44.22 7.22 14.05
C ALA F 22 43.91 8.70 13.94
N VAL F 23 44.05 9.43 15.06
CA VAL F 23 43.79 10.86 15.03
C VAL F 23 44.80 11.62 14.17
N GLY F 24 45.98 11.05 13.92
CA GLY F 24 47.02 11.75 13.20
C GLY F 24 47.21 11.45 11.73
N THR F 25 46.26 10.76 11.08
CA THR F 25 46.47 10.35 9.70
C THR F 25 45.21 10.64 8.87
N ASP F 26 45.42 11.02 7.61
CA ASP F 26 44.33 11.43 6.73
C ASP F 26 43.63 10.24 6.07
N TYR F 27 43.23 9.24 6.85
CA TYR F 27 42.73 7.97 6.33
C TYR F 27 41.39 7.62 6.96
N TRP F 28 40.50 8.60 7.12
CA TRP F 28 39.16 8.28 7.58
C TRP F 28 38.19 7.95 6.45
N LEU F 29 38.25 8.66 5.33
CA LEU F 29 37.26 8.50 4.29
C LEU F 29 37.90 8.68 2.91
N TYR F 30 37.41 7.92 1.94
CA TYR F 30 37.65 8.19 0.53
C TYR F 30 36.36 8.67 -0.11
N SER F 31 36.48 9.71 -0.94
CA SER F 31 35.32 10.35 -1.54
C SER F 31 35.78 11.17 -2.73
N ARG F 32 34.82 11.64 -3.51
CA ARG F 32 35.11 12.63 -4.54
C ARG F 32 35.15 14.04 -3.96
N GLY F 33 36.10 14.83 -4.46
CA GLY F 33 36.24 16.21 -4.02
C GLY F 33 37.32 16.90 -4.83
N VAL F 34 37.59 18.15 -4.47
CA VAL F 34 38.69 18.93 -5.04
C VAL F 34 39.28 19.80 -3.95
N CYS F 35 40.61 19.86 -3.91
CA CYS F 35 41.32 20.66 -2.91
C CYS F 35 41.34 22.14 -3.27
N LYS F 36 40.17 22.75 -3.48
CA LYS F 36 40.07 24.15 -3.87
C LYS F 36 40.77 25.08 -2.87
N GLU F 51 36.57 17.15 -10.41
CA GLU F 51 36.29 16.13 -9.40
C GLU F 51 37.26 14.95 -9.55
N VAL F 52 37.82 14.50 -8.42
CA VAL F 52 38.77 13.40 -8.42
C VAL F 52 38.66 12.68 -7.08
N MET F 53 39.14 11.44 -7.05
CA MET F 53 39.18 10.69 -5.81
C MET F 53 40.01 11.41 -4.74
N THR F 54 39.46 11.46 -3.53
CA THR F 54 39.94 12.35 -2.48
C THR F 54 39.86 11.60 -1.16
N HIS F 55 40.81 11.85 -0.26
CA HIS F 55 40.81 11.18 1.02
C HIS F 55 40.90 12.20 2.14
N SER F 56 40.30 11.87 3.28
CA SER F 56 40.02 12.83 4.34
C SER F 56 40.61 12.40 5.68
N GLY F 57 41.29 13.33 6.35
CA GLY F 57 41.42 13.31 7.80
C GLY F 57 40.25 14.04 8.46
N LEU F 58 40.17 13.93 9.79
CA LEU F 58 39.13 14.67 10.49
C LEU F 58 39.38 16.17 10.49
N TRP F 59 40.61 16.60 10.17
CA TRP F 59 40.98 18.01 10.18
C TRP F 59 41.09 18.62 8.80
N ARG F 60 41.38 17.81 7.78
CA ARG F 60 41.90 18.34 6.53
C ARG F 60 41.51 17.44 5.37
N THR F 61 41.36 18.05 4.20
CA THR F 61 41.05 17.34 2.97
C THR F 61 42.27 17.33 2.08
N CYS F 62 42.63 16.16 1.56
CA CYS F 62 43.86 16.00 0.80
C CYS F 62 43.58 15.23 -0.48
N CYS F 63 44.34 15.56 -1.52
CA CYS F 63 44.03 15.13 -2.88
C CYS F 63 45.08 14.17 -3.41
N LEU F 64 44.60 13.11 -4.05
CA LEU F 64 45.44 12.11 -4.70
C LEU F 64 44.90 11.88 -6.11
N GLU F 65 45.50 10.92 -6.82
CA GLU F 65 45.01 10.48 -8.13
C GLU F 65 44.96 11.61 -9.15
N GLY F 66 45.80 12.62 -9.01
CA GLY F 66 45.79 13.70 -9.97
C GLY F 66 46.99 14.61 -9.82
N ASN F 67 46.99 15.69 -10.60
CA ASN F 67 48.14 16.59 -10.63
C ASN F 67 48.39 17.25 -9.28
N PHE F 68 47.33 17.51 -8.51
CA PHE F 68 47.47 18.07 -7.17
C PHE F 68 47.80 17.03 -6.11
N LYS F 69 48.14 15.80 -6.50
CA LYS F 69 48.42 14.75 -5.54
C LYS F 69 49.41 15.21 -4.48
N GLY F 70 48.99 15.14 -3.22
CA GLY F 70 49.75 15.67 -2.11
C GLY F 70 49.32 17.03 -1.63
N LEU F 71 48.44 17.72 -2.37
CA LEU F 71 47.88 18.97 -1.87
C LEU F 71 46.92 18.68 -0.72
N CYS F 72 46.85 19.63 0.21
CA CYS F 72 45.89 19.54 1.30
C CYS F 72 45.28 20.91 1.56
N LYS F 73 44.11 20.91 2.18
CA LYS F 73 43.50 22.14 2.66
C LYS F 73 42.74 21.86 3.94
N GLN F 74 42.54 22.93 4.72
CA GLN F 74 41.72 22.83 5.93
C GLN F 74 40.29 22.46 5.57
N ILE F 75 39.67 21.62 6.41
CA ILE F 75 38.30 21.20 6.14
C ILE F 75 37.37 22.41 6.24
N ASP F 76 36.24 22.31 5.53
CA ASP F 76 35.12 23.21 5.72
C ASP F 76 34.23 22.67 6.85
N HIS F 77 34.21 23.38 7.98
CA HIS F 77 33.34 23.02 9.08
C HIS F 77 31.90 23.47 8.87
N PHE F 78 31.63 24.29 7.86
CA PHE F 78 30.33 24.92 7.70
C PHE F 78 29.87 24.88 6.24
N ALA F 89 19.23 22.31 19.57
CA ALA F 89 19.03 22.04 18.15
C ALA F 89 20.36 21.70 17.48
N GLU F 90 20.27 21.13 16.27
CA GLU F 90 21.48 20.78 15.52
C GLU F 90 22.34 21.99 15.21
N TYR F 91 21.76 23.20 15.30
CA TYR F 91 22.55 24.42 15.27
C TYR F 91 23.71 24.34 16.26
N PHE F 92 23.45 23.79 17.44
CA PHE F 92 24.49 23.61 18.45
C PHE F 92 25.26 22.31 18.26
N LEU F 93 24.70 21.36 17.51
CA LEU F 93 25.45 20.14 17.19
C LEU F 93 26.57 20.45 16.20
N ARG F 94 26.38 21.47 15.36
CA ARG F 94 27.39 21.85 14.37
C ARG F 94 28.78 21.95 14.98
N ALA F 95 28.91 22.71 16.07
CA ALA F 95 30.21 22.88 16.71
C ALA F 95 30.75 21.59 17.32
N VAL F 96 29.87 20.63 17.62
CA VAL F 96 30.33 19.40 18.26
C VAL F 96 31.18 18.58 17.29
N ARG F 97 30.70 18.42 16.06
CA ARG F 97 31.50 17.82 15.01
C ARG F 97 32.80 18.59 14.80
N ALA F 98 32.70 19.91 14.72
CA ALA F 98 33.87 20.73 14.39
C ALA F 98 34.96 20.57 15.43
N SER F 99 34.58 20.53 16.72
CA SER F 99 35.58 20.46 17.77
C SER F 99 36.21 19.08 17.84
N SER F 100 35.47 18.02 17.51
CA SER F 100 35.96 16.65 17.66
C SER F 100 36.43 16.39 19.08
N ILE F 101 35.75 17.03 20.04
CA ILE F 101 36.15 16.98 21.43
C ILE F 101 36.24 15.54 21.94
N PHE F 102 35.27 14.70 21.59
CA PHE F 102 35.21 13.36 22.17
C PHE F 102 36.42 12.49 21.82
N PRO F 103 36.90 12.44 20.57
CA PRO F 103 38.22 11.82 20.33
C PRO F 103 39.33 12.32 21.24
N ILE F 104 39.50 13.64 21.34
CA ILE F 104 40.60 14.18 22.14
C ILE F 104 40.46 13.76 23.59
N LEU F 105 39.26 13.93 24.15
CA LEU F 105 39.02 13.52 25.54
C LEU F 105 39.29 12.04 25.72
N SER F 106 38.91 11.22 24.73
CA SER F 106 39.18 9.79 24.81
C SER F 106 40.68 9.52 24.89
N VAL F 107 41.46 10.24 24.10
CA VAL F 107 42.91 10.07 24.13
C VAL F 107 43.47 10.49 25.48
N ILE F 108 43.04 11.66 25.96
CA ILE F 108 43.55 12.19 27.22
C ILE F 108 43.20 11.26 28.37
N LEU F 109 41.98 10.71 28.38
CA LEU F 109 41.58 9.81 29.45
C LEU F 109 42.25 8.44 29.34
N LEU F 110 42.52 7.97 28.12
CA LEU F 110 43.33 6.76 27.99
C LEU F 110 44.73 6.98 28.52
N PHE F 111 45.29 8.16 28.27
CA PHE F 111 46.59 8.52 28.86
C PHE F 111 46.51 8.56 30.38
N MET F 112 45.47 9.20 30.93
CA MET F 112 45.22 9.21 32.36
C MET F 112 44.93 7.82 32.94
N GLY F 113 44.61 6.85 32.10
CA GLY F 113 44.64 5.48 32.56
C GLY F 113 46.04 4.95 32.58
N GLY F 114 46.69 4.98 31.42
CA GLY F 114 47.94 4.25 31.25
C GLY F 114 49.04 4.75 32.17
N LEU F 115 49.26 6.06 32.17
CA LEU F 115 50.36 6.65 32.94
C LEU F 115 50.16 6.54 34.44
N CYS F 116 48.92 6.47 34.91
CA CYS F 116 48.68 6.27 36.34
C CYS F 116 49.02 4.86 36.80
N ILE F 117 48.58 3.83 36.08
CA ILE F 117 48.92 2.48 36.54
C ILE F 117 50.40 2.21 36.46
N ALA F 118 51.15 2.95 35.64
CA ALA F 118 52.60 2.78 35.63
C ALA F 118 53.23 3.16 36.97
N ALA F 119 52.54 3.97 37.77
CA ALA F 119 53.02 4.32 39.10
C ALA F 119 52.93 3.17 40.09
N SER F 120 52.25 2.07 39.76
CA SER F 120 52.00 1.03 40.75
C SER F 120 53.28 0.34 41.20
N GLU F 121 54.42 0.72 40.62
CA GLU F 121 55.71 0.23 41.08
C GLU F 121 56.08 0.75 42.47
N PHE F 122 55.47 1.85 42.91
CA PHE F 122 55.73 2.40 44.23
C PHE F 122 54.40 2.84 44.84
N TYR F 123 54.50 3.57 45.95
CA TYR F 123 53.35 4.17 46.64
C TYR F 123 52.28 3.13 47.00
N LYS F 124 52.70 1.91 47.32
CA LYS F 124 51.78 0.78 47.40
C LYS F 124 50.95 0.87 48.67
N THR F 125 50.20 -0.19 48.96
CA THR F 125 49.39 -0.37 50.16
C THR F 125 48.15 0.52 50.14
N ARG F 126 47.80 1.06 48.97
CA ARG F 126 46.59 1.85 48.86
C ARG F 126 45.67 1.33 47.76
N HIS F 127 46.23 0.69 46.74
CA HIS F 127 45.49 -0.03 45.71
C HIS F 127 44.54 0.86 44.90
N ASN F 128 44.52 2.16 45.17
CA ASN F 128 43.69 3.06 44.37
C ASN F 128 44.28 3.27 42.98
N ILE F 129 45.59 3.07 42.83
CA ILE F 129 46.26 3.24 41.55
C ILE F 129 45.57 2.42 40.46
N ILE F 130 45.34 1.14 40.75
CA ILE F 130 44.73 0.24 39.78
C ILE F 130 43.22 0.32 39.84
N LEU F 131 42.67 0.39 41.05
CA LEU F 131 41.23 0.48 41.25
C LEU F 131 40.63 1.61 40.43
N SER F 132 41.15 2.82 40.58
CA SER F 132 40.54 3.98 39.94
C SER F 132 40.70 3.94 38.42
N ALA F 133 41.83 3.43 37.94
CA ALA F 133 42.10 3.45 36.51
C ALA F 133 41.10 2.63 35.70
N GLY F 134 40.43 1.67 36.33
CA GLY F 134 39.42 0.90 35.63
C GLY F 134 38.37 1.76 34.94
N ILE F 135 37.91 2.81 35.63
CA ILE F 135 36.91 3.70 35.06
C ILE F 135 37.44 4.43 33.82
N PHE F 136 38.73 4.77 33.81
CA PHE F 136 39.26 5.60 32.73
C PHE F 136 39.26 4.85 31.40
N PHE F 137 39.67 3.58 31.42
CA PHE F 137 39.69 2.80 30.18
C PHE F 137 38.30 2.65 29.58
N VAL F 138 37.30 2.37 30.42
CA VAL F 138 35.94 2.24 29.93
C VAL F 138 35.40 3.57 29.41
N SER F 139 35.68 4.67 30.12
CA SER F 139 35.19 5.95 29.64
C SER F 139 35.85 6.34 28.32
N ALA F 140 37.11 5.95 28.12
CA ALA F 140 37.76 6.15 26.83
C ALA F 140 36.96 5.48 25.71
N GLY F 141 36.53 4.24 25.95
CA GLY F 141 35.74 3.54 24.95
C GLY F 141 34.39 4.18 24.69
N LEU F 142 33.70 4.58 25.77
CA LEU F 142 32.44 5.28 25.59
C LEU F 142 32.62 6.54 24.74
N SER F 143 33.66 7.32 25.06
CA SER F 143 33.97 8.50 24.24
C SER F 143 34.23 8.13 22.80
N ASN F 144 34.95 7.02 22.56
CA ASN F 144 35.21 6.59 21.20
C ASN F 144 33.93 6.26 20.45
N ILE F 145 33.02 5.54 21.10
CA ILE F 145 31.72 5.22 20.48
C ILE F 145 30.96 6.49 20.13
N ILE F 146 30.95 7.45 21.05
CA ILE F 146 30.29 8.73 20.77
C ILE F 146 30.93 9.40 19.56
N GLY F 147 32.26 9.46 19.53
CA GLY F 147 32.95 10.08 18.42
C GLY F 147 32.60 9.44 17.08
N ILE F 148 32.61 8.11 17.04
CA ILE F 148 32.23 7.38 15.84
C ILE F 148 30.82 7.77 15.41
N ILE F 149 29.86 7.67 16.32
CA ILE F 149 28.47 7.97 15.97
C ILE F 149 28.36 9.40 15.43
N VAL F 150 29.00 10.35 16.11
CA VAL F 150 28.98 11.74 15.68
C VAL F 150 29.50 11.87 14.25
N TYR F 151 30.67 11.30 13.98
CA TYR F 151 31.28 11.44 12.66
C TYR F 151 30.41 10.81 11.59
N ILE F 152 29.91 9.59 11.84
CA ILE F 152 29.08 8.92 10.83
C ILE F 152 27.83 9.72 10.56
N SER F 153 27.27 10.36 11.60
CA SER F 153 26.04 11.12 11.42
C SER F 153 26.29 12.38 10.59
N ALA F 154 27.32 13.14 10.96
CA ALA F 154 27.56 14.43 10.32
C ALA F 154 27.82 14.29 8.82
N ASN F 155 28.54 13.26 8.41
CA ASN F 155 28.90 13.10 7.00
C ASN F 155 27.70 12.85 6.11
N ALA F 156 26.55 12.49 6.67
CA ALA F 156 25.34 12.36 5.88
C ALA F 156 24.66 13.69 5.62
N GLY F 157 24.98 14.72 6.40
CA GLY F 157 24.29 16.00 6.32
C GLY F 157 24.46 16.71 4.99
N ASN F 167 26.71 6.49 -2.78
CA ASN F 167 27.59 7.61 -3.14
C ASN F 167 29.05 7.18 -3.17
N SER F 168 29.28 5.86 -3.15
CA SER F 168 30.57 5.21 -3.39
C SER F 168 31.61 5.50 -2.31
N TYR F 169 31.26 6.21 -1.24
CA TYR F 169 32.20 6.43 -0.15
C TYR F 169 32.56 5.12 0.54
N SER F 170 33.77 5.08 1.09
CA SER F 170 34.29 3.87 1.72
C SER F 170 35.36 4.29 2.72
N TYR F 171 35.44 3.53 3.81
CA TYR F 171 36.20 3.97 4.98
C TYR F 171 37.68 3.64 4.85
N GLY F 172 38.52 4.58 5.27
CA GLY F 172 39.94 4.37 5.34
C GLY F 172 40.41 3.70 6.62
N TRP F 173 41.71 3.39 6.62
CA TRP F 173 42.29 2.56 7.67
C TRP F 173 42.15 3.16 9.07
N SER F 174 42.18 4.49 9.18
CA SER F 174 42.10 5.10 10.52
C SER F 174 40.82 4.73 11.24
N PHE F 175 39.71 4.57 10.50
CA PHE F 175 38.46 4.17 11.14
C PHE F 175 38.61 2.82 11.83
N TYR F 176 39.30 1.89 11.20
CA TYR F 176 39.53 0.58 11.81
C TYR F 176 40.59 0.65 12.90
N PHE F 177 41.57 1.54 12.78
CA PHE F 177 42.49 1.74 13.90
C PHE F 177 41.75 2.24 15.14
N GLY F 178 40.76 3.12 14.93
CA GLY F 178 39.91 3.55 16.04
C GLY F 178 39.10 2.42 16.62
N ALA F 179 38.41 1.66 15.75
CA ALA F 179 37.64 0.51 16.22
C ALA F 179 38.49 -0.46 17.05
N LEU F 180 39.68 -0.77 16.55
CA LEU F 180 40.58 -1.68 17.24
C LEU F 180 41.03 -1.09 18.58
N SER F 181 41.36 0.21 18.59
CA SER F 181 41.69 0.89 19.84
C SER F 181 40.57 0.74 20.86
N PHE F 182 39.34 0.96 20.43
CA PHE F 182 38.18 0.75 21.30
C PHE F 182 38.12 -0.69 21.82
N ILE F 183 38.33 -1.67 20.93
CA ILE F 183 38.26 -3.06 21.36
C ILE F 183 39.29 -3.37 22.46
N ILE F 184 40.53 -2.93 22.27
CA ILE F 184 41.53 -3.17 23.31
C ILE F 184 41.23 -2.38 24.58
N ALA F 185 40.70 -1.17 24.45
CA ALA F 185 40.31 -0.43 25.66
C ALA F 185 39.25 -1.19 26.45
N GLU F 186 38.26 -1.74 25.75
CA GLU F 186 37.24 -2.56 26.41
C GLU F 186 37.82 -3.85 27.00
N MET F 187 38.85 -4.41 26.38
CA MET F 187 39.49 -5.59 26.94
C MET F 187 40.23 -5.27 28.23
N VAL F 188 41.16 -4.32 28.18
CA VAL F 188 42.22 -4.24 29.18
C VAL F 188 41.64 -3.88 30.56
N GLY F 189 40.62 -3.03 30.58
CA GLY F 189 40.05 -2.58 31.84
C GLY F 189 39.47 -3.72 32.67
N VAL F 190 38.78 -4.66 32.02
CA VAL F 190 38.22 -5.80 32.73
C VAL F 190 39.33 -6.60 33.40
N LEU F 191 40.41 -6.86 32.68
CA LEU F 191 41.51 -7.64 33.25
C LEU F 191 42.15 -6.89 34.40
N ALA F 192 42.28 -5.57 34.28
CA ALA F 192 42.89 -4.79 35.35
C ALA F 192 42.03 -4.80 36.62
N VAL F 193 40.72 -4.65 36.46
CA VAL F 193 39.82 -4.69 37.61
C VAL F 193 39.82 -6.07 38.25
N HIS F 194 39.81 -7.13 37.43
CA HIS F 194 39.92 -8.48 37.96
C HIS F 194 41.22 -8.70 38.73
N MET F 195 42.32 -8.16 38.22
CA MET F 195 43.59 -8.20 38.94
C MET F 195 43.51 -7.49 40.28
N PHE F 196 42.92 -6.29 40.31
CA PHE F 196 42.74 -5.59 41.57
C PHE F 196 41.94 -6.44 42.55
N ILE F 197 40.83 -7.00 42.09
CA ILE F 197 39.97 -7.79 42.97
C ILE F 197 40.71 -9.01 43.51
N ASP F 198 41.46 -9.71 42.64
CA ASP F 198 42.26 -10.83 43.10
C ASP F 198 43.30 -10.42 44.14
N ARG F 199 43.99 -9.29 43.92
CA ARG F 199 45.01 -8.85 44.86
C ARG F 199 44.38 -8.40 46.18
N HIS F 200 43.14 -7.93 46.14
CA HIS F 200 42.40 -7.64 47.37
C HIS F 200 41.78 -8.88 47.97
N LYS F 201 41.42 -9.87 47.15
CA LYS F 201 40.65 -11.02 47.64
C LYS F 201 41.36 -11.72 48.79
N GLN F 202 42.69 -11.73 48.80
CA GLN F 202 43.42 -12.37 49.90
C GLN F 202 43.08 -11.77 51.26
N LEU F 203 42.58 -10.54 51.30
CA LEU F 203 42.13 -9.94 52.55
C LEU F 203 40.77 -10.45 53.00
N THR F 204 40.01 -11.10 52.12
CA THR F 204 38.75 -11.72 52.52
C THR F 204 38.95 -12.97 53.36
N GLY F 205 40.14 -13.58 53.30
CA GLY F 205 40.42 -14.76 54.09
C GLY F 205 41.75 -15.40 53.74
N ARG G 1 -17.33 -29.80 53.51
CA ARG G 1 -17.19 -31.18 53.94
C ARG G 1 -18.33 -32.06 53.43
N GLY G 2 -17.99 -33.03 52.58
CA GLY G 2 -18.94 -34.04 52.17
C GLY G 2 -19.99 -33.53 51.20
N VAL G 3 -20.73 -32.50 51.61
CA VAL G 3 -21.87 -32.00 50.85
C VAL G 3 -21.48 -31.56 49.45
N GLN G 4 -20.18 -31.31 49.20
CA GLN G 4 -19.70 -31.11 47.85
C GLN G 4 -20.12 -32.22 46.89
N MET G 5 -20.39 -33.42 47.40
CA MET G 5 -21.03 -34.45 46.60
C MET G 5 -22.39 -34.00 46.07
N LEU G 6 -23.21 -33.40 46.96
CA LEU G 6 -24.49 -32.84 46.53
C LEU G 6 -24.30 -31.73 45.50
N LEU G 7 -23.34 -30.83 45.75
CA LEU G 7 -23.12 -29.72 44.83
C LEU G 7 -22.73 -30.21 43.44
N THR G 8 -21.82 -31.18 43.38
CA THR G 8 -21.36 -31.70 42.09
C THR G 8 -22.48 -32.43 41.34
N THR G 9 -23.27 -33.23 42.06
CA THR G 9 -24.41 -33.89 41.42
C THR G 9 -25.45 -32.89 40.92
N VAL G 10 -25.70 -31.83 41.69
CA VAL G 10 -26.61 -30.78 41.23
C VAL G 10 -26.05 -30.12 39.97
N GLY G 11 -24.76 -29.80 39.98
CA GLY G 11 -24.14 -29.20 38.82
C GLY G 11 -24.25 -30.05 37.57
N ALA G 12 -23.93 -31.34 37.70
CA ALA G 12 -24.10 -32.26 36.58
C ALA G 12 -25.54 -32.32 36.08
N PHE G 13 -26.49 -32.43 37.01
CA PHE G 13 -27.91 -32.42 36.63
C PHE G 13 -28.25 -31.17 35.84
N ALA G 14 -27.83 -30.00 36.33
CA ALA G 14 -28.19 -28.75 35.69
C ALA G 14 -27.53 -28.64 34.31
N ALA G 15 -26.27 -29.04 34.20
CA ALA G 15 -25.60 -29.03 32.90
C ALA G 15 -26.33 -29.94 31.92
N PHE G 16 -26.73 -31.13 32.36
CA PHE G 16 -27.46 -32.04 31.49
C PHE G 16 -28.78 -31.43 31.02
N SER G 17 -29.52 -30.84 31.96
CA SER G 17 -30.78 -30.19 31.61
C SER G 17 -30.58 -29.06 30.60
N LEU G 18 -29.61 -28.17 30.86
CA LEU G 18 -29.33 -27.09 29.93
C LEU G 18 -28.94 -27.63 28.55
N MET G 19 -28.14 -28.70 28.50
CA MET G 19 -27.68 -29.20 27.22
C MET G 19 -28.83 -29.82 26.42
N THR G 20 -29.65 -30.64 27.08
CA THR G 20 -30.79 -31.24 26.39
C THR G 20 -31.82 -30.19 25.97
N ILE G 21 -32.03 -29.15 26.78
CA ILE G 21 -32.89 -28.05 26.37
C ILE G 21 -32.33 -27.37 25.13
N ALA G 22 -31.03 -27.08 25.14
CA ALA G 22 -30.41 -26.41 24.01
C ALA G 22 -30.55 -27.23 22.73
N VAL G 23 -30.29 -28.54 22.81
CA VAL G 23 -30.46 -29.40 21.65
C VAL G 23 -31.92 -29.47 21.22
N GLY G 24 -32.85 -29.24 22.15
CA GLY G 24 -34.26 -29.43 21.84
C GLY G 24 -35.09 -28.19 21.55
N THR G 25 -34.47 -27.05 21.29
CA THR G 25 -35.20 -25.81 21.10
C THR G 25 -34.76 -25.12 19.81
N ASP G 26 -35.72 -24.52 19.12
CA ASP G 26 -35.45 -23.84 17.85
C ASP G 26 -34.94 -22.42 18.04
N TYR G 27 -33.94 -22.22 18.90
CA TYR G 27 -33.49 -20.90 19.31
C TYR G 27 -31.97 -20.80 19.17
N TRP G 28 -31.42 -21.29 18.07
CA TRP G 28 -30.00 -21.08 17.80
C TRP G 28 -29.71 -19.78 17.05
N LEU G 29 -30.54 -19.43 16.07
CA LEU G 29 -30.21 -18.30 15.22
C LEU G 29 -31.49 -17.61 14.76
N TYR G 30 -31.42 -16.28 14.62
CA TYR G 30 -32.40 -15.50 13.89
C TYR G 30 -31.81 -15.03 12.57
N SER G 31 -32.60 -15.14 11.51
CA SER G 31 -32.12 -14.85 10.16
C SER G 31 -33.33 -14.62 9.26
N ARG G 32 -33.06 -14.17 8.04
CA ARG G 32 -34.08 -14.04 7.02
C ARG G 32 -34.21 -15.31 6.20
N GLY G 33 -35.46 -15.69 5.93
CA GLY G 33 -35.73 -16.90 5.16
C GLY G 33 -37.22 -17.04 4.93
N VAL G 34 -37.59 -18.15 4.31
CA VAL G 34 -38.98 -18.52 4.07
C VAL G 34 -39.13 -20.02 4.25
N CYS G 35 -40.19 -20.43 4.95
CA CYS G 35 -40.44 -21.86 5.18
C CYS G 35 -41.04 -22.54 3.95
N LYS G 36 -40.35 -22.47 2.81
CA LYS G 36 -40.83 -23.07 1.57
C LYS G 36 -41.07 -24.57 1.71
N GLU G 51 -39.28 -12.95 1.83
CA GLU G 51 -38.33 -13.00 2.95
C GLU G 51 -38.93 -12.41 4.21
N VAL G 52 -38.73 -13.09 5.34
CA VAL G 52 -39.25 -12.64 6.62
C VAL G 52 -38.31 -13.13 7.71
N MET G 53 -38.37 -12.49 8.87
CA MET G 53 -37.57 -12.90 10.01
C MET G 53 -37.87 -14.34 10.41
N THR G 54 -36.81 -15.11 10.63
CA THR G 54 -36.88 -16.57 10.73
C THR G 54 -35.96 -17.01 11.85
N HIS G 55 -36.36 -18.05 12.59
CA HIS G 55 -35.58 -18.57 13.69
C HIS G 55 -35.29 -20.04 13.46
N SER G 56 -34.10 -20.49 13.87
CA SER G 56 -33.56 -21.78 13.49
C SER G 56 -33.11 -22.58 14.71
N GLY G 57 -33.56 -23.84 14.79
CA GLY G 57 -32.83 -24.86 15.49
C GLY G 57 -31.79 -25.55 14.61
N LEU G 58 -31.01 -26.44 15.22
CA LEU G 58 -30.05 -27.22 14.43
C LEU G 58 -30.70 -28.21 13.48
N TRP G 59 -31.98 -28.56 13.69
CA TRP G 59 -32.64 -29.55 12.85
C TRP G 59 -33.62 -28.97 11.85
N ARG G 60 -34.17 -27.78 12.11
CA ARG G 60 -35.37 -27.39 11.41
C ARG G 60 -35.45 -25.88 11.34
N THR G 61 -36.11 -25.38 10.30
CA THR G 61 -36.29 -23.96 10.07
C THR G 61 -37.76 -23.61 10.28
N CYS G 62 -38.01 -22.62 11.13
CA CYS G 62 -39.37 -22.30 11.54
C CYS G 62 -39.61 -20.81 11.43
N CYS G 63 -40.82 -20.44 11.04
CA CYS G 63 -41.13 -19.08 10.62
C CYS G 63 -41.95 -18.37 11.70
N LEU G 64 -41.65 -17.09 11.89
CA LEU G 64 -42.42 -16.23 12.78
C LEU G 64 -42.78 -14.95 12.04
N GLU G 65 -43.38 -13.99 12.74
CA GLU G 65 -43.50 -12.61 12.25
C GLU G 65 -44.26 -12.55 10.92
N GLY G 66 -45.18 -13.47 10.69
CA GLY G 66 -45.94 -13.46 9.47
C GLY G 66 -47.05 -14.48 9.50
N ASN G 67 -47.74 -14.61 8.35
CA ASN G 67 -48.90 -15.48 8.26
C ASN G 67 -48.53 -16.94 8.52
N PHE G 68 -47.33 -17.36 8.13
CA PHE G 68 -46.84 -18.71 8.40
C PHE G 68 -46.25 -18.87 9.79
N LYS G 69 -46.52 -17.95 10.71
CA LYS G 69 -45.98 -18.05 12.06
C LYS G 69 -46.33 -19.39 12.68
N GLY G 70 -45.31 -20.12 13.11
CA GLY G 70 -45.46 -21.47 13.61
C GLY G 70 -45.27 -22.56 12.59
N LEU G 71 -45.12 -22.22 11.30
CA LEU G 71 -44.75 -23.21 10.31
C LEU G 71 -43.31 -23.65 10.51
N CYS G 72 -43.03 -24.90 10.18
CA CYS G 72 -41.67 -25.42 10.23
C CYS G 72 -41.40 -26.30 9.03
N LYS G 73 -40.12 -26.43 8.68
CA LYS G 73 -39.68 -27.39 7.67
C LYS G 73 -38.35 -27.96 8.10
N GLN G 74 -38.05 -29.16 7.58
CA GLN G 74 -36.75 -29.76 7.79
C GLN G 74 -35.66 -28.90 7.17
N ILE G 75 -34.51 -28.83 7.83
CA ILE G 75 -33.42 -28.00 7.34
C ILE G 75 -32.93 -28.54 5.99
N ASP G 76 -32.37 -27.64 5.19
CA ASP G 76 -31.61 -28.02 4.00
C ASP G 76 -30.17 -28.30 4.41
N HIS G 77 -29.80 -29.59 4.44
CA HIS G 77 -28.42 -29.97 4.72
C HIS G 77 -27.48 -29.74 3.55
N PHE G 78 -27.99 -29.39 2.38
CA PHE G 78 -27.18 -29.31 1.18
C PHE G 78 -27.57 -28.11 0.32
N ALA G 89 -11.35 -33.71 2.88
CA ALA G 89 -11.75 -32.50 2.16
C ALA G 89 -13.06 -31.96 2.69
N GLU G 90 -13.35 -30.69 2.39
CA GLU G 90 -14.63 -30.10 2.75
C GLU G 90 -15.81 -30.88 2.19
N TYR G 91 -15.60 -31.64 1.11
CA TYR G 91 -16.61 -32.57 0.64
C TYR G 91 -17.09 -33.49 1.76
N PHE G 92 -16.16 -33.95 2.59
CA PHE G 92 -16.49 -34.80 3.73
C PHE G 92 -16.89 -34.01 4.97
N LEU G 93 -16.50 -32.73 5.05
CA LEU G 93 -16.90 -31.92 6.19
C LEU G 93 -18.40 -31.68 6.18
N ARG G 94 -19.03 -31.68 5.01
CA ARG G 94 -20.46 -31.47 4.90
C ARG G 94 -21.25 -32.38 5.85
N ALA G 95 -20.96 -33.68 5.81
CA ALA G 95 -21.68 -34.61 6.68
C ALA G 95 -21.45 -34.34 8.17
N VAL G 96 -20.35 -33.69 8.52
CA VAL G 96 -20.05 -33.46 9.93
C VAL G 96 -21.05 -32.47 10.52
N ARG G 97 -21.32 -31.38 9.81
CA ARG G 97 -22.38 -30.46 10.21
C ARG G 97 -23.74 -31.16 10.23
N ALA G 98 -24.04 -31.95 9.19
CA ALA G 98 -25.36 -32.53 9.08
C ALA G 98 -25.66 -33.48 10.24
N SER G 99 -24.67 -34.27 10.64
CA SER G 99 -24.89 -35.24 11.70
C SER G 99 -25.02 -34.57 13.06
N SER G 100 -24.31 -33.47 13.29
CA SER G 100 -24.27 -32.81 14.60
C SER G 100 -23.85 -33.80 15.68
N ILE G 101 -22.97 -34.72 15.29
CA ILE G 101 -22.59 -35.85 16.15
C ILE G 101 -22.00 -35.36 17.47
N PHE G 102 -21.18 -34.31 17.44
CA PHE G 102 -20.50 -33.85 18.65
C PHE G 102 -21.47 -33.39 19.75
N PRO G 103 -22.51 -32.59 19.47
CA PRO G 103 -23.55 -32.38 20.49
C PRO G 103 -24.08 -33.68 21.11
N ILE G 104 -24.49 -34.63 20.27
CA ILE G 104 -25.10 -35.86 20.77
C ILE G 104 -24.12 -36.60 21.67
N LEU G 105 -22.88 -36.77 21.19
CA LEU G 105 -21.87 -37.47 21.98
C LEU G 105 -21.61 -36.75 23.30
N SER G 106 -21.58 -35.42 23.28
CA SER G 106 -21.41 -34.65 24.50
C SER G 106 -22.52 -34.94 25.50
N VAL G 107 -23.77 -34.95 25.03
CA VAL G 107 -24.88 -35.27 25.91
C VAL G 107 -24.76 -36.68 26.45
N ILE G 108 -24.46 -37.64 25.58
CA ILE G 108 -24.35 -39.04 26.00
C ILE G 108 -23.28 -39.20 27.07
N LEU G 109 -22.13 -38.56 26.89
CA LEU G 109 -21.04 -38.71 27.84
C LEU G 109 -21.29 -37.96 29.14
N LEU G 110 -21.96 -36.81 29.08
CA LEU G 110 -22.38 -36.15 30.31
C LEU G 110 -23.39 -37.00 31.08
N PHE G 111 -24.32 -37.64 30.37
CA PHE G 111 -25.23 -38.60 30.98
C PHE G 111 -24.45 -39.73 31.65
N MET G 112 -23.48 -40.30 30.95
CA MET G 112 -22.62 -41.33 31.52
C MET G 112 -21.96 -40.86 32.81
N GLY G 113 -21.32 -39.69 32.77
CA GLY G 113 -20.66 -39.16 33.95
C GLY G 113 -21.62 -38.97 35.11
N GLY G 114 -22.77 -38.34 34.84
CA GLY G 114 -23.71 -38.09 35.91
C GLY G 114 -24.21 -39.37 36.55
N LEU G 115 -24.57 -40.34 35.72
CA LEU G 115 -25.05 -41.62 36.25
C LEU G 115 -23.97 -42.37 37.01
N CYS G 116 -22.70 -42.18 36.64
CA CYS G 116 -21.63 -42.88 37.35
C CYS G 116 -21.53 -42.41 38.80
N ILE G 117 -21.41 -41.10 39.02
CA ILE G 117 -21.30 -40.58 40.38
C ILE G 117 -22.55 -40.87 41.19
N ALA G 118 -23.70 -40.99 40.53
CA ALA G 118 -24.91 -41.38 41.25
C ALA G 118 -24.78 -42.78 41.83
N ALA G 119 -23.97 -43.64 41.23
CA ALA G 119 -23.76 -44.98 41.77
C ALA G 119 -22.85 -45.00 42.99
N SER G 120 -22.15 -43.91 43.28
CA SER G 120 -21.13 -43.92 44.33
C SER G 120 -21.73 -44.09 45.73
N GLU G 121 -23.05 -44.18 45.85
CA GLU G 121 -23.67 -44.57 47.12
C GLU G 121 -23.36 -46.01 47.52
N PHE G 122 -22.93 -46.86 46.58
CA PHE G 122 -22.59 -48.23 46.92
C PHE G 122 -21.32 -48.62 46.16
N TYR G 123 -20.99 -49.92 46.21
CA TYR G 123 -19.85 -50.50 45.49
C TYR G 123 -18.54 -49.78 45.80
N LYS G 124 -18.38 -49.36 47.06
CA LYS G 124 -17.31 -48.44 47.42
C LYS G 124 -15.97 -49.18 47.47
N THR G 125 -14.95 -48.50 48.01
CA THR G 125 -13.60 -49.03 48.23
C THR G 125 -12.82 -49.19 46.94
N ARG G 126 -13.28 -48.57 45.85
CA ARG G 126 -12.56 -48.67 44.59
C ARG G 126 -12.28 -47.31 43.96
N HIS G 127 -13.16 -46.33 44.17
CA HIS G 127 -12.92 -44.92 43.85
C HIS G 127 -12.69 -44.65 42.37
N ASN G 128 -12.77 -45.68 41.52
CA ASN G 128 -12.58 -45.49 40.08
C ASN G 128 -13.74 -44.70 39.49
N ILE G 129 -14.93 -44.81 40.10
CA ILE G 129 -16.11 -44.09 39.64
C ILE G 129 -15.80 -42.61 39.47
N ILE G 130 -15.14 -42.01 40.46
CA ILE G 130 -15.03 -40.56 40.50
C ILE G 130 -14.08 -40.10 39.40
N LEU G 131 -12.94 -40.75 39.27
CA LEU G 131 -11.97 -40.38 38.24
C LEU G 131 -12.57 -40.56 36.86
N SER G 132 -13.27 -41.69 36.64
CA SER G 132 -13.87 -41.94 35.34
C SER G 132 -14.92 -40.89 34.99
N ALA G 133 -15.80 -40.57 35.96
CA ALA G 133 -16.77 -39.51 35.74
C ALA G 133 -16.12 -38.15 35.48
N GLY G 134 -15.01 -37.87 36.17
CA GLY G 134 -14.27 -36.66 35.89
C GLY G 134 -13.82 -36.57 34.45
N ILE G 135 -13.18 -37.64 33.97
CA ILE G 135 -12.76 -37.68 32.57
C ILE G 135 -13.95 -37.56 31.63
N PHE G 136 -15.08 -38.18 31.98
CA PHE G 136 -16.28 -38.03 31.16
C PHE G 136 -16.73 -36.58 31.09
N PHE G 137 -16.76 -35.89 32.24
CA PHE G 137 -17.19 -34.48 32.24
C PHE G 137 -16.26 -33.62 31.40
N VAL G 138 -14.95 -33.82 31.56
CA VAL G 138 -13.99 -33.02 30.80
C VAL G 138 -14.14 -33.27 29.31
N SER G 139 -14.21 -34.54 28.89
CA SER G 139 -14.33 -34.84 27.48
C SER G 139 -15.64 -34.33 26.91
N ALA G 140 -16.72 -34.43 27.70
CA ALA G 140 -18.00 -33.85 27.31
C ALA G 140 -17.87 -32.36 27.04
N GLY G 141 -17.16 -31.65 27.92
CA GLY G 141 -16.97 -30.22 27.70
C GLY G 141 -16.24 -29.91 26.41
N LEU G 142 -15.11 -30.59 26.18
CA LEU G 142 -14.35 -30.37 24.95
C LEU G 142 -15.23 -30.52 23.72
N SER G 143 -16.13 -31.50 23.74
CA SER G 143 -17.00 -31.77 22.60
C SER G 143 -17.79 -30.55 22.17
N ASN G 144 -18.30 -29.76 23.13
CA ASN G 144 -19.13 -28.62 22.78
C ASN G 144 -18.37 -27.50 22.08
N ILE G 145 -17.09 -27.32 22.37
CA ILE G 145 -16.30 -26.32 21.63
C ILE G 145 -16.25 -26.68 20.15
N ILE G 146 -15.98 -27.94 19.84
CA ILE G 146 -16.01 -28.40 18.46
C ILE G 146 -17.37 -28.12 17.83
N GLY G 147 -18.44 -28.47 18.53
CA GLY G 147 -19.77 -28.23 18.00
C GLY G 147 -20.01 -26.77 17.61
N ILE G 148 -19.64 -25.86 18.52
CA ILE G 148 -19.77 -24.43 18.23
C ILE G 148 -18.94 -24.04 17.03
N ILE G 149 -17.67 -24.42 17.01
CA ILE G 149 -16.80 -24.05 15.90
C ILE G 149 -17.38 -24.53 14.57
N VAL G 150 -17.81 -25.80 14.55
CA VAL G 150 -18.42 -26.37 13.34
C VAL G 150 -19.61 -25.54 12.91
N TYR G 151 -20.53 -25.25 13.84
CA TYR G 151 -21.75 -24.55 13.47
C TYR G 151 -21.45 -23.15 12.96
N ILE G 152 -20.61 -22.41 13.68
CA ILE G 152 -20.31 -21.03 13.26
C ILE G 152 -19.61 -21.02 11.92
N SER G 153 -18.75 -22.02 11.66
CA SER G 153 -18.08 -22.07 10.38
C SER G 153 -19.07 -22.36 9.26
N ALA G 154 -19.90 -23.39 9.42
CA ALA G 154 -20.76 -23.85 8.32
C ALA G 154 -21.73 -22.75 7.88
N ASN G 155 -22.27 -22.01 8.84
CA ASN G 155 -23.27 -20.98 8.56
C ASN G 155 -22.69 -19.83 7.74
N ALA G 156 -21.37 -19.67 7.70
CA ALA G 156 -20.76 -18.70 6.82
C ALA G 156 -20.61 -19.19 5.40
N GLY G 157 -20.75 -20.49 5.16
CA GLY G 157 -20.48 -21.07 3.86
C GLY G 157 -21.38 -20.55 2.75
N ASN G 167 -25.59 -13.09 7.26
CA ASN G 167 -25.63 -11.65 7.48
C ASN G 167 -26.81 -11.27 8.37
N SER G 168 -26.69 -10.12 9.05
CA SER G 168 -27.75 -9.59 9.91
C SER G 168 -28.04 -10.50 11.10
N TYR G 169 -27.32 -11.62 11.18
CA TYR G 169 -27.66 -12.66 12.15
C TYR G 169 -27.41 -12.21 13.58
N SER G 170 -28.15 -12.84 14.49
CA SER G 170 -28.00 -12.63 15.93
C SER G 170 -28.45 -13.90 16.63
N TYR G 171 -27.70 -14.27 17.67
CA TYR G 171 -27.82 -15.59 18.24
C TYR G 171 -29.01 -15.70 19.18
N GLY G 172 -29.68 -16.85 19.12
CA GLY G 172 -30.74 -17.18 20.05
C GLY G 172 -30.26 -17.80 21.34
N TRP G 173 -31.20 -17.91 22.29
CA TRP G 173 -30.88 -18.27 23.66
C TRP G 173 -30.22 -19.64 23.78
N SER G 174 -30.53 -20.57 22.88
CA SER G 174 -29.94 -21.91 22.98
C SER G 174 -28.43 -21.87 22.90
N PHE G 175 -27.87 -20.96 22.12
CA PHE G 175 -26.41 -20.83 22.03
C PHE G 175 -25.82 -20.53 23.40
N TYR G 176 -26.48 -19.65 24.15
CA TYR G 176 -26.00 -19.33 25.49
C TYR G 176 -26.30 -20.44 26.49
N PHE G 177 -27.40 -21.18 26.32
CA PHE G 177 -27.61 -22.36 27.15
C PHE G 177 -26.50 -23.37 26.93
N GLY G 178 -26.02 -23.51 25.69
CA GLY G 178 -24.87 -24.34 25.43
C GLY G 178 -23.60 -23.83 26.08
N ALA G 179 -23.32 -22.54 25.92
CA ALA G 179 -22.13 -21.95 26.57
C ALA G 179 -22.15 -22.18 28.07
N LEU G 180 -23.31 -21.96 28.70
CA LEU G 180 -23.44 -22.16 30.14
C LEU G 180 -23.24 -23.62 30.51
N SER G 181 -23.82 -24.54 29.74
CA SER G 181 -23.60 -25.97 29.96
C SER G 181 -22.12 -26.30 29.93
N PHE G 182 -21.41 -25.80 28.91
CA PHE G 182 -19.96 -26.00 28.82
C PHE G 182 -19.23 -25.47 30.04
N ILE G 183 -19.57 -24.25 30.47
CA ILE G 183 -18.91 -23.66 31.64
C ILE G 183 -19.15 -24.48 32.90
N ILE G 184 -20.39 -24.91 33.12
CA ILE G 184 -20.69 -25.71 34.29
C ILE G 184 -20.00 -27.07 34.23
N ALA G 185 -19.92 -27.66 33.05
CA ALA G 185 -19.19 -28.92 32.90
C ALA G 185 -17.71 -28.77 33.24
N GLU G 186 -17.11 -27.66 32.79
CA GLU G 186 -15.72 -27.38 33.13
C GLU G 186 -15.54 -27.11 34.63
N MET G 187 -16.56 -26.56 35.29
CA MET G 187 -16.48 -26.35 36.72
C MET G 187 -16.53 -27.67 37.49
N VAL G 188 -17.57 -28.47 37.26
CA VAL G 188 -17.88 -29.57 38.17
C VAL G 188 -16.76 -30.61 38.22
N GLY G 189 -16.11 -30.88 37.08
CA GLY G 189 -15.11 -31.91 37.03
C GLY G 189 -13.90 -31.63 37.90
N VAL G 190 -13.53 -30.35 38.01
CA VAL G 190 -12.39 -29.99 38.86
C VAL G 190 -12.69 -30.37 40.31
N LEU G 191 -13.90 -30.03 40.78
CA LEU G 191 -14.28 -30.31 42.14
C LEU G 191 -14.36 -31.81 42.38
N ALA G 192 -14.86 -32.57 41.40
CA ALA G 192 -14.91 -34.02 41.55
C ALA G 192 -13.52 -34.65 41.63
N VAL G 193 -12.60 -34.21 40.78
CA VAL G 193 -11.23 -34.71 40.86
C VAL G 193 -10.58 -34.34 42.18
N HIS G 194 -10.81 -33.11 42.64
CA HIS G 194 -10.29 -32.68 43.94
C HIS G 194 -10.83 -33.55 45.07
N MET G 195 -12.12 -33.91 45.01
CA MET G 195 -12.69 -34.81 46.00
C MET G 195 -12.05 -36.19 45.96
N PHE G 196 -11.85 -36.74 44.76
CA PHE G 196 -11.14 -38.01 44.66
C PHE G 196 -9.75 -37.92 45.28
N ILE G 197 -9.01 -36.87 44.96
CA ILE G 197 -7.66 -36.71 45.49
C ILE G 197 -7.67 -36.66 47.00
N ASP G 198 -8.54 -35.83 47.57
CA ASP G 198 -8.59 -35.70 49.03
C ASP G 198 -8.96 -37.02 49.68
N ARG G 199 -10.01 -37.69 49.20
CA ARG G 199 -10.45 -38.93 49.81
C ARG G 199 -9.44 -40.06 49.63
N HIS G 200 -8.57 -39.98 48.62
CA HIS G 200 -7.48 -40.93 48.50
C HIS G 200 -6.23 -40.53 49.28
N LYS G 201 -5.87 -39.24 49.27
CA LYS G 201 -4.62 -38.82 49.88
C LYS G 201 -4.61 -39.10 51.39
N GLN G 202 -5.77 -39.08 52.04
CA GLN G 202 -5.83 -39.26 53.48
C GLN G 202 -5.24 -40.59 53.93
N LEU G 203 -5.06 -41.56 53.03
CA LEU G 203 -4.28 -42.75 53.35
C LEU G 203 -2.85 -42.43 53.76
N THR G 204 -2.34 -41.25 53.39
CA THR G 204 -1.04 -40.81 53.90
C THR G 204 -1.06 -40.43 55.37
N GLY G 205 -2.24 -40.34 55.99
CA GLY G 205 -2.34 -40.02 57.39
C GLY G 205 -3.68 -40.40 57.99
N ARG H 1 11.02 5.55 61.96
CA ARG H 1 11.60 5.86 63.27
C ARG H 1 11.05 7.20 63.74
N GLY H 2 9.72 7.30 63.82
CA GLY H 2 9.08 8.50 64.32
C GLY H 2 9.23 9.68 63.38
N VAL H 3 10.47 9.98 63.01
CA VAL H 3 10.79 11.15 62.19
C VAL H 3 10.00 11.15 60.89
N GLN H 4 9.65 9.96 60.37
CA GLN H 4 8.87 9.88 59.14
C GLN H 4 7.54 10.62 59.25
N MET H 5 7.04 10.84 60.47
CA MET H 5 5.86 11.67 60.67
C MET H 5 6.11 13.09 60.19
N LEU H 6 7.28 13.64 60.51
CA LEU H 6 7.62 15.01 60.11
C LEU H 6 7.53 15.20 58.60
N LEU H 7 7.93 14.20 57.82
CA LEU H 7 7.82 14.34 56.37
C LEU H 7 6.36 14.22 55.90
N THR H 8 5.72 13.10 56.22
CA THR H 8 4.43 12.81 55.61
C THR H 8 3.36 13.82 56.01
N THR H 9 3.54 14.51 57.14
CA THR H 9 2.62 15.58 57.50
C THR H 9 2.65 16.74 56.52
N VAL H 10 3.72 16.87 55.74
CA VAL H 10 3.88 18.04 54.87
C VAL H 10 3.00 17.92 53.64
N GLY H 11 3.24 16.88 52.83
CA GLY H 11 2.94 16.97 51.42
C GLY H 11 1.46 17.07 51.11
N ALA H 12 0.61 16.47 51.95
CA ALA H 12 -0.81 16.36 51.62
C ALA H 12 -1.43 17.74 51.45
N PHE H 13 -1.09 18.67 52.35
CA PHE H 13 -1.61 20.02 52.26
C PHE H 13 -1.16 20.70 50.98
N ALA H 14 0.11 20.50 50.61
CA ALA H 14 0.62 21.06 49.37
C ALA H 14 -0.15 20.55 48.17
N ALA H 15 -0.33 19.23 48.10
CA ALA H 15 -1.07 18.63 46.99
C ALA H 15 -2.50 19.18 46.92
N PHE H 16 -3.16 19.29 48.08
CA PHE H 16 -4.49 19.86 48.11
C PHE H 16 -4.50 21.27 47.53
N SER H 17 -3.59 22.11 48.03
CA SER H 17 -3.51 23.49 47.57
C SER H 17 -3.30 23.57 46.06
N LEU H 18 -2.34 22.79 45.55
CA LEU H 18 -2.07 22.77 44.12
C LEU H 18 -3.31 22.37 43.33
N MET H 19 -3.95 21.26 43.71
CA MET H 19 -5.08 20.78 42.93
C MET H 19 -6.25 21.76 42.97
N THR H 20 -6.58 22.30 44.16
CA THR H 20 -7.69 23.24 44.22
C THR H 20 -7.38 24.51 43.42
N ILE H 21 -6.15 25.00 43.49
CA ILE H 21 -5.78 26.16 42.67
C ILE H 21 -5.97 25.83 41.20
N ALA H 22 -5.52 24.64 40.78
CA ALA H 22 -5.65 24.25 39.38
C ALA H 22 -7.10 24.23 38.94
N VAL H 23 -7.98 23.69 39.79
CA VAL H 23 -9.41 23.70 39.46
C VAL H 23 -9.92 25.13 39.40
N GLY H 24 -9.32 26.03 40.19
CA GLY H 24 -9.81 27.38 40.35
C GLY H 24 -9.25 28.43 39.41
N THR H 25 -8.61 28.02 38.31
CA THR H 25 -7.96 28.98 37.43
C THR H 25 -8.32 28.71 35.98
N ASP H 26 -8.38 29.81 35.21
CA ASP H 26 -8.85 29.80 33.83
C ASP H 26 -7.75 29.55 32.81
N TYR H 27 -6.72 28.78 33.16
CA TYR H 27 -5.57 28.58 32.28
C TYR H 27 -5.23 27.08 32.19
N TRP H 28 -5.91 26.39 31.27
CA TRP H 28 -5.52 25.05 30.88
C TRP H 28 -5.06 24.96 29.44
N LEU H 29 -5.54 25.85 28.57
CA LEU H 29 -5.39 25.65 27.14
C LEU H 29 -5.25 27.00 26.44
N TYR H 30 -4.31 27.06 25.50
CA TYR H 30 -4.25 28.12 24.50
C TYR H 30 -4.78 27.62 23.17
N SER H 31 -5.66 28.40 22.55
CA SER H 31 -6.30 27.99 21.30
C SER H 31 -6.91 29.21 20.64
N ARG H 32 -7.28 29.05 19.38
CA ARG H 32 -8.23 29.98 18.77
C ARG H 32 -9.61 29.82 19.40
N GLY H 33 -10.34 30.93 19.48
CA GLY H 33 -11.65 30.88 20.08
C GLY H 33 -12.34 32.23 20.00
N VAL H 34 -13.43 32.34 20.77
CA VAL H 34 -14.36 33.46 20.70
C VAL H 34 -15.03 33.60 22.06
N CYS H 35 -15.56 34.80 22.33
CA CYS H 35 -16.26 35.07 23.58
C CYS H 35 -17.57 35.82 23.35
N LYS H 36 -18.12 35.77 22.14
CA LYS H 36 -19.40 36.40 21.85
C LYS H 36 -20.51 35.79 22.70
N GLU H 51 -12.05 34.56 14.73
CA GLU H 51 -11.56 34.06 16.01
C GLU H 51 -10.25 34.75 16.41
N VAL H 52 -9.88 34.61 17.68
CA VAL H 52 -8.63 35.15 18.20
C VAL H 52 -8.07 34.15 19.20
N MET H 53 -6.78 34.27 19.47
CA MET H 53 -6.12 33.38 20.41
C MET H 53 -6.72 33.53 21.80
N THR H 54 -6.83 32.42 22.51
CA THR H 54 -7.75 32.29 23.63
C THR H 54 -7.11 31.48 24.74
N HIS H 55 -7.50 31.78 25.97
CA HIS H 55 -7.11 30.98 27.14
C HIS H 55 -8.36 30.52 27.86
N SER H 56 -8.29 29.32 28.42
CA SER H 56 -9.48 28.68 28.96
C SER H 56 -9.13 27.86 30.20
N GLY H 57 -10.10 27.72 31.09
CA GLY H 57 -10.10 26.70 32.11
C GLY H 57 -11.18 25.67 31.89
N LEU H 58 -11.55 24.99 32.98
CA LEU H 58 -12.59 23.97 32.89
C LEU H 58 -13.96 24.59 32.60
N TRP H 59 -14.24 25.75 33.19
CA TRP H 59 -15.59 26.27 33.28
C TRP H 59 -15.93 27.35 32.28
N ARG H 60 -14.96 28.14 31.84
CA ARG H 60 -15.29 29.37 31.14
C ARG H 60 -14.15 29.79 30.21
N THR H 61 -14.50 30.60 29.22
CA THR H 61 -13.61 31.03 28.16
C THR H 61 -13.43 32.53 28.28
N CYS H 62 -12.19 33.01 28.20
CA CYS H 62 -11.91 34.44 28.24
C CYS H 62 -10.93 34.82 27.14
N CYS H 63 -11.23 35.92 26.46
CA CYS H 63 -10.53 36.28 25.24
C CYS H 63 -9.44 37.31 25.53
N LEU H 64 -8.32 37.20 24.83
CA LEU H 64 -7.21 38.14 24.95
C LEU H 64 -6.74 38.58 23.57
N GLU H 65 -5.57 39.21 23.50
CA GLU H 65 -4.86 39.43 22.24
C GLU H 65 -5.68 40.27 21.26
N GLY H 66 -6.51 41.16 21.78
CA GLY H 66 -7.35 41.98 20.92
C GLY H 66 -8.15 42.96 21.74
N ASN H 67 -8.97 43.74 21.04
CA ASN H 67 -9.73 44.81 21.68
C ASN H 67 -10.65 44.29 22.77
N PHE H 68 -11.22 43.10 22.58
CA PHE H 68 -12.14 42.53 23.56
C PHE H 68 -11.43 41.98 24.79
N LYS H 69 -10.11 42.11 24.89
CA LYS H 69 -9.32 41.42 25.92
C LYS H 69 -9.92 41.65 27.30
N GLY H 70 -10.29 40.56 27.96
CA GLY H 70 -11.01 40.61 29.22
C GLY H 70 -12.45 40.18 29.12
N LEU H 71 -13.00 40.12 27.91
CA LEU H 71 -14.33 39.56 27.70
C LEU H 71 -14.32 38.06 27.97
N CYS H 72 -15.43 37.56 28.52
CA CYS H 72 -15.54 36.18 28.91
C CYS H 72 -16.96 35.69 28.62
N LYS H 73 -17.13 34.37 28.61
CA LYS H 73 -18.45 33.78 28.55
C LYS H 73 -18.41 32.39 29.15
N GLN H 74 -19.59 31.88 29.49
CA GLN H 74 -19.73 30.48 29.86
C GLN H 74 -19.22 29.57 28.74
N ILE H 75 -18.63 28.44 29.15
CA ILE H 75 -18.18 27.45 28.18
C ILE H 75 -19.38 26.90 27.40
N ASP H 76 -19.10 26.41 26.19
CA ASP H 76 -20.03 25.57 25.47
C ASP H 76 -20.11 24.22 26.19
N HIS H 77 -21.19 24.02 26.95
CA HIS H 77 -21.40 22.75 27.63
C HIS H 77 -21.68 21.61 26.66
N PHE H 78 -22.13 21.90 25.45
CA PHE H 78 -22.49 20.85 24.50
C PHE H 78 -22.06 21.22 23.09
N ALA H 89 -25.41 4.48 23.50
CA ALA H 89 -24.72 5.46 22.66
C ALA H 89 -23.66 6.20 23.46
N GLU H 90 -22.69 6.79 22.75
CA GLU H 90 -21.64 7.56 23.41
C GLU H 90 -22.18 8.84 24.04
N TYR H 91 -23.39 9.28 23.63
CA TYR H 91 -23.96 10.52 24.13
C TYR H 91 -23.79 10.70 25.63
N PHE H 92 -24.07 9.64 26.39
CA PHE H 92 -24.07 9.75 27.85
C PHE H 92 -22.69 10.06 28.40
N LEU H 93 -21.64 9.94 27.60
CA LEU H 93 -20.31 10.32 28.06
C LEU H 93 -20.23 11.82 28.29
N ARG H 94 -20.96 12.61 27.50
CA ARG H 94 -20.84 14.06 27.53
C ARG H 94 -21.07 14.59 28.95
N ALA H 95 -21.92 13.92 29.72
CA ALA H 95 -22.18 14.32 31.10
C ALA H 95 -20.91 14.34 31.93
N VAL H 96 -19.98 13.42 31.64
CA VAL H 96 -18.77 13.32 32.45
C VAL H 96 -17.87 14.53 32.24
N ARG H 97 -17.71 14.96 30.99
CA ARG H 97 -16.97 16.19 30.74
C ARG H 97 -17.71 17.39 31.32
N ALA H 98 -19.04 17.45 31.12
CA ALA H 98 -19.81 18.59 31.56
C ALA H 98 -19.72 18.77 33.07
N SER H 99 -19.75 17.67 33.82
CA SER H 99 -19.71 17.76 35.27
C SER H 99 -18.32 18.08 35.78
N SER H 100 -17.29 17.46 35.20
CA SER H 100 -15.94 17.47 35.75
C SER H 100 -15.92 16.95 37.19
N ILE H 101 -16.71 15.91 37.46
CA ILE H 101 -16.87 15.43 38.82
C ILE H 101 -15.55 14.92 39.38
N PHE H 102 -14.70 14.34 38.53
CA PHE H 102 -13.51 13.63 39.00
C PHE H 102 -12.52 14.55 39.73
N PRO H 103 -12.16 15.72 39.21
CA PRO H 103 -11.44 16.70 40.05
C PRO H 103 -12.02 16.90 41.44
N ILE H 104 -13.33 17.17 41.53
CA ILE H 104 -13.96 17.43 42.80
C ILE H 104 -13.83 16.23 43.73
N LEU H 105 -14.06 15.03 43.19
CA LEU H 105 -13.86 13.81 43.97
C LEU H 105 -12.45 13.75 44.52
N SER H 106 -11.47 14.01 43.66
CA SER H 106 -10.08 13.96 44.10
C SER H 106 -9.80 14.97 45.21
N VAL H 107 -10.35 16.17 45.08
CA VAL H 107 -10.17 17.20 46.12
C VAL H 107 -10.74 16.72 47.45
N ILE H 108 -11.97 16.20 47.42
CA ILE H 108 -12.61 15.75 48.64
C ILE H 108 -11.81 14.60 49.26
N LEU H 109 -11.35 13.68 48.43
CA LEU H 109 -10.56 12.56 48.95
C LEU H 109 -9.25 13.02 49.57
N LEU H 110 -8.60 14.03 48.99
CA LEU H 110 -7.41 14.59 49.64
C LEU H 110 -7.76 15.20 50.99
N PHE H 111 -8.89 15.90 51.07
CA PHE H 111 -9.33 16.42 52.36
C PHE H 111 -9.52 15.30 53.37
N MET H 112 -10.20 14.22 52.97
CA MET H 112 -10.37 13.07 53.84
C MET H 112 -9.04 12.50 54.28
N GLY H 113 -8.11 12.35 53.33
CA GLY H 113 -6.80 11.82 53.65
C GLY H 113 -6.09 12.65 54.71
N GLY H 114 -6.10 13.97 54.54
CA GLY H 114 -5.47 14.82 55.54
C GLY H 114 -6.16 14.72 56.89
N LEU H 115 -7.49 14.63 56.89
CA LEU H 115 -8.19 14.45 58.16
C LEU H 115 -7.88 13.11 58.80
N CYS H 116 -7.44 12.11 58.02
CA CYS H 116 -6.97 10.86 58.61
C CYS H 116 -5.79 11.08 59.54
N ILE H 117 -4.76 11.78 59.05
CA ILE H 117 -3.57 12.00 59.87
C ILE H 117 -3.87 13.02 60.95
N ALA H 118 -4.78 13.95 60.69
CA ALA H 118 -5.24 14.86 61.73
C ALA H 118 -5.91 14.11 62.88
N ALA H 119 -6.73 13.10 62.55
CA ALA H 119 -7.34 12.27 63.58
C ALA H 119 -6.31 11.47 64.36
N SER H 120 -5.32 10.89 63.69
CA SER H 120 -4.47 9.87 64.31
C SER H 120 -3.54 10.42 65.38
N GLU H 121 -3.56 11.73 65.65
CA GLU H 121 -2.95 12.25 66.86
C GLU H 121 -3.67 11.77 68.11
N PHE H 122 -4.98 11.56 68.04
CA PHE H 122 -5.73 10.97 69.13
C PHE H 122 -5.98 9.49 68.86
N TYR H 123 -6.64 8.83 69.83
CA TYR H 123 -7.05 7.43 69.70
C TYR H 123 -5.87 6.52 69.35
N LYS H 124 -4.70 6.84 69.89
CA LYS H 124 -3.49 6.10 69.57
C LYS H 124 -3.62 4.63 70.00
N THR H 125 -2.63 3.84 69.56
CA THR H 125 -2.55 2.39 69.75
C THR H 125 -3.58 1.64 68.90
N ARG H 126 -4.55 2.34 68.32
CA ARG H 126 -5.39 1.73 67.31
C ARG H 126 -4.57 1.41 66.06
N HIS H 127 -3.78 2.39 65.61
CA HIS H 127 -2.89 2.28 64.45
C HIS H 127 -3.69 2.26 63.15
N ASN H 128 -5.00 2.14 63.24
CA ASN H 128 -5.79 1.82 62.05
C ASN H 128 -6.41 3.06 61.43
N ILE H 129 -6.40 4.18 62.14
CA ILE H 129 -6.77 5.46 61.56
C ILE H 129 -5.79 5.84 60.44
N ILE H 130 -4.53 5.41 60.57
CA ILE H 130 -3.55 5.69 59.54
C ILE H 130 -3.89 4.94 58.25
N LEU H 131 -4.37 3.70 58.38
CA LEU H 131 -4.46 2.80 57.23
C LEU H 131 -5.21 3.47 56.08
N SER H 132 -6.35 4.08 56.39
CA SER H 132 -7.23 4.60 55.35
C SER H 132 -6.59 5.75 54.58
N ALA H 133 -5.58 6.41 55.15
CA ALA H 133 -5.00 7.58 54.49
C ALA H 133 -4.50 7.24 53.09
N GLY H 134 -3.68 6.19 52.99
CA GLY H 134 -3.14 5.81 51.70
C GLY H 134 -4.20 5.46 50.67
N ILE H 135 -5.27 4.79 51.12
CA ILE H 135 -6.34 4.41 50.21
C ILE H 135 -6.99 5.64 49.59
N PHE H 136 -7.28 6.65 50.41
CA PHE H 136 -7.80 7.90 49.90
C PHE H 136 -6.87 8.53 48.87
N PHE H 137 -5.57 8.57 49.17
CA PHE H 137 -4.65 9.22 48.24
C PHE H 137 -4.56 8.48 46.92
N VAL H 138 -4.43 7.14 46.99
CA VAL H 138 -4.43 6.31 45.78
C VAL H 138 -5.68 6.58 44.94
N SER H 139 -6.86 6.47 45.57
CA SER H 139 -8.10 6.60 44.82
C SER H 139 -8.22 7.99 44.20
N ALA H 140 -7.85 9.04 44.95
CA ALA H 140 -7.85 10.38 44.39
C ALA H 140 -6.91 10.49 43.19
N GLY H 141 -5.74 9.86 43.25
CA GLY H 141 -4.85 9.88 42.11
C GLY H 141 -5.44 9.19 40.89
N LEU H 142 -6.04 8.02 41.08
CA LEU H 142 -6.71 7.35 39.97
C LEU H 142 -7.81 8.22 39.37
N SER H 143 -8.56 8.92 40.23
CA SER H 143 -9.58 9.83 39.74
C SER H 143 -8.97 10.94 38.90
N ASN H 144 -7.89 11.55 39.41
CA ASN H 144 -7.22 12.61 38.68
C ASN H 144 -6.78 12.13 37.30
N ILE H 145 -6.20 10.94 37.24
CA ILE H 145 -5.77 10.36 35.96
C ILE H 145 -6.94 10.24 35.00
N ILE H 146 -8.04 9.65 35.46
CA ILE H 146 -9.21 9.51 34.60
C ILE H 146 -9.71 10.87 34.14
N GLY H 147 -9.73 11.85 35.05
CA GLY H 147 -10.14 13.20 34.66
C GLY H 147 -9.31 13.75 33.53
N ILE H 148 -7.99 13.60 33.61
CA ILE H 148 -7.13 14.10 32.54
C ILE H 148 -7.45 13.40 31.23
N ILE H 149 -7.57 12.07 31.27
CA ILE H 149 -7.80 11.33 30.04
C ILE H 149 -9.10 11.77 29.39
N VAL H 150 -10.16 11.91 30.20
CA VAL H 150 -11.44 12.40 29.70
C VAL H 150 -11.28 13.76 29.05
N TYR H 151 -10.61 14.69 29.77
CA TYR H 151 -10.49 16.06 29.25
C TYR H 151 -9.79 16.08 27.91
N ILE H 152 -8.68 15.36 27.79
CA ILE H 152 -7.97 15.32 26.51
C ILE H 152 -8.83 14.71 25.44
N SER H 153 -9.49 13.59 25.75
CA SER H 153 -10.32 12.91 24.75
C SER H 153 -11.41 13.82 24.21
N ALA H 154 -12.04 14.60 25.10
CA ALA H 154 -13.08 15.53 24.68
C ALA H 154 -12.50 16.68 23.85
N ASN H 155 -11.49 17.36 24.38
CA ASN H 155 -11.10 18.65 23.83
C ASN H 155 -10.39 18.53 22.48
N ALA H 156 -9.70 17.41 22.24
CA ALA H 156 -8.86 17.32 21.04
C ALA H 156 -9.68 17.22 19.77
N GLY H 157 -10.97 16.93 19.87
CA GLY H 157 -11.81 16.73 18.70
C GLY H 157 -11.86 17.93 17.78
N ASN H 167 -4.78 22.51 16.22
CA ASN H 167 -4.90 23.95 16.08
C ASN H 167 -3.75 24.68 16.77
N SER H 168 -2.61 24.02 16.85
CA SER H 168 -1.39 24.57 17.45
C SER H 168 -1.60 24.91 18.92
N TYR H 169 -2.49 24.18 19.58
CA TYR H 169 -2.76 24.36 21.00
C TYR H 169 -1.53 24.01 21.85
N SER H 170 -1.63 24.36 23.13
CA SER H 170 -0.62 24.02 24.13
C SER H 170 -1.26 24.18 25.51
N TYR H 171 -0.61 23.60 26.50
CA TYR H 171 -1.21 23.46 27.82
C TYR H 171 -0.75 24.53 28.80
N GLY H 172 -1.71 25.03 29.60
CA GLY H 172 -1.45 26.04 30.61
C GLY H 172 -0.97 25.43 31.91
N TRP H 173 -0.37 26.27 32.76
CA TRP H 173 0.37 25.78 33.91
C TRP H 173 -0.48 24.88 34.80
N SER H 174 -1.79 25.14 34.87
CA SER H 174 -2.68 24.34 35.71
C SER H 174 -2.52 22.85 35.42
N PHE H 175 -2.34 22.51 34.14
CA PHE H 175 -2.23 21.11 33.73
C PHE H 175 -1.05 20.45 34.45
N TYR H 176 0.10 21.14 34.44
CA TYR H 176 1.28 20.62 35.09
C TYR H 176 1.13 20.64 36.60
N PHE H 177 0.38 21.63 37.12
CA PHE H 177 0.10 21.64 38.56
C PHE H 177 -0.65 20.37 38.94
N GLY H 178 -1.64 19.99 38.15
CA GLY H 178 -2.39 18.77 38.41
C GLY H 178 -1.51 17.54 38.37
N ALA H 179 -0.60 17.50 37.40
CA ALA H 179 0.31 16.36 37.32
C ALA H 179 1.18 16.26 38.57
N LEU H 180 1.81 17.38 38.94
CA LEU H 180 2.63 17.40 40.13
C LEU H 180 1.84 17.01 41.36
N SER H 181 0.61 17.52 41.49
CA SER H 181 -0.28 17.17 42.59
C SER H 181 -0.49 15.66 42.68
N PHE H 182 -0.75 15.03 41.54
CA PHE H 182 -0.91 13.58 41.51
C PHE H 182 0.36 12.89 42.01
N ILE H 183 1.52 13.33 41.52
CA ILE H 183 2.78 12.69 41.91
C ILE H 183 2.99 12.81 43.43
N ILE H 184 2.75 14.01 43.96
CA ILE H 184 2.88 14.22 45.40
C ILE H 184 1.93 13.31 46.16
N ALA H 185 0.69 13.19 45.69
CA ALA H 185 -0.28 12.33 46.37
C ALA H 185 0.23 10.89 46.43
N GLU H 186 0.82 10.43 45.33
CA GLU H 186 1.41 9.10 45.32
C GLU H 186 2.51 8.97 46.37
N MET H 187 3.44 9.93 46.39
CA MET H 187 4.58 9.82 47.29
C MET H 187 4.12 9.82 48.74
N VAL H 188 3.22 10.73 49.10
CA VAL H 188 2.73 10.81 50.47
C VAL H 188 2.01 9.52 50.84
N GLY H 189 1.21 8.96 49.93
CA GLY H 189 0.55 7.70 50.22
C GLY H 189 1.55 6.60 50.49
N VAL H 190 2.60 6.52 49.67
CA VAL H 190 3.59 5.47 49.80
C VAL H 190 4.26 5.56 51.18
N LEU H 191 4.64 6.78 51.58
CA LEU H 191 5.33 6.90 52.86
C LEU H 191 4.38 6.70 54.03
N ALA H 192 3.10 7.06 53.87
CA ALA H 192 2.13 6.76 54.92
C ALA H 192 1.96 5.26 55.15
N VAL H 193 1.85 4.51 54.05
CA VAL H 193 1.80 3.05 54.18
C VAL H 193 3.10 2.52 54.80
N HIS H 194 4.24 3.10 54.44
CA HIS H 194 5.49 2.70 55.08
C HIS H 194 5.44 2.93 56.59
N MET H 195 4.84 4.04 57.01
CA MET H 195 4.71 4.30 58.44
C MET H 195 3.81 3.28 59.10
N PHE H 196 2.69 2.91 58.45
CA PHE H 196 1.83 1.92 59.07
C PHE H 196 2.50 0.55 59.13
N ILE H 197 3.39 0.25 58.17
CA ILE H 197 4.16 -0.98 58.23
C ILE H 197 5.11 -0.94 59.43
N ASP H 198 5.84 0.17 59.58
CA ASP H 198 6.83 0.26 60.65
C ASP H 198 6.18 0.21 62.02
N ARG H 199 5.24 1.14 62.27
CA ARG H 199 4.86 1.47 63.64
C ARG H 199 4.07 0.34 64.28
N HIS H 200 3.23 -0.33 63.49
CA HIS H 200 2.44 -1.43 64.04
C HIS H 200 3.28 -2.68 64.30
N LYS H 201 4.31 -2.91 63.47
CA LYS H 201 5.07 -4.15 63.59
C LYS H 201 5.71 -4.32 64.97
N GLN H 202 6.28 -3.26 65.52
CA GLN H 202 7.02 -3.41 66.77
C GLN H 202 6.12 -3.73 67.96
N LEU H 203 4.80 -3.55 67.85
CA LEU H 203 3.89 -3.96 68.92
C LEU H 203 3.79 -5.48 69.04
N THR H 204 4.19 -6.23 68.01
CA THR H 204 3.99 -7.67 68.00
C THR H 204 4.79 -8.38 69.10
N GLY H 205 5.78 -7.72 69.68
CA GLY H 205 6.52 -8.30 70.80
C GLY H 205 7.64 -7.41 71.30
N GLU I . -34.36 -4.21 -30.59
CA GLU I . -33.27 -3.26 -30.77
C GLU I . -33.28 -2.70 -32.18
O GLU I . -34.30 -2.21 -32.65
CB GLU I . -31.92 -3.91 -30.46
CG GLU I . -30.82 -2.93 -30.07
CD GLU I . -29.45 -3.56 -30.06
OE1 GLU I . -29.26 -4.58 -29.36
OE2 GLU I . -28.55 -3.04 -30.75
OXT GLU I . -32.27 -2.72 -32.89
N GLU J . 19.68 6.33 -41.99
CA GLU J . 19.55 7.75 -41.65
C GLU J . 20.57 8.59 -42.43
O GLU J . 21.76 8.27 -42.45
CB GLU J . 19.72 7.96 -40.15
CG GLU J . 20.94 7.27 -39.56
CD GLU J . 21.34 7.83 -38.22
OE1 GLU J . 20.46 7.98 -37.35
OE2 GLU J . 22.53 8.12 -38.04
OXT GLU J . 20.24 9.59 -43.04
N GLU K . 10.40 34.36 -26.81
CA GLU K . 10.29 32.99 -27.29
C GLU K . 9.30 32.91 -28.44
O GLU K . 8.52 31.96 -28.53
CB GLU K . 9.88 32.06 -26.16
CG GLU K . 10.78 32.14 -24.94
CD GLU K . 10.42 31.11 -23.89
OE1 GLU K . 9.24 30.73 -23.81
OE2 GLU K . 11.34 30.67 -23.15
OXT GLU K . 9.24 33.79 -29.29
N GLU L . -38.55 20.14 -14.60
CA GLU L . -39.79 19.73 -13.95
C GLU L . -41.00 20.15 -14.77
O GLU L . -40.88 20.46 -15.95
CB GLU L . -39.89 20.32 -12.54
CG GLU L . -39.07 19.57 -11.50
CD GLU L . -39.72 18.26 -11.05
OE1 GLU L . -40.62 17.75 -11.75
OE2 GLU L . -39.34 17.75 -9.97
OXT GLU L . -42.13 20.18 -14.28
#